data_5AWE
# 
_entry.id   5AWE 
# 
_audit_conform.dict_name       mmcif_pdbx.dic 
_audit_conform.dict_version    5.397 
_audit_conform.dict_location   http://mmcif.pdb.org/dictionaries/ascii/mmcif_pdbx.dic 
# 
loop_
_database_2.database_id 
_database_2.database_code 
_database_2.pdbx_database_accession 
_database_2.pdbx_DOI 
PDB   5AWE         pdb_00005awe 10.2210/pdb5awe/pdb 
WWPDB D_1300000059 ?            ?                   
# 
loop_
_pdbx_audit_revision_history.ordinal 
_pdbx_audit_revision_history.data_content_type 
_pdbx_audit_revision_history.major_revision 
_pdbx_audit_revision_history.minor_revision 
_pdbx_audit_revision_history.revision_date 
1 'Structure model' 1 0 2016-05-18 
2 'Structure model' 1 1 2016-09-28 
3 'Structure model' 1 2 2020-02-26 
4 'Structure model' 1 3 2024-10-09 
# 
_pdbx_audit_revision_details.ordinal             1 
_pdbx_audit_revision_details.revision_ordinal    1 
_pdbx_audit_revision_details.data_content_type   'Structure model' 
_pdbx_audit_revision_details.provider            repository 
_pdbx_audit_revision_details.type                'Initial release' 
_pdbx_audit_revision_details.description         ? 
_pdbx_audit_revision_details.details             ? 
# 
loop_
_pdbx_audit_revision_group.ordinal 
_pdbx_audit_revision_group.revision_ordinal 
_pdbx_audit_revision_group.data_content_type 
_pdbx_audit_revision_group.group 
1 2 'Structure model' 'Structure summary'    
2 3 'Structure model' 'Data collection'      
3 3 'Structure model' 'Derived calculations' 
4 4 'Structure model' 'Data collection'      
5 4 'Structure model' 'Database references'  
6 4 'Structure model' 'Structure summary'    
# 
loop_
_pdbx_audit_revision_category.ordinal 
_pdbx_audit_revision_category.revision_ordinal 
_pdbx_audit_revision_category.data_content_type 
_pdbx_audit_revision_category.category 
1 3 'Structure model' diffrn_source             
2 3 'Structure model' pdbx_struct_oper_list     
3 4 'Structure model' chem_comp_atom            
4 4 'Structure model' chem_comp_bond            
5 4 'Structure model' database_2                
6 4 'Structure model' pdbx_entry_details        
7 4 'Structure model' pdbx_modification_feature 
# 
loop_
_pdbx_audit_revision_item.ordinal 
_pdbx_audit_revision_item.revision_ordinal 
_pdbx_audit_revision_item.data_content_type 
_pdbx_audit_revision_item.item 
1 3 'Structure model' '_diffrn_source.pdbx_synchrotron_site'      
2 3 'Structure model' '_pdbx_struct_oper_list.symmetry_operation' 
3 4 'Structure model' '_database_2.pdbx_DOI'                      
4 4 'Structure model' '_database_2.pdbx_database_accession'       
# 
_pdbx_database_status.status_code                     REL 
_pdbx_database_status.status_code_sf                  REL 
_pdbx_database_status.status_code_mr                  ? 
_pdbx_database_status.entry_id                        5AWE 
_pdbx_database_status.recvd_initial_deposition_date   2015-07-03 
_pdbx_database_status.SG_entry                        Y 
_pdbx_database_status.deposit_site                    PDBJ 
_pdbx_database_status.process_site                    PDBJ 
_pdbx_database_status.status_code_cs                  ? 
_pdbx_database_status.methods_development_category    ? 
_pdbx_database_status.pdb_format_compatible           Y 
_pdbx_database_status.status_code_nmr_data            ? 
# 
_pdbx_database_related.db_name        PDB 
_pdbx_database_related.details        
;Crystal structure of CBS domain-containing protein in complex with AMP (NP_344512.1) from SULFOLOBUS SOLFATARICUS at 1.80 A resolution
;
_pdbx_database_related.db_id          3DDJ 
_pdbx_database_related.content_type   unspecified 
# 
loop_
_audit_author.name 
_audit_author.pdbx_ordinal 
'Nakabayashi, M.' 1 
'Shibata, N.'     2 
'Kanagawa, M.'    3 
'Nakagawa, N.'    4 
'Kuramitsu, S.'   5 
'Higuchi, Y.'     6 
# 
_citation.abstract                  ? 
_citation.abstract_id_CAS           ? 
_citation.book_id_ISBN              ? 
_citation.book_publisher            ? 
_citation.book_publisher_city       ? 
_citation.book_title                ? 
_citation.coordinate_linkage        ? 
_citation.country                   DE 
_citation.database_id_Medline       ? 
_citation.details                   ? 
_citation.id                        primary 
_citation.journal_abbrev            Extremophiles 
_citation.journal_id_ASTM           ? 
_citation.journal_id_CSD            ? 
_citation.journal_id_ISSN           1433-4909 
_citation.journal_full              ? 
_citation.journal_issue             ? 
_citation.journal_volume            20 
_citation.language                  ? 
_citation.page_first                275 
_citation.page_last                 282 
_citation.title                     
;Crystal structure of a hypothetical protein, TTHA0829 from Thermus thermophilus HB8, composed of cystathionine-beta-synthase (CBS) and aspartate-kinase chorismate-mutase tyrA (ACT) domains.
;
_citation.year                      2016 
_citation.database_id_CSD           ? 
_citation.pdbx_database_id_DOI      10.1007/s00792-016-0817-y 
_citation.pdbx_database_id_PubMed   26936147 
_citation.unpublished_flag          ? 
# 
loop_
_citation_author.citation_id 
_citation_author.name 
_citation_author.ordinal 
_citation_author.identifier_ORCID 
primary 'Nakabayashi, M.'  1  ? 
primary 'Shibata, N.'      2  ? 
primary 'Ishido-Nakai, E.' 3  ? 
primary 'Kanagawa, M.'     4  ? 
primary 'Iio, Y.'          5  ? 
primary 'Komori, H.'       6  ? 
primary 'Ueda, Y.'         7  ? 
primary 'Nakagawa, N.'     8  ? 
primary 'Kuramitsu, S.'    9  ? 
primary 'Higuchi, Y.'      10 ? 
# 
loop_
_entity.id 
_entity.type 
_entity.src_method 
_entity.pdbx_description 
_entity.formula_weight 
_entity.pdbx_number_of_molecules 
_entity.pdbx_ec 
_entity.pdbx_mutation 
_entity.pdbx_fragment 
_entity.details 
1 polymer man 'Putative acetoin utilization protein, acetoin dehydrogenase' 23251.953 1  ? ? ? ? 
2 water   nat water                                                         18.015    53 ? ? ? ? 
# 
_entity_poly.entity_id                      1 
_entity_poly.type                           'polypeptide(L)' 
_entity_poly.nstd_linkage                   no 
_entity_poly.nstd_monomer                   yes 
_entity_poly.pdbx_seq_one_letter_code       
;(MSE)LVRDW(MSE)TKDPVVVAPDTPVLEAIRLLKEKGFRRLPV(MSE)EGGRLVGLVTDKDLKDA(MSE)PSKATTLS
VWE(MSE)NYLLAKLTVREV(MSE)ARPVVTVEADAPLEKAALL(MSE)EERKIGGLPV(MSE)EGERLVGIITVTDVLR
AFIEVLGLKLGGLRITVDIPDVPGALAQ(MSE)AQAVPPANIVSIATAAHLPGYQRLV(MSE)RVVGEDVEGVPKRLEAA
GERVVDVRPG
;
_entity_poly.pdbx_seq_one_letter_code_can   
;MLVRDWMTKDPVVVAPDTPVLEAIRLLKEKGFRRLPVMEGGRLVGLVTDKDLKDAMPSKATTLSVWEMNYLLAKLTVREV
MARPVVTVEADAPLEKAALLMEERKIGGLPVMEGERLVGIITVTDVLRAFIEVLGLKLGGLRITVDIPDVPGALAQMAQA
VPPANIVSIATAAHLPGYQRLVMRVVGEDVEGVPKRLEAAGERVVDVRPG
;
_entity_poly.pdbx_strand_id                 A 
_entity_poly.pdbx_target_identifier         ? 
# 
_pdbx_entity_nonpoly.entity_id   2 
_pdbx_entity_nonpoly.name        water 
_pdbx_entity_nonpoly.comp_id     HOH 
# 
loop_
_entity_poly_seq.entity_id 
_entity_poly_seq.num 
_entity_poly_seq.mon_id 
_entity_poly_seq.hetero 
1 1   MSE n 
1 2   LEU n 
1 3   VAL n 
1 4   ARG n 
1 5   ASP n 
1 6   TRP n 
1 7   MSE n 
1 8   THR n 
1 9   LYS n 
1 10  ASP n 
1 11  PRO n 
1 12  VAL n 
1 13  VAL n 
1 14  VAL n 
1 15  ALA n 
1 16  PRO n 
1 17  ASP n 
1 18  THR n 
1 19  PRO n 
1 20  VAL n 
1 21  LEU n 
1 22  GLU n 
1 23  ALA n 
1 24  ILE n 
1 25  ARG n 
1 26  LEU n 
1 27  LEU n 
1 28  LYS n 
1 29  GLU n 
1 30  LYS n 
1 31  GLY n 
1 32  PHE n 
1 33  ARG n 
1 34  ARG n 
1 35  LEU n 
1 36  PRO n 
1 37  VAL n 
1 38  MSE n 
1 39  GLU n 
1 40  GLY n 
1 41  GLY n 
1 42  ARG n 
1 43  LEU n 
1 44  VAL n 
1 45  GLY n 
1 46  LEU n 
1 47  VAL n 
1 48  THR n 
1 49  ASP n 
1 50  LYS n 
1 51  ASP n 
1 52  LEU n 
1 53  LYS n 
1 54  ASP n 
1 55  ALA n 
1 56  MSE n 
1 57  PRO n 
1 58  SER n 
1 59  LYS n 
1 60  ALA n 
1 61  THR n 
1 62  THR n 
1 63  LEU n 
1 64  SER n 
1 65  VAL n 
1 66  TRP n 
1 67  GLU n 
1 68  MSE n 
1 69  ASN n 
1 70  TYR n 
1 71  LEU n 
1 72  LEU n 
1 73  ALA n 
1 74  LYS n 
1 75  LEU n 
1 76  THR n 
1 77  VAL n 
1 78  ARG n 
1 79  GLU n 
1 80  VAL n 
1 81  MSE n 
1 82  ALA n 
1 83  ARG n 
1 84  PRO n 
1 85  VAL n 
1 86  VAL n 
1 87  THR n 
1 88  VAL n 
1 89  GLU n 
1 90  ALA n 
1 91  ASP n 
1 92  ALA n 
1 93  PRO n 
1 94  LEU n 
1 95  GLU n 
1 96  LYS n 
1 97  ALA n 
1 98  ALA n 
1 99  LEU n 
1 100 LEU n 
1 101 MSE n 
1 102 GLU n 
1 103 GLU n 
1 104 ARG n 
1 105 LYS n 
1 106 ILE n 
1 107 GLY n 
1 108 GLY n 
1 109 LEU n 
1 110 PRO n 
1 111 VAL n 
1 112 MSE n 
1 113 GLU n 
1 114 GLY n 
1 115 GLU n 
1 116 ARG n 
1 117 LEU n 
1 118 VAL n 
1 119 GLY n 
1 120 ILE n 
1 121 ILE n 
1 122 THR n 
1 123 VAL n 
1 124 THR n 
1 125 ASP n 
1 126 VAL n 
1 127 LEU n 
1 128 ARG n 
1 129 ALA n 
1 130 PHE n 
1 131 ILE n 
1 132 GLU n 
1 133 VAL n 
1 134 LEU n 
1 135 GLY n 
1 136 LEU n 
1 137 LYS n 
1 138 LEU n 
1 139 GLY n 
1 140 GLY n 
1 141 LEU n 
1 142 ARG n 
1 143 ILE n 
1 144 THR n 
1 145 VAL n 
1 146 ASP n 
1 147 ILE n 
1 148 PRO n 
1 149 ASP n 
1 150 VAL n 
1 151 PRO n 
1 152 GLY n 
1 153 ALA n 
1 154 LEU n 
1 155 ALA n 
1 156 GLN n 
1 157 MSE n 
1 158 ALA n 
1 159 GLN n 
1 160 ALA n 
1 161 VAL n 
1 162 PRO n 
1 163 PRO n 
1 164 ALA n 
1 165 ASN n 
1 166 ILE n 
1 167 VAL n 
1 168 SER n 
1 169 ILE n 
1 170 ALA n 
1 171 THR n 
1 172 ALA n 
1 173 ALA n 
1 174 HIS n 
1 175 LEU n 
1 176 PRO n 
1 177 GLY n 
1 178 TYR n 
1 179 GLN n 
1 180 ARG n 
1 181 LEU n 
1 182 VAL n 
1 183 MSE n 
1 184 ARG n 
1 185 VAL n 
1 186 VAL n 
1 187 GLY n 
1 188 GLU n 
1 189 ASP n 
1 190 VAL n 
1 191 GLU n 
1 192 GLY n 
1 193 VAL n 
1 194 PRO n 
1 195 LYS n 
1 196 ARG n 
1 197 LEU n 
1 198 GLU n 
1 199 ALA n 
1 200 ALA n 
1 201 GLY n 
1 202 GLU n 
1 203 ARG n 
1 204 VAL n 
1 205 VAL n 
1 206 ASP n 
1 207 VAL n 
1 208 ARG n 
1 209 PRO n 
1 210 GLY n 
# 
_entity_src_gen.entity_id                          1 
_entity_src_gen.pdbx_src_id                        1 
_entity_src_gen.pdbx_alt_source_flag               sample 
_entity_src_gen.pdbx_seq_type                      'Biological sequence' 
_entity_src_gen.pdbx_beg_seq_num                   1 
_entity_src_gen.pdbx_end_seq_num                   210 
_entity_src_gen.gene_src_common_name               ? 
_entity_src_gen.gene_src_genus                     ? 
_entity_src_gen.pdbx_gene_src_gene                 TTHA0829 
_entity_src_gen.gene_src_species                   ? 
_entity_src_gen.gene_src_strain                    'HB8 / ATCC 27634 / DSM 579' 
_entity_src_gen.gene_src_tissue                    ? 
_entity_src_gen.gene_src_tissue_fraction           ? 
_entity_src_gen.gene_src_details                   ? 
_entity_src_gen.pdbx_gene_src_fragment             ? 
_entity_src_gen.pdbx_gene_src_scientific_name      'Thermus thermophilus' 
_entity_src_gen.pdbx_gene_src_ncbi_taxonomy_id     300852 
_entity_src_gen.pdbx_gene_src_variant              ? 
_entity_src_gen.pdbx_gene_src_cell_line            ? 
_entity_src_gen.pdbx_gene_src_atcc                 ? 
_entity_src_gen.pdbx_gene_src_organ                ? 
_entity_src_gen.pdbx_gene_src_organelle            ? 
_entity_src_gen.pdbx_gene_src_cell                 ? 
_entity_src_gen.pdbx_gene_src_cellular_location    ? 
_entity_src_gen.host_org_common_name               ? 
_entity_src_gen.pdbx_host_org_scientific_name      'Escherichia coli ' 
_entity_src_gen.pdbx_host_org_ncbi_taxonomy_id     562 
_entity_src_gen.host_org_genus                     ? 
_entity_src_gen.pdbx_host_org_gene                 ? 
_entity_src_gen.pdbx_host_org_organ                ? 
_entity_src_gen.host_org_species                   ? 
_entity_src_gen.pdbx_host_org_tissue               ? 
_entity_src_gen.pdbx_host_org_tissue_fraction      ? 
_entity_src_gen.pdbx_host_org_strain               'B834 (DE3)' 
_entity_src_gen.pdbx_host_org_variant              ? 
_entity_src_gen.pdbx_host_org_cell_line            ? 
_entity_src_gen.pdbx_host_org_atcc                 ? 
_entity_src_gen.pdbx_host_org_culture_collection   ? 
_entity_src_gen.pdbx_host_org_cell                 ? 
_entity_src_gen.pdbx_host_org_organelle            ? 
_entity_src_gen.pdbx_host_org_cellular_location    ? 
_entity_src_gen.pdbx_host_org_vector_type          PLASMID 
_entity_src_gen.pdbx_host_org_vector               ? 
_entity_src_gen.host_org_details                   ? 
_entity_src_gen.expression_system_id               ? 
_entity_src_gen.plasmid_name                       pET11a 
_entity_src_gen.plasmid_details                    ? 
_entity_src_gen.pdbx_description                   ? 
# 
loop_
_chem_comp.id 
_chem_comp.type 
_chem_comp.mon_nstd_flag 
_chem_comp.name 
_chem_comp.pdbx_synonyms 
_chem_comp.formula 
_chem_comp.formula_weight 
ALA 'L-peptide linking' y ALANINE          ? 'C3 H7 N O2'     89.093  
ARG 'L-peptide linking' y ARGININE         ? 'C6 H15 N4 O2 1' 175.209 
ASN 'L-peptide linking' y ASPARAGINE       ? 'C4 H8 N2 O3'    132.118 
ASP 'L-peptide linking' y 'ASPARTIC ACID'  ? 'C4 H7 N O4'     133.103 
GLN 'L-peptide linking' y GLUTAMINE        ? 'C5 H10 N2 O3'   146.144 
GLU 'L-peptide linking' y 'GLUTAMIC ACID'  ? 'C5 H9 N O4'     147.129 
GLY 'peptide linking'   y GLYCINE          ? 'C2 H5 N O2'     75.067  
HIS 'L-peptide linking' y HISTIDINE        ? 'C6 H10 N3 O2 1' 156.162 
HOH non-polymer         . WATER            ? 'H2 O'           18.015  
ILE 'L-peptide linking' y ISOLEUCINE       ? 'C6 H13 N O2'    131.173 
LEU 'L-peptide linking' y LEUCINE          ? 'C6 H13 N O2'    131.173 
LYS 'L-peptide linking' y LYSINE           ? 'C6 H15 N2 O2 1' 147.195 
MSE 'L-peptide linking' n SELENOMETHIONINE ? 'C5 H11 N O2 Se' 196.106 
PHE 'L-peptide linking' y PHENYLALANINE    ? 'C9 H11 N O2'    165.189 
PRO 'L-peptide linking' y PROLINE          ? 'C5 H9 N O2'     115.130 
SER 'L-peptide linking' y SERINE           ? 'C3 H7 N O3'     105.093 
THR 'L-peptide linking' y THREONINE        ? 'C4 H9 N O3'     119.119 
TRP 'L-peptide linking' y TRYPTOPHAN       ? 'C11 H12 N2 O2'  204.225 
TYR 'L-peptide linking' y TYROSINE         ? 'C9 H11 N O3'    181.189 
VAL 'L-peptide linking' y VALINE           ? 'C5 H11 N O2'    117.146 
# 
loop_
_pdbx_poly_seq_scheme.asym_id 
_pdbx_poly_seq_scheme.entity_id 
_pdbx_poly_seq_scheme.seq_id 
_pdbx_poly_seq_scheme.mon_id 
_pdbx_poly_seq_scheme.ndb_seq_num 
_pdbx_poly_seq_scheme.pdb_seq_num 
_pdbx_poly_seq_scheme.auth_seq_num 
_pdbx_poly_seq_scheme.pdb_mon_id 
_pdbx_poly_seq_scheme.auth_mon_id 
_pdbx_poly_seq_scheme.pdb_strand_id 
_pdbx_poly_seq_scheme.pdb_ins_code 
_pdbx_poly_seq_scheme.hetero 
A 1 1   MSE 1   1   1   MSE MSE A . n 
A 1 2   LEU 2   2   2   LEU LEU A . n 
A 1 3   VAL 3   3   3   VAL VAL A . n 
A 1 4   ARG 4   4   4   ARG ARG A . n 
A 1 5   ASP 5   5   5   ASP ASP A . n 
A 1 6   TRP 6   6   6   TRP TRP A . n 
A 1 7   MSE 7   7   7   MSE MSE A . n 
A 1 8   THR 8   8   8   THR THR A . n 
A 1 9   LYS 9   9   9   LYS LYS A . n 
A 1 10  ASP 10  10  10  ASP ASP A . n 
A 1 11  PRO 11  11  11  PRO PRO A . n 
A 1 12  VAL 12  12  12  VAL VAL A . n 
A 1 13  VAL 13  13  13  VAL VAL A . n 
A 1 14  VAL 14  14  14  VAL VAL A . n 
A 1 15  ALA 15  15  15  ALA ALA A . n 
A 1 16  PRO 16  16  16  PRO PRO A . n 
A 1 17  ASP 17  17  17  ASP ASP A . n 
A 1 18  THR 18  18  18  THR THR A . n 
A 1 19  PRO 19  19  19  PRO PRO A . n 
A 1 20  VAL 20  20  20  VAL VAL A . n 
A 1 21  LEU 21  21  21  LEU LEU A . n 
A 1 22  GLU 22  22  22  GLU GLU A . n 
A 1 23  ALA 23  23  23  ALA ALA A . n 
A 1 24  ILE 24  24  24  ILE ILE A . n 
A 1 25  ARG 25  25  25  ARG ARG A . n 
A 1 26  LEU 26  26  26  LEU LEU A . n 
A 1 27  LEU 27  27  27  LEU LEU A . n 
A 1 28  LYS 28  28  28  LYS LYS A . n 
A 1 29  GLU 29  29  29  GLU GLU A . n 
A 1 30  LYS 30  30  30  LYS LYS A . n 
A 1 31  GLY 31  31  31  GLY GLY A . n 
A 1 32  PHE 32  32  32  PHE PHE A . n 
A 1 33  ARG 33  33  33  ARG ARG A . n 
A 1 34  ARG 34  34  34  ARG ARG A . n 
A 1 35  LEU 35  35  35  LEU LEU A . n 
A 1 36  PRO 36  36  36  PRO PRO A . n 
A 1 37  VAL 37  37  37  VAL VAL A . n 
A 1 38  MSE 38  38  38  MSE MSE A . n 
A 1 39  GLU 39  39  39  GLU GLU A . n 
A 1 40  GLY 40  40  40  GLY GLY A . n 
A 1 41  GLY 41  41  41  GLY GLY A . n 
A 1 42  ARG 42  42  42  ARG ARG A . n 
A 1 43  LEU 43  43  43  LEU LEU A . n 
A 1 44  VAL 44  44  44  VAL VAL A . n 
A 1 45  GLY 45  45  45  GLY GLY A . n 
A 1 46  LEU 46  46  46  LEU LEU A . n 
A 1 47  VAL 47  47  47  VAL VAL A . n 
A 1 48  THR 48  48  48  THR THR A . n 
A 1 49  ASP 49  49  49  ASP ASP A . n 
A 1 50  LYS 50  50  50  LYS LYS A . n 
A 1 51  ASP 51  51  51  ASP ASP A . n 
A 1 52  LEU 52  52  52  LEU LEU A . n 
A 1 53  LYS 53  53  53  LYS LYS A . n 
A 1 54  ASP 54  54  54  ASP ASP A . n 
A 1 55  ALA 55  55  55  ALA ALA A . n 
A 1 56  MSE 56  56  56  MSE MSE A . n 
A 1 57  PRO 57  57  57  PRO PRO A . n 
A 1 58  SER 58  58  ?   ?   ?   A . n 
A 1 59  LYS 59  59  ?   ?   ?   A . n 
A 1 60  ALA 60  60  ?   ?   ?   A . n 
A 1 61  THR 61  61  ?   ?   ?   A . n 
A 1 62  THR 62  62  ?   ?   ?   A . n 
A 1 63  LEU 63  63  63  LEU LEU A . n 
A 1 64  SER 64  64  64  SER SER A . n 
A 1 65  VAL 65  65  65  VAL VAL A . n 
A 1 66  TRP 66  66  66  TRP TRP A . n 
A 1 67  GLU 67  67  67  GLU GLU A . n 
A 1 68  MSE 68  68  68  MSE MSE A . n 
A 1 69  ASN 69  69  69  ASN ASN A . n 
A 1 70  TYR 70  70  70  TYR TYR A . n 
A 1 71  LEU 71  71  71  LEU LEU A . n 
A 1 72  LEU 72  72  72  LEU LEU A . n 
A 1 73  ALA 73  73  73  ALA ALA A . n 
A 1 74  LYS 74  74  74  LYS LYS A . n 
A 1 75  LEU 75  75  75  LEU LEU A . n 
A 1 76  THR 76  76  76  THR THR A . n 
A 1 77  VAL 77  77  77  VAL VAL A . n 
A 1 78  ARG 78  78  78  ARG ARG A . n 
A 1 79  GLU 79  79  79  GLU GLU A . n 
A 1 80  VAL 80  80  80  VAL VAL A . n 
A 1 81  MSE 81  81  81  MSE MSE A . n 
A 1 82  ALA 82  82  82  ALA ALA A . n 
A 1 83  ARG 83  83  83  ARG ARG A . n 
A 1 84  PRO 84  84  84  PRO PRO A . n 
A 1 85  VAL 85  85  85  VAL VAL A . n 
A 1 86  VAL 86  86  86  VAL VAL A . n 
A 1 87  THR 87  87  87  THR THR A . n 
A 1 88  VAL 88  88  88  VAL VAL A . n 
A 1 89  GLU 89  89  89  GLU GLU A . n 
A 1 90  ALA 90  90  90  ALA ALA A . n 
A 1 91  ASP 91  91  91  ASP ASP A . n 
A 1 92  ALA 92  92  92  ALA ALA A . n 
A 1 93  PRO 93  93  93  PRO PRO A . n 
A 1 94  LEU 94  94  94  LEU LEU A . n 
A 1 95  GLU 95  95  95  GLU GLU A . n 
A 1 96  LYS 96  96  96  LYS LYS A . n 
A 1 97  ALA 97  97  97  ALA ALA A . n 
A 1 98  ALA 98  98  98  ALA ALA A . n 
A 1 99  LEU 99  99  99  LEU LEU A . n 
A 1 100 LEU 100 100 100 LEU LEU A . n 
A 1 101 MSE 101 101 101 MSE MSE A . n 
A 1 102 GLU 102 102 102 GLU GLU A . n 
A 1 103 GLU 103 103 103 GLU GLU A . n 
A 1 104 ARG 104 104 104 ARG ARG A . n 
A 1 105 LYS 105 105 105 LYS LYS A . n 
A 1 106 ILE 106 106 106 ILE ILE A . n 
A 1 107 GLY 107 107 107 GLY GLY A . n 
A 1 108 GLY 108 108 108 GLY GLY A . n 
A 1 109 LEU 109 109 109 LEU LEU A . n 
A 1 110 PRO 110 110 110 PRO PRO A . n 
A 1 111 VAL 111 111 111 VAL VAL A . n 
A 1 112 MSE 112 112 112 MSE MSE A . n 
A 1 113 GLU 113 113 113 GLU GLU A . n 
A 1 114 GLY 114 114 114 GLY GLY A . n 
A 1 115 GLU 115 115 115 GLU GLU A . n 
A 1 116 ARG 116 116 116 ARG ARG A . n 
A 1 117 LEU 117 117 117 LEU LEU A . n 
A 1 118 VAL 118 118 118 VAL VAL A . n 
A 1 119 GLY 119 119 119 GLY GLY A . n 
A 1 120 ILE 120 120 120 ILE ILE A . n 
A 1 121 ILE 121 121 121 ILE ILE A . n 
A 1 122 THR 122 122 122 THR THR A . n 
A 1 123 VAL 123 123 123 VAL VAL A . n 
A 1 124 THR 124 124 124 THR THR A . n 
A 1 125 ASP 125 125 125 ASP ASP A . n 
A 1 126 VAL 126 126 126 VAL VAL A . n 
A 1 127 LEU 127 127 127 LEU LEU A . n 
A 1 128 ARG 128 128 128 ARG ARG A . n 
A 1 129 ALA 129 129 129 ALA ALA A . n 
A 1 130 PHE 130 130 130 PHE PHE A . n 
A 1 131 ILE 131 131 131 ILE ILE A . n 
A 1 132 GLU 132 132 132 GLU GLU A . n 
A 1 133 VAL 133 133 133 VAL VAL A . n 
A 1 134 LEU 134 134 134 LEU LEU A . n 
A 1 135 GLY 135 135 135 GLY GLY A . n 
A 1 136 LEU 136 136 136 LEU LEU A . n 
A 1 137 LYS 137 137 137 LYS LYS A . n 
A 1 138 LEU 138 138 138 LEU LEU A . n 
A 1 139 GLY 139 139 139 GLY GLY A . n 
A 1 140 GLY 140 140 140 GLY GLY A . n 
A 1 141 LEU 141 141 141 LEU LEU A . n 
A 1 142 ARG 142 142 142 ARG ARG A . n 
A 1 143 ILE 143 143 143 ILE ILE A . n 
A 1 144 THR 144 144 144 THR THR A . n 
A 1 145 VAL 145 145 145 VAL VAL A . n 
A 1 146 ASP 146 146 146 ASP ASP A . n 
A 1 147 ILE 147 147 147 ILE ILE A . n 
A 1 148 PRO 148 148 148 PRO PRO A . n 
A 1 149 ASP 149 149 149 ASP ASP A . n 
A 1 150 VAL 150 150 150 VAL VAL A . n 
A 1 151 PRO 151 151 151 PRO PRO A . n 
A 1 152 GLY 152 152 152 GLY GLY A . n 
A 1 153 ALA 153 153 153 ALA ALA A . n 
A 1 154 LEU 154 154 154 LEU LEU A . n 
A 1 155 ALA 155 155 155 ALA ALA A . n 
A 1 156 GLN 156 156 156 GLN GLN A . n 
A 1 157 MSE 157 157 157 MSE MSE A . n 
A 1 158 ALA 158 158 158 ALA ALA A . n 
A 1 159 GLN 159 159 159 GLN GLN A . n 
A 1 160 ALA 160 160 160 ALA ALA A . n 
A 1 161 VAL 161 161 161 VAL VAL A . n 
A 1 162 PRO 162 162 162 PRO PRO A . n 
A 1 163 PRO 163 163 163 PRO PRO A . n 
A 1 164 ALA 164 164 164 ALA ALA A . n 
A 1 165 ASN 165 165 165 ASN ASN A . n 
A 1 166 ILE 166 166 166 ILE ILE A . n 
A 1 167 VAL 167 167 167 VAL VAL A . n 
A 1 168 SER 168 168 168 SER SER A . n 
A 1 169 ILE 169 169 169 ILE ILE A . n 
A 1 170 ALA 170 170 170 ALA ALA A . n 
A 1 171 THR 171 171 171 THR THR A . n 
A 1 172 ALA 172 172 172 ALA ALA A . n 
A 1 173 ALA 173 173 173 ALA ALA A . n 
A 1 174 HIS 174 174 174 HIS HIS A . n 
A 1 175 LEU 175 175 175 LEU LEU A . n 
A 1 176 PRO 176 176 176 PRO PRO A . n 
A 1 177 GLY 177 177 177 GLY GLY A . n 
A 1 178 TYR 178 178 178 TYR TYR A . n 
A 1 179 GLN 179 179 179 GLN GLN A . n 
A 1 180 ARG 180 180 180 ARG ARG A . n 
A 1 181 LEU 181 181 181 LEU LEU A . n 
A 1 182 VAL 182 182 182 VAL VAL A . n 
A 1 183 MSE 183 183 183 MSE MSE A . n 
A 1 184 ARG 184 184 184 ARG ARG A . n 
A 1 185 VAL 185 185 185 VAL VAL A . n 
A 1 186 VAL 186 186 186 VAL VAL A . n 
A 1 187 GLY 187 187 187 GLY GLY A . n 
A 1 188 GLU 188 188 188 GLU GLU A . n 
A 1 189 ASP 189 189 189 ASP ASP A . n 
A 1 190 VAL 190 190 190 VAL VAL A . n 
A 1 191 GLU 191 191 191 GLU GLU A . n 
A 1 192 GLY 192 192 192 GLY GLY A . n 
A 1 193 VAL 193 193 193 VAL VAL A . n 
A 1 194 PRO 194 194 194 PRO PRO A . n 
A 1 195 LYS 195 195 195 LYS LYS A . n 
A 1 196 ARG 196 196 196 ARG ARG A . n 
A 1 197 LEU 197 197 197 LEU LEU A . n 
A 1 198 GLU 198 198 198 GLU GLU A . n 
A 1 199 ALA 199 199 199 ALA ALA A . n 
A 1 200 ALA 200 200 200 ALA ALA A . n 
A 1 201 GLY 201 201 201 GLY GLY A . n 
A 1 202 GLU 202 202 202 GLU GLU A . n 
A 1 203 ARG 203 203 203 ARG ARG A . n 
A 1 204 VAL 204 204 204 VAL VAL A . n 
A 1 205 VAL 205 205 205 VAL VAL A . n 
A 1 206 ASP 206 206 206 ASP ASP A . n 
A 1 207 VAL 207 207 207 VAL VAL A . n 
A 1 208 ARG 208 208 208 ARG ARG A . n 
A 1 209 PRO 209 209 209 PRO PRO A . n 
A 1 210 GLY 210 210 210 GLY GLY A . n 
# 
loop_
_pdbx_nonpoly_scheme.asym_id 
_pdbx_nonpoly_scheme.entity_id 
_pdbx_nonpoly_scheme.mon_id 
_pdbx_nonpoly_scheme.ndb_seq_num 
_pdbx_nonpoly_scheme.pdb_seq_num 
_pdbx_nonpoly_scheme.auth_seq_num 
_pdbx_nonpoly_scheme.pdb_mon_id 
_pdbx_nonpoly_scheme.auth_mon_id 
_pdbx_nonpoly_scheme.pdb_strand_id 
_pdbx_nonpoly_scheme.pdb_ins_code 
B 2 HOH 1  301 19 HOH HOH A . 
B 2 HOH 2  302 33 HOH HOH A . 
B 2 HOH 3  303 1  HOH HOH A . 
B 2 HOH 4  304 52 HOH HOH A . 
B 2 HOH 5  305 53 HOH HOH A . 
B 2 HOH 6  306 26 HOH HOH A . 
B 2 HOH 7  307 3  HOH HOH A . 
B 2 HOH 8  308 13 HOH HOH A . 
B 2 HOH 9  309 10 HOH HOH A . 
B 2 HOH 10 310 48 HOH HOH A . 
B 2 HOH 11 311 51 HOH HOH A . 
B 2 HOH 12 312 6  HOH HOH A . 
B 2 HOH 13 313 2  HOH HOH A . 
B 2 HOH 14 314 14 HOH HOH A . 
B 2 HOH 15 315 41 HOH HOH A . 
B 2 HOH 16 316 15 HOH HOH A . 
B 2 HOH 17 317 8  HOH HOH A . 
B 2 HOH 18 318 9  HOH HOH A . 
B 2 HOH 19 319 12 HOH HOH A . 
B 2 HOH 20 320 11 HOH HOH A . 
B 2 HOH 21 321 37 HOH HOH A . 
B 2 HOH 22 322 49 HOH HOH A . 
B 2 HOH 23 323 7  HOH HOH A . 
B 2 HOH 24 324 50 HOH HOH A . 
B 2 HOH 25 325 47 HOH HOH A . 
B 2 HOH 26 326 4  HOH HOH A . 
B 2 HOH 27 327 43 HOH HOH A . 
B 2 HOH 28 328 17 HOH HOH A . 
B 2 HOH 29 329 27 HOH HOH A . 
B 2 HOH 30 330 23 HOH HOH A . 
B 2 HOH 31 331 42 HOH HOH A . 
B 2 HOH 32 332 30 HOH HOH A . 
B 2 HOH 33 333 25 HOH HOH A . 
B 2 HOH 34 334 22 HOH HOH A . 
B 2 HOH 35 335 5  HOH HOH A . 
B 2 HOH 36 336 35 HOH HOH A . 
B 2 HOH 37 337 21 HOH HOH A . 
B 2 HOH 38 338 45 HOH HOH A . 
B 2 HOH 39 339 31 HOH HOH A . 
B 2 HOH 40 340 46 HOH HOH A . 
B 2 HOH 41 341 38 HOH HOH A . 
B 2 HOH 42 342 34 HOH HOH A . 
B 2 HOH 43 343 39 HOH HOH A . 
B 2 HOH 44 344 28 HOH HOH A . 
B 2 HOH 45 345 32 HOH HOH A . 
B 2 HOH 46 346 44 HOH HOH A . 
B 2 HOH 47 347 40 HOH HOH A . 
B 2 HOH 48 348 16 HOH HOH A . 
B 2 HOH 49 349 18 HOH HOH A . 
B 2 HOH 50 350 36 HOH HOH A . 
B 2 HOH 51 351 20 HOH HOH A . 
B 2 HOH 52 352 29 HOH HOH A . 
B 2 HOH 53 353 24 HOH HOH A . 
# 
loop_
_software.citation_id 
_software.classification 
_software.compiler_name 
_software.compiler_version 
_software.contact_author 
_software.contact_author_email 
_software.date 
_software.description 
_software.dependencies 
_software.hardware 
_software.language 
_software.location 
_software.mods 
_software.name 
_software.os 
_software.os_version 
_software.type 
_software.version 
_software.pdbx_ordinal 
? refinement        ? ? ? ? ? ? ? ? ? ? ? CNS      ? ? ? 1.3 1 
? 'data processing' ? ? ? ? ? ? ? ? ? ? ? HKL-2000 ? ? ? .   2 
? 'data scaling'    ? ? ? ? ? ? ? ? ? ? ? HKL-2000 ? ? ? .   3 
? phasing           ? ? ? ? ? ? ? ? ? ? ? SnB      ? ? ? .   4 
# 
_cell.angle_alpha                  90.00 
_cell.angle_alpha_esd              ? 
_cell.angle_beta                   90.00 
_cell.angle_beta_esd               ? 
_cell.angle_gamma                  120.00 
_cell.angle_gamma_esd              ? 
_cell.entry_id                     5AWE 
_cell.details                      ? 
_cell.formula_units_Z              ? 
_cell.length_a                     90.800 
_cell.length_a_esd                 ? 
_cell.length_b                     90.800 
_cell.length_b_esd                 ? 
_cell.length_c                     89.750 
_cell.length_c_esd                 ? 
_cell.volume                       ? 
_cell.volume_esd                   ? 
_cell.Z_PDB                        12 
_cell.reciprocal_angle_alpha       ? 
_cell.reciprocal_angle_beta        ? 
_cell.reciprocal_angle_gamma       ? 
_cell.reciprocal_angle_alpha_esd   ? 
_cell.reciprocal_angle_beta_esd    ? 
_cell.reciprocal_angle_gamma_esd   ? 
_cell.reciprocal_length_a          ? 
_cell.reciprocal_length_b          ? 
_cell.reciprocal_length_c          ? 
_cell.reciprocal_length_a_esd      ? 
_cell.reciprocal_length_b_esd      ? 
_cell.reciprocal_length_c_esd      ? 
_cell.pdbx_unique_axis             ? 
# 
_symmetry.entry_id                         5AWE 
_symmetry.cell_setting                     ? 
_symmetry.Int_Tables_number                180 
_symmetry.space_group_name_Hall            ? 
_symmetry.space_group_name_H-M             'P 62 2 2' 
_symmetry.pdbx_full_space_group_name_H-M   ? 
# 
_exptl.absorpt_coefficient_mu     ? 
_exptl.absorpt_correction_T_max   ? 
_exptl.absorpt_correction_T_min   ? 
_exptl.absorpt_correction_type    ? 
_exptl.absorpt_process_details    ? 
_exptl.entry_id                   5AWE 
_exptl.crystals_number            ? 
_exptl.details                    ? 
_exptl.method                     'X-RAY DIFFRACTION' 
_exptl.method_details             ? 
# 
_exptl_crystal.colour                      ? 
_exptl_crystal.density_diffrn              ? 
_exptl_crystal.density_Matthews            2.3 
_exptl_crystal.density_method              ? 
_exptl_crystal.density_percent_sol         46.44 
_exptl_crystal.description                 'THE FILE CONTAINS FRIEDEL PAIRS.' 
_exptl_crystal.F_000                       ? 
_exptl_crystal.id                          1 
_exptl_crystal.preparation                 ? 
_exptl_crystal.size_max                    ? 
_exptl_crystal.size_mid                    ? 
_exptl_crystal.size_min                    ? 
_exptl_crystal.size_rad                    ? 
_exptl_crystal.colour_lustre               ? 
_exptl_crystal.colour_modifier             ? 
_exptl_crystal.colour_primary              ? 
_exptl_crystal.density_meas                ? 
_exptl_crystal.density_meas_esd            ? 
_exptl_crystal.density_meas_gt             ? 
_exptl_crystal.density_meas_lt             ? 
_exptl_crystal.density_meas_temp           ? 
_exptl_crystal.density_meas_temp_esd       ? 
_exptl_crystal.density_meas_temp_gt        ? 
_exptl_crystal.density_meas_temp_lt        ? 
_exptl_crystal.pdbx_crystal_image_url      ? 
_exptl_crystal.pdbx_crystal_image_format   ? 
_exptl_crystal.pdbx_mosaicity              ? 
_exptl_crystal.pdbx_mosaicity_esd          ? 
# 
_exptl_crystal_grow.apparatus       ? 
_exptl_crystal_grow.atmosphere      ? 
_exptl_crystal_grow.crystal_id      1 
_exptl_crystal_grow.details         ? 
_exptl_crystal_grow.method          'VAPOR DIFFUSION, SITTING DROP' 
_exptl_crystal_grow.method_ref      ? 
_exptl_crystal_grow.pH              7.5 
_exptl_crystal_grow.pressure        ? 
_exptl_crystal_grow.pressure_esd    ? 
_exptl_crystal_grow.seeding         ? 
_exptl_crystal_grow.seeding_ref     ? 
_exptl_crystal_grow.temp            293 
_exptl_crystal_grow.temp_details    ? 
_exptl_crystal_grow.temp_esd        ? 
_exptl_crystal_grow.time            ? 
_exptl_crystal_grow.pdbx_details    'HEPES, magnesium chloride, PEG 400' 
_exptl_crystal_grow.pdbx_pH_range   ? 
# 
_diffrn.ambient_environment    ? 
_diffrn.ambient_temp           100 
_diffrn.ambient_temp_details   ? 
_diffrn.ambient_temp_esd       ? 
_diffrn.crystal_id             1 
_diffrn.crystal_support        ? 
_diffrn.crystal_treatment      ? 
_diffrn.details                ? 
_diffrn.id                     1 
_diffrn.ambient_pressure       ? 
_diffrn.ambient_pressure_esd   ? 
_diffrn.ambient_pressure_gt    ? 
_diffrn.ambient_pressure_lt    ? 
_diffrn.ambient_temp_gt        ? 
_diffrn.ambient_temp_lt        ? 
# 
_diffrn_detector.details                      ? 
_diffrn_detector.detector                     CCD 
_diffrn_detector.diffrn_id                    1 
_diffrn_detector.type                         'RIGAKU JUPITER 210' 
_diffrn_detector.area_resol_mean              ? 
_diffrn_detector.dtime                        ? 
_diffrn_detector.pdbx_frames_total            ? 
_diffrn_detector.pdbx_collection_time_total   ? 
_diffrn_detector.pdbx_collection_date         2004-06-25 
# 
_diffrn_radiation.collimation                      ? 
_diffrn_radiation.diffrn_id                        1 
_diffrn_radiation.filter_edge                      ? 
_diffrn_radiation.inhomogeneity                    ? 
_diffrn_radiation.monochromator                    ? 
_diffrn_radiation.polarisn_norm                    ? 
_diffrn_radiation.polarisn_ratio                   ? 
_diffrn_radiation.probe                            ? 
_diffrn_radiation.type                             ? 
_diffrn_radiation.xray_symbol                      ? 
_diffrn_radiation.wavelength_id                    1 
_diffrn_radiation.pdbx_monochromatic_or_laue_m_l   M 
_diffrn_radiation.pdbx_wavelength_list             ? 
_diffrn_radiation.pdbx_wavelength                  ? 
_diffrn_radiation.pdbx_diffrn_protocol             'SINGLE WAVELENGTH' 
_diffrn_radiation.pdbx_analyzer                    ? 
_diffrn_radiation.pdbx_scattering_type             x-ray 
# 
_diffrn_radiation_wavelength.id           1 
_diffrn_radiation_wavelength.wavelength   0.97911 
_diffrn_radiation_wavelength.wt           1.0 
# 
_diffrn_source.current                     ? 
_diffrn_source.details                     ? 
_diffrn_source.diffrn_id                   1 
_diffrn_source.power                       ? 
_diffrn_source.size                        ? 
_diffrn_source.source                      SYNCHROTRON 
_diffrn_source.target                      ? 
_diffrn_source.type                        'SPRING-8 BEAMLINE BL26B1' 
_diffrn_source.voltage                     ? 
_diffrn_source.take-off_angle              ? 
_diffrn_source.pdbx_wavelength_list        0.97911 
_diffrn_source.pdbx_wavelength             ? 
_diffrn_source.pdbx_synchrotron_beamline   BL26B1 
_diffrn_source.pdbx_synchrotron_site       SPring-8 
# 
_reflns.B_iso_Wilson_estimate            29.5 
_reflns.entry_id                         5AWE 
_reflns.data_reduction_details           ? 
_reflns.data_reduction_method            ? 
_reflns.d_resolution_high                2.45 
_reflns.d_resolution_low                 40.51 
_reflns.details                          ? 
_reflns.limit_h_max                      ? 
_reflns.limit_h_min                      ? 
_reflns.limit_k_max                      ? 
_reflns.limit_k_min                      ? 
_reflns.limit_l_max                      ? 
_reflns.limit_l_min                      ? 
_reflns.number_all                       ? 
_reflns.number_obs                       8426 
_reflns.observed_criterion               ? 
_reflns.observed_criterion_F_max         ? 
_reflns.observed_criterion_F_min         ? 
_reflns.observed_criterion_I_max         ? 
_reflns.observed_criterion_I_min         ? 
_reflns.observed_criterion_sigma_F       ? 
_reflns.observed_criterion_sigma_I       ? 
_reflns.percent_possible_obs             99.6 
_reflns.R_free_details                   ? 
_reflns.Rmerge_F_all                     ? 
_reflns.Rmerge_F_obs                     ? 
_reflns.Friedel_coverage                 ? 
_reflns.number_gt                        ? 
_reflns.threshold_expression             ? 
_reflns.pdbx_redundancy                  16.4 
_reflns.pdbx_Rmerge_I_obs                0.104 
_reflns.pdbx_Rmerge_I_all                ? 
_reflns.pdbx_Rsym_value                  ? 
_reflns.pdbx_netI_over_av_sigmaI         ? 
_reflns.pdbx_netI_over_sigmaI            31.7 
_reflns.pdbx_res_netI_over_av_sigmaI_2   ? 
_reflns.pdbx_res_netI_over_sigmaI_2      ? 
_reflns.pdbx_chi_squared                 ? 
_reflns.pdbx_scaling_rejects             ? 
_reflns.pdbx_d_res_high_opt              ? 
_reflns.pdbx_d_res_low_opt               ? 
_reflns.pdbx_d_res_opt_method            ? 
_reflns.phase_calculation_details        ? 
_reflns.pdbx_Rrim_I_all                  ? 
_reflns.pdbx_Rpim_I_all                  ? 
_reflns.pdbx_d_opt                       ? 
_reflns.pdbx_number_measured_all         ? 
_reflns.pdbx_diffrn_id                   1 
_reflns.pdbx_ordinal                     1 
_reflns.pdbx_CC_half                     ? 
_reflns.pdbx_R_split                     ? 
# 
_reflns_shell.d_res_high                  2.45 
_reflns_shell.d_res_low                   2.54 
_reflns_shell.meanI_over_sigI_all         ? 
_reflns_shell.meanI_over_sigI_obs         4.6 
_reflns_shell.number_measured_all         ? 
_reflns_shell.number_measured_obs         ? 
_reflns_shell.number_possible             ? 
_reflns_shell.number_unique_all           ? 
_reflns_shell.number_unique_obs           ? 
_reflns_shell.percent_possible_all        98.2 
_reflns_shell.percent_possible_obs        ? 
_reflns_shell.Rmerge_F_all                ? 
_reflns_shell.Rmerge_F_obs                ? 
_reflns_shell.Rmerge_I_all                ? 
_reflns_shell.Rmerge_I_obs                0.305 
_reflns_shell.meanI_over_sigI_gt          ? 
_reflns_shell.meanI_over_uI_all           ? 
_reflns_shell.meanI_over_uI_gt            ? 
_reflns_shell.number_measured_gt          ? 
_reflns_shell.number_unique_gt            ? 
_reflns_shell.percent_possible_gt         ? 
_reflns_shell.Rmerge_F_gt                 ? 
_reflns_shell.Rmerge_I_gt                 ? 
_reflns_shell.pdbx_redundancy             14.1 
_reflns_shell.pdbx_Rsym_value             ? 
_reflns_shell.pdbx_chi_squared            ? 
_reflns_shell.pdbx_netI_over_sigmaI_all   ? 
_reflns_shell.pdbx_netI_over_sigmaI_obs   ? 
_reflns_shell.pdbx_Rrim_I_all             ? 
_reflns_shell.pdbx_Rpim_I_all             ? 
_reflns_shell.pdbx_rejects                ? 
_reflns_shell.pdbx_ordinal                1 
_reflns_shell.pdbx_diffrn_id              1 
_reflns_shell.pdbx_CC_half                ? 
_reflns_shell.pdbx_R_split                ? 
# 
_refine.aniso_B[1][1]                            -6.91 
_refine.aniso_B[1][2]                            -0.00 
_refine.aniso_B[1][3]                            -0.00 
_refine.aniso_B[2][2]                            -6.91 
_refine.aniso_B[2][3]                            -0.00 
_refine.aniso_B[3][3]                            13.82 
_refine.B_iso_max                                ? 
_refine.B_iso_mean                               35.8 
_refine.B_iso_min                                ? 
_refine.correlation_coeff_Fo_to_Fc               ? 
_refine.correlation_coeff_Fo_to_Fc_free          ? 
_refine.details                                  'THE FILE CONTAINS FRIEDEL PAIRS. BULK SOLVENT MODEL USED.' 
_refine.diff_density_max                         ? 
_refine.diff_density_max_esd                     ? 
_refine.diff_density_min                         ? 
_refine.diff_density_min_esd                     ? 
_refine.diff_density_rms                         ? 
_refine.diff_density_rms_esd                     ? 
_refine.entry_id                                 5AWE 
_refine.pdbx_refine_id                           'X-RAY DIFFRACTION' 
_refine.ls_abs_structure_details                 ? 
_refine.ls_abs_structure_Flack                   ? 
_refine.ls_abs_structure_Flack_esd               ? 
_refine.ls_abs_structure_Rogers                  ? 
_refine.ls_abs_structure_Rogers_esd              ? 
_refine.ls_d_res_high                            2.45 
_refine.ls_d_res_low                             40.51 
_refine.ls_extinction_coef                       ? 
_refine.ls_extinction_coef_esd                   ? 
_refine.ls_extinction_expression                 ? 
_refine.ls_extinction_method                     ? 
_refine.ls_goodness_of_fit_all                   ? 
_refine.ls_goodness_of_fit_all_esd               ? 
_refine.ls_goodness_of_fit_obs                   ? 
_refine.ls_goodness_of_fit_obs_esd               ? 
_refine.ls_hydrogen_treatment                    ? 
_refine.ls_matrix_type                           ? 
_refine.ls_number_constraints                    ? 
_refine.ls_number_parameters                     ? 
_refine.ls_number_reflns_all                     ? 
_refine.ls_number_reflns_obs                     8426 
_refine.ls_number_reflns_R_free                  1443 
_refine.ls_number_reflns_R_work                  ? 
_refine.ls_number_restraints                     ? 
_refine.ls_percent_reflns_obs                    96.9 
_refine.ls_percent_reflns_R_free                 9.8 
_refine.ls_R_factor_all                          ? 
_refine.ls_R_factor_obs                          0.214 
_refine.ls_R_factor_R_free                       0.261 
_refine.ls_R_factor_R_free_error                 0.007 
_refine.ls_R_factor_R_free_error_details         ? 
_refine.ls_R_factor_R_work                       0.214 
_refine.ls_R_Fsqd_factor_obs                     ? 
_refine.ls_R_I_factor_obs                        ? 
_refine.ls_redundancy_reflns_all                 ? 
_refine.ls_redundancy_reflns_obs                 ? 
_refine.ls_restrained_S_all                      ? 
_refine.ls_restrained_S_obs                      ? 
_refine.ls_shift_over_esd_max                    ? 
_refine.ls_shift_over_esd_mean                   ? 
_refine.ls_structure_factor_coef                 ? 
_refine.ls_weighting_details                     ? 
_refine.ls_weighting_scheme                      ? 
_refine.ls_wR_factor_all                         ? 
_refine.ls_wR_factor_obs                         ? 
_refine.ls_wR_factor_R_free                      ? 
_refine.ls_wR_factor_R_work                      ? 
_refine.occupancy_max                            ? 
_refine.occupancy_min                            ? 
_refine.solvent_model_details                    'FLAT MODEL' 
_refine.solvent_model_param_bsol                 48.9401 
_refine.solvent_model_param_ksol                 0.38 
_refine.ls_R_factor_gt                           ? 
_refine.ls_goodness_of_fit_gt                    ? 
_refine.ls_goodness_of_fit_ref                   ? 
_refine.ls_shift_over_su_max                     ? 
_refine.ls_shift_over_su_max_lt                  ? 
_refine.ls_shift_over_su_mean                    ? 
_refine.ls_shift_over_su_mean_lt                 ? 
_refine.pdbx_ls_sigma_I                          ? 
_refine.pdbx_ls_sigma_F                          0.0 
_refine.pdbx_ls_sigma_Fsqd                       ? 
_refine.pdbx_data_cutoff_high_absF               246220.86 
_refine.pdbx_data_cutoff_high_rms_absF           ? 
_refine.pdbx_data_cutoff_low_absF                0.000000 
_refine.pdbx_isotropic_thermal_model             RESTRAINED 
_refine.pdbx_ls_cross_valid_method               THROUGHOUT 
_refine.pdbx_method_to_determine_struct          SAD 
_refine.pdbx_starting_model                      ? 
_refine.pdbx_stereochemistry_target_values       ? 
_refine.pdbx_R_Free_selection_details            RANDOM 
_refine.pdbx_stereochem_target_val_spec_case     ? 
_refine.pdbx_overall_ESU_R                       ? 
_refine.pdbx_overall_ESU_R_Free                  ? 
_refine.pdbx_solvent_vdw_probe_radii             ? 
_refine.pdbx_solvent_ion_probe_radii             ? 
_refine.pdbx_solvent_shrinkage_radii             ? 
_refine.pdbx_real_space_R                        ? 
_refine.pdbx_density_correlation                 ? 
_refine.pdbx_pd_number_of_powder_patterns        ? 
_refine.pdbx_pd_number_of_points                 ? 
_refine.pdbx_pd_meas_number_of_points            ? 
_refine.pdbx_pd_proc_ls_prof_R_factor            ? 
_refine.pdbx_pd_proc_ls_prof_wR_factor           ? 
_refine.pdbx_pd_Marquardt_correlation_coeff      ? 
_refine.pdbx_pd_Fsqrd_R_factor                   ? 
_refine.pdbx_pd_ls_matrix_band_width             ? 
_refine.pdbx_overall_phase_error                 ? 
_refine.pdbx_overall_SU_R_free_Cruickshank_DPI   ? 
_refine.pdbx_overall_SU_R_free_Blow_DPI          ? 
_refine.pdbx_overall_SU_R_Blow_DPI               ? 
_refine.pdbx_TLS_residual_ADP_flag               ? 
_refine.pdbx_diffrn_id                           1 
_refine.overall_SU_B                             ? 
_refine.overall_SU_ML                            ? 
_refine.overall_SU_R_Cruickshank_DPI             ? 
_refine.overall_SU_R_free                        ? 
_refine.overall_FOM_free_R_set                   ? 
_refine.overall_FOM_work_R_set                   ? 
_refine.pdbx_average_fsc_overall                 ? 
_refine.pdbx_average_fsc_work                    ? 
_refine.pdbx_average_fsc_free                    ? 
# 
_refine_analyze.entry_id                        5AWE 
_refine_analyze.pdbx_refine_id                  'X-RAY DIFFRACTION' 
_refine_analyze.Luzzati_coordinate_error_free   0.40 
_refine_analyze.Luzzati_coordinate_error_obs    0.29 
_refine_analyze.Luzzati_d_res_low_free          ? 
_refine_analyze.Luzzati_d_res_low_obs           5.00 
_refine_analyze.Luzzati_sigma_a_free            0.38 
_refine_analyze.Luzzati_sigma_a_free_details    ? 
_refine_analyze.Luzzati_sigma_a_obs             0.26 
_refine_analyze.Luzzati_sigma_a_obs_details     ? 
_refine_analyze.number_disordered_residues      ? 
_refine_analyze.occupancy_sum_hydrogen          ? 
_refine_analyze.occupancy_sum_non_hydrogen      ? 
_refine_analyze.RG_d_res_high                   ? 
_refine_analyze.RG_d_res_low                    ? 
_refine_analyze.RG_free                         ? 
_refine_analyze.RG_work                         ? 
_refine_analyze.RG_free_work_ratio              ? 
_refine_analyze.pdbx_Luzzati_d_res_high_obs     ? 
# 
_refine_hist.pdbx_refine_id                   'X-RAY DIFFRACTION' 
_refine_hist.cycle_id                         1 
_refine_hist.pdbx_number_atoms_protein        0 
_refine_hist.pdbx_number_atoms_nucleic_acid   0 
_refine_hist.pdbx_number_atoms_ligand         0 
_refine_hist.number_atoms_solvent             0 
_refine_hist.number_atoms_total               0 
_refine_hist.d_res_high                       2.45 
_refine_hist.d_res_low                        40.51 
# 
loop_
_refine_ls_restr.pdbx_refine_id 
_refine_ls_restr.criterion 
_refine_ls_restr.dev_ideal 
_refine_ls_restr.dev_ideal_target 
_refine_ls_restr.number 
_refine_ls_restr.rejects 
_refine_ls_restr.type 
_refine_ls_restr.weight 
_refine_ls_restr.pdbx_restraint_function 
'X-RAY DIFFRACTION' ? 0.017 ? ? ? c_bond_d                ? ? 
'X-RAY DIFFRACTION' ? ?     ? ? ? c_bond_d_na             ? ? 
'X-RAY DIFFRACTION' ? ?     ? ? ? c_bond_d_prot           ? ? 
'X-RAY DIFFRACTION' ? ?     ? ? ? c_angle_d               ? ? 
'X-RAY DIFFRACTION' ? ?     ? ? ? c_angle_d_na            ? ? 
'X-RAY DIFFRACTION' ? ?     ? ? ? c_angle_d_prot          ? ? 
'X-RAY DIFFRACTION' ? 1.1   ? ? ? c_angle_deg             ? ? 
'X-RAY DIFFRACTION' ? ?     ? ? ? c_angle_deg_na          ? ? 
'X-RAY DIFFRACTION' ? ?     ? ? ? c_angle_deg_prot        ? ? 
'X-RAY DIFFRACTION' ? 24.9  ? ? ? c_dihedral_angle_d      ? ? 
'X-RAY DIFFRACTION' ? ?     ? ? ? c_dihedral_angle_d_na   ? ? 
'X-RAY DIFFRACTION' ? ?     ? ? ? c_dihedral_angle_d_prot ? ? 
'X-RAY DIFFRACTION' ? 0.81  ? ? ? c_improper_angle_d      ? ? 
'X-RAY DIFFRACTION' ? ?     ? ? ? c_improper_angle_d_na   ? ? 
'X-RAY DIFFRACTION' ? ?     ? ? ? c_improper_angle_d_prot ? ? 
'X-RAY DIFFRACTION' ? ?     ? ? ? c_mcbond_it             ? ? 
'X-RAY DIFFRACTION' ? ?     ? ? ? c_mcangle_it            ? ? 
'X-RAY DIFFRACTION' ? ?     ? ? ? c_scbond_it             ? ? 
'X-RAY DIFFRACTION' ? ?     ? ? ? c_scangle_it            ? ? 
# 
_refine_ls_shell.pdbx_refine_id                   'X-RAY DIFFRACTION' 
_refine_ls_shell.d_res_high                       2.45 
_refine_ls_shell.d_res_low                        2.54 
_refine_ls_shell.number_reflns_all                ? 
_refine_ls_shell.number_reflns_obs                ? 
_refine_ls_shell.number_reflns_R_free             106 
_refine_ls_shell.number_reflns_R_work             1175 
_refine_ls_shell.percent_reflns_obs               83.7 
_refine_ls_shell.percent_reflns_R_free            8.3 
_refine_ls_shell.R_factor_all                     ? 
_refine_ls_shell.R_factor_obs                     ? 
_refine_ls_shell.R_factor_R_free                  0.447 
_refine_ls_shell.R_factor_R_free_error            0.043 
_refine_ls_shell.R_factor_R_work                  0.286 
_refine_ls_shell.redundancy_reflns_all            ? 
_refine_ls_shell.redundancy_reflns_obs            ? 
_refine_ls_shell.wR_factor_all                    ? 
_refine_ls_shell.wR_factor_obs                    ? 
_refine_ls_shell.wR_factor_R_free                 ? 
_refine_ls_shell.wR_factor_R_work                 ? 
_refine_ls_shell.pdbx_total_number_of_bins_used   10 
_refine_ls_shell.pdbx_phase_error                 ? 
_refine_ls_shell.pdbx_fsc_work                    ? 
_refine_ls_shell.pdbx_fsc_free                    ? 
# 
loop_
_pdbx_xplor_file.pdbx_refine_id 
_pdbx_xplor_file.serial_no 
_pdbx_xplor_file.param_file 
_pdbx_xplor_file.topol_file 
'X-RAY DIFFRACTION' 1 CNS_TOPPAR/protein_rep.param  CNS_TOPPAR/protein.top      
'X-RAY DIFFRACTION' 2 CNS_TOPPAR/dna-rna_rep.param  CNS_TOPPAR/dna-rna.top      
'X-RAY DIFFRACTION' 3 CNS_TOPPAR/water_rep.param    CNS_TOPPAR/water.top        
'X-RAY DIFFRACTION' 4 CNS_TOPPAR/ion.param          CNS_TOPPAR/ion.top          
'X-RAY DIFFRACTION' 5 CNS_TOPPAR/carbohydrate.param CNS_TOPPAR/carbohydrate.top 
# 
_struct.entry_id                     5AWE 
_struct.title                        
;Crystal structure of a hypothetical protein, TTHA0829 from Thermus thermophilus HB8, composed of cystathionine-beta-synthase (CBS) and aspartate-kinase chorismate-mutase tyrA (ACT) domains
;
_struct.pdbx_model_details           ? 
_struct.pdbx_formula_weight          ? 
_struct.pdbx_formula_weight_method   ? 
_struct.pdbx_model_type_details      ? 
_struct.pdbx_CASP_flag               ? 
# 
_struct_keywords.entry_id        5AWE 
_struct_keywords.text            
;hypothetical protein, Thermus thermophilus HB8, CBS domain, ACT domain, Structural Genomics, RIKEN Structural Genomics/Proteomics Initiative, RSGI, UNKNOWN FUNCTION
;
_struct_keywords.pdbx_keywords   'STRUCTURAL GENOMICS, UNKNOWN FUNCTION' 
# 
loop_
_struct_asym.id 
_struct_asym.pdbx_blank_PDB_chainid_flag 
_struct_asym.pdbx_modified 
_struct_asym.entity_id 
_struct_asym.details 
A N N 1 ? 
B N N 2 ? 
# 
_struct_ref.id                         1 
_struct_ref.db_name                    UNP 
_struct_ref.db_code                    Q5SK23_THET8 
_struct_ref.pdbx_db_accession          Q5SK23 
_struct_ref.pdbx_db_isoform            ? 
_struct_ref.entity_id                  1 
_struct_ref.pdbx_seq_one_letter_code   
;MLVRDWMTKDPVVVAPDTPVLEAIRLLKEKGFRRLPVMEGGRLVGLVTDKDLKDAMPSKATTLSVWEMNYLLAKLTVREV
MARPVVTVEADAPLEKAALLMEERKIGGLPVMEGERLVGIITVTDVLRAFIEVLGLKLGGLRITVDIPDVPGALAQMAQA
VPPANIVSIATAAHLPGYQRLVMRVVGEDVEGVPKRLEAAGERVVDVRPG
;
_struct_ref.pdbx_align_begin           1 
# 
_struct_ref_seq.align_id                      1 
_struct_ref_seq.ref_id                        1 
_struct_ref_seq.pdbx_PDB_id_code              5AWE 
_struct_ref_seq.pdbx_strand_id                A 
_struct_ref_seq.seq_align_beg                 1 
_struct_ref_seq.pdbx_seq_align_beg_ins_code   ? 
_struct_ref_seq.seq_align_end                 210 
_struct_ref_seq.pdbx_seq_align_end_ins_code   ? 
_struct_ref_seq.pdbx_db_accession             Q5SK23 
_struct_ref_seq.db_align_beg                  1 
_struct_ref_seq.pdbx_db_align_beg_ins_code    ? 
_struct_ref_seq.db_align_end                  210 
_struct_ref_seq.pdbx_db_align_end_ins_code    ? 
_struct_ref_seq.pdbx_auth_seq_align_beg       1 
_struct_ref_seq.pdbx_auth_seq_align_end       210 
# 
_pdbx_struct_assembly.id                   1 
_pdbx_struct_assembly.details              author_and_software_defined_assembly 
_pdbx_struct_assembly.method_details       PISA 
_pdbx_struct_assembly.oligomeric_details   tetrameric 
_pdbx_struct_assembly.oligomeric_count     4 
# 
loop_
_pdbx_struct_assembly_prop.biol_id 
_pdbx_struct_assembly_prop.type 
_pdbx_struct_assembly_prop.value 
_pdbx_struct_assembly_prop.details 
1 'ABSA (A^2)' 13200 ? 
1 MORE         -86   ? 
1 'SSA (A^2)'  34570 ? 
# 
_pdbx_struct_assembly_gen.assembly_id       1 
_pdbx_struct_assembly_gen.oper_expression   1,2,3,4 
_pdbx_struct_assembly_gen.asym_id_list      A,B 
# 
loop_
_pdbx_struct_oper_list.id 
_pdbx_struct_oper_list.type 
_pdbx_struct_oper_list.name 
_pdbx_struct_oper_list.symmetry_operation 
_pdbx_struct_oper_list.matrix[1][1] 
_pdbx_struct_oper_list.matrix[1][2] 
_pdbx_struct_oper_list.matrix[1][3] 
_pdbx_struct_oper_list.vector[1] 
_pdbx_struct_oper_list.matrix[2][1] 
_pdbx_struct_oper_list.matrix[2][2] 
_pdbx_struct_oper_list.matrix[2][3] 
_pdbx_struct_oper_list.vector[2] 
_pdbx_struct_oper_list.matrix[3][1] 
_pdbx_struct_oper_list.matrix[3][2] 
_pdbx_struct_oper_list.matrix[3][3] 
_pdbx_struct_oper_list.vector[3] 
1 'identity operation'         1_555  x,y,z              1.0000000000  0.0000000000  0.0000000000  0.0000000000  0.0000000000  1.0000000000  0.0000000000  0.0000000000   0.0000000000  0.0000000000  1.0000000000  0.0000000000   
2 'crystal symmetry operation' 4_765  -x+2,-y+1,z        -0.9537612931 0.1037973741  -0.2820735735 20.1609872916 0.1037973741  -0.7669940276 -0.6332031797 -65.6549743001 -0.2820735735 -0.6332031797 0.7207553207  -20.8548283009 
3 'crystal symmetry operation' 9_765  -x+2,-x+y+1,-z+1/3 0.6514903678  0.5831327414  0.4853004293  27.5634261512 0.5831327414  -0.7940988330 0.1713570816  -63.3305199309 0.4853004293  0.1713570816  -0.8573915348 -17.7016803867 
4 'crystal symmetry operation' 12_555 x,x-y,-z+1/3       -0.6977290747 -0.6869301154 -0.2032268557 -7.7083070993 -0.6869301154 0.5610928605  0.4618460981  -3.0110721886  -0.2032268557 0.4618460981  -0.8633637859 -1.2872361437 
# 
loop_
_struct_conf.conf_type_id 
_struct_conf.id 
_struct_conf.pdbx_PDB_helix_id 
_struct_conf.beg_label_comp_id 
_struct_conf.beg_label_asym_id 
_struct_conf.beg_label_seq_id 
_struct_conf.pdbx_beg_PDB_ins_code 
_struct_conf.end_label_comp_id 
_struct_conf.end_label_asym_id 
_struct_conf.end_label_seq_id 
_struct_conf.pdbx_end_PDB_ins_code 
_struct_conf.beg_auth_comp_id 
_struct_conf.beg_auth_asym_id 
_struct_conf.beg_auth_seq_id 
_struct_conf.end_auth_comp_id 
_struct_conf.end_auth_asym_id 
_struct_conf.end_auth_seq_id 
_struct_conf.pdbx_PDB_helix_class 
_struct_conf.details 
_struct_conf.pdbx_PDB_helix_length 
HELX_P HELX_P1  AA1 LEU A 2   ? TRP A 6   ? LEU A 2   TRP A 6   5 ? 5  
HELX_P HELX_P2  AA2 PRO A 19  ? GLY A 31  ? PRO A 19  GLY A 31  1 ? 13 
HELX_P HELX_P3  AA3 ASP A 49  ? ASP A 54  ? ASP A 49  ASP A 54  1 ? 6  
HELX_P HELX_P4  AA4 SER A 64  ? LEU A 75  ? SER A 64  LEU A 75  1 ? 12 
HELX_P HELX_P5  AA5 THR A 76  ? VAL A 80  ? THR A 76  VAL A 80  5 ? 5  
HELX_P HELX_P6  AA6 PRO A 93  ? ARG A 104 ? PRO A 93  ARG A 104 1 ? 12 
HELX_P HELX_P7  AA7 VAL A 123 ? LEU A 134 ? VAL A 123 LEU A 134 1 ? 12 
HELX_P HELX_P8  AA8 GLY A 152 ? GLN A 159 ? GLY A 152 GLN A 159 1 ? 8  
HELX_P HELX_P9  AA9 ASP A 189 ? GLU A 191 ? ASP A 189 GLU A 191 5 ? 3  
HELX_P HELX_P10 AB1 GLY A 192 ? ALA A 200 ? GLY A 192 ALA A 200 1 ? 9  
# 
_struct_conf_type.id          HELX_P 
_struct_conf_type.criteria    ? 
_struct_conf_type.reference   ? 
# 
loop_
_struct_conn.id 
_struct_conn.conn_type_id 
_struct_conn.pdbx_leaving_atom_flag 
_struct_conn.pdbx_PDB_id 
_struct_conn.ptnr1_label_asym_id 
_struct_conn.ptnr1_label_comp_id 
_struct_conn.ptnr1_label_seq_id 
_struct_conn.ptnr1_label_atom_id 
_struct_conn.pdbx_ptnr1_label_alt_id 
_struct_conn.pdbx_ptnr1_PDB_ins_code 
_struct_conn.pdbx_ptnr1_standard_comp_id 
_struct_conn.ptnr1_symmetry 
_struct_conn.ptnr2_label_asym_id 
_struct_conn.ptnr2_label_comp_id 
_struct_conn.ptnr2_label_seq_id 
_struct_conn.ptnr2_label_atom_id 
_struct_conn.pdbx_ptnr2_label_alt_id 
_struct_conn.pdbx_ptnr2_PDB_ins_code 
_struct_conn.ptnr1_auth_asym_id 
_struct_conn.ptnr1_auth_comp_id 
_struct_conn.ptnr1_auth_seq_id 
_struct_conn.ptnr2_auth_asym_id 
_struct_conn.ptnr2_auth_comp_id 
_struct_conn.ptnr2_auth_seq_id 
_struct_conn.ptnr2_symmetry 
_struct_conn.pdbx_ptnr3_label_atom_id 
_struct_conn.pdbx_ptnr3_label_seq_id 
_struct_conn.pdbx_ptnr3_label_comp_id 
_struct_conn.pdbx_ptnr3_label_asym_id 
_struct_conn.pdbx_ptnr3_label_alt_id 
_struct_conn.pdbx_ptnr3_PDB_ins_code 
_struct_conn.details 
_struct_conn.pdbx_dist_value 
_struct_conn.pdbx_value_order 
_struct_conn.pdbx_role 
covale1  covale both ? A MSE 1   C ? ? ? 1_555 A LEU 2   N ? ? A MSE 1   A LEU 2   1_555 ? ? ? ? ? ? ? 1.323 ? ? 
covale2  covale both ? A TRP 6   C ? ? ? 1_555 A MSE 7   N ? ? A TRP 6   A MSE 7   1_555 ? ? ? ? ? ? ? 1.331 ? ? 
covale3  covale both ? A MSE 7   C ? ? ? 1_555 A THR 8   N ? ? A MSE 7   A THR 8   1_555 ? ? ? ? ? ? ? 1.328 ? ? 
covale4  covale both ? A VAL 37  C ? ? ? 1_555 A MSE 38  N ? ? A VAL 37  A MSE 38  1_555 ? ? ? ? ? ? ? 1.332 ? ? 
covale5  covale both ? A MSE 38  C ? ? ? 1_555 A GLU 39  N ? ? A MSE 38  A GLU 39  1_555 ? ? ? ? ? ? ? 1.326 ? ? 
covale6  covale both ? A ALA 55  C ? ? ? 1_555 A MSE 56  N ? ? A ALA 55  A MSE 56  1_555 ? ? ? ? ? ? ? 1.329 ? ? 
covale7  covale both ? A MSE 56  C ? ? ? 1_555 A PRO 57  N ? ? A MSE 56  A PRO 57  1_555 ? ? ? ? ? ? ? 1.346 ? ? 
covale8  covale both ? A GLU 67  C ? ? ? 1_555 A MSE 68  N ? ? A GLU 67  A MSE 68  1_555 ? ? ? ? ? ? ? 1.328 ? ? 
covale9  covale both ? A MSE 68  C ? ? ? 1_555 A ASN 69  N ? ? A MSE 68  A ASN 69  1_555 ? ? ? ? ? ? ? 1.328 ? ? 
covale10 covale both ? A VAL 80  C ? ? ? 1_555 A MSE 81  N ? ? A VAL 80  A MSE 81  1_555 ? ? ? ? ? ? ? 1.329 ? ? 
covale11 covale both ? A MSE 81  C ? ? ? 1_555 A ALA 82  N ? ? A MSE 81  A ALA 82  1_555 ? ? ? ? ? ? ? 1.329 ? ? 
covale12 covale both ? A LEU 100 C ? ? ? 1_555 A MSE 101 N ? ? A LEU 100 A MSE 101 1_555 ? ? ? ? ? ? ? 1.331 ? ? 
covale13 covale both ? A MSE 101 C ? ? ? 1_555 A GLU 102 N ? ? A MSE 101 A GLU 102 1_555 ? ? ? ? ? ? ? 1.331 ? ? 
covale14 covale both ? A VAL 111 C ? ? ? 1_555 A MSE 112 N ? ? A VAL 111 A MSE 112 1_555 ? ? ? ? ? ? ? 1.325 ? ? 
covale15 covale both ? A MSE 112 C ? ? ? 1_555 A GLU 113 N ? ? A MSE 112 A GLU 113 1_555 ? ? ? ? ? ? ? 1.326 ? ? 
covale16 covale both ? A GLN 156 C ? ? ? 1_555 A MSE 157 N ? ? A GLN 156 A MSE 157 1_555 ? ? ? ? ? ? ? 1.331 ? ? 
covale17 covale both ? A MSE 157 C ? ? ? 1_555 A ALA 158 N ? ? A MSE 157 A ALA 158 1_555 ? ? ? ? ? ? ? 1.336 ? ? 
covale18 covale both ? A VAL 182 C ? ? ? 1_555 A MSE 183 N ? ? A VAL 182 A MSE 183 1_555 ? ? ? ? ? ? ? 1.326 ? ? 
covale19 covale both ? A MSE 183 C ? ? ? 1_555 A ARG 184 N ? ? A MSE 183 A ARG 184 1_555 ? ? ? ? ? ? ? 1.326 ? ? 
# 
_struct_conn_type.id          covale 
_struct_conn_type.criteria    ? 
_struct_conn_type.reference   ? 
# 
loop_
_pdbx_modification_feature.ordinal 
_pdbx_modification_feature.label_comp_id 
_pdbx_modification_feature.label_asym_id 
_pdbx_modification_feature.label_seq_id 
_pdbx_modification_feature.label_alt_id 
_pdbx_modification_feature.modified_residue_label_comp_id 
_pdbx_modification_feature.modified_residue_label_asym_id 
_pdbx_modification_feature.modified_residue_label_seq_id 
_pdbx_modification_feature.modified_residue_label_alt_id 
_pdbx_modification_feature.auth_comp_id 
_pdbx_modification_feature.auth_asym_id 
_pdbx_modification_feature.auth_seq_id 
_pdbx_modification_feature.PDB_ins_code 
_pdbx_modification_feature.symmetry 
_pdbx_modification_feature.modified_residue_auth_comp_id 
_pdbx_modification_feature.modified_residue_auth_asym_id 
_pdbx_modification_feature.modified_residue_auth_seq_id 
_pdbx_modification_feature.modified_residue_PDB_ins_code 
_pdbx_modification_feature.modified_residue_symmetry 
_pdbx_modification_feature.comp_id_linking_atom 
_pdbx_modification_feature.modified_residue_id_linking_atom 
_pdbx_modification_feature.modified_residue_id 
_pdbx_modification_feature.ref_pcm_id 
_pdbx_modification_feature.ref_comp_id 
_pdbx_modification_feature.type 
_pdbx_modification_feature.category 
1  MSE A 1   ? . . . . MSE A 1   ? 1_555 . . . . . . . MET 1 MSE Selenomethionine 'Named protein modification' 
2  MSE A 7   ? . . . . MSE A 7   ? 1_555 . . . . . . . MET 1 MSE Selenomethionine 'Named protein modification' 
3  MSE A 38  ? . . . . MSE A 38  ? 1_555 . . . . . . . MET 1 MSE Selenomethionine 'Named protein modification' 
4  MSE A 56  ? . . . . MSE A 56  ? 1_555 . . . . . . . MET 1 MSE Selenomethionine 'Named protein modification' 
5  MSE A 68  ? . . . . MSE A 68  ? 1_555 . . . . . . . MET 1 MSE Selenomethionine 'Named protein modification' 
6  MSE A 81  ? . . . . MSE A 81  ? 1_555 . . . . . . . MET 1 MSE Selenomethionine 'Named protein modification' 
7  MSE A 101 ? . . . . MSE A 101 ? 1_555 . . . . . . . MET 1 MSE Selenomethionine 'Named protein modification' 
8  MSE A 112 ? . . . . MSE A 112 ? 1_555 . . . . . . . MET 1 MSE Selenomethionine 'Named protein modification' 
9  MSE A 157 ? . . . . MSE A 157 ? 1_555 . . . . . . . MET 1 MSE Selenomethionine 'Named protein modification' 
10 MSE A 183 ? . . . . MSE A 183 ? 1_555 . . . . . . . MET 1 MSE Selenomethionine 'Named protein modification' 
# 
loop_
_struct_mon_prot_cis.pdbx_id 
_struct_mon_prot_cis.label_comp_id 
_struct_mon_prot_cis.label_seq_id 
_struct_mon_prot_cis.label_asym_id 
_struct_mon_prot_cis.label_alt_id 
_struct_mon_prot_cis.pdbx_PDB_ins_code 
_struct_mon_prot_cis.auth_comp_id 
_struct_mon_prot_cis.auth_seq_id 
_struct_mon_prot_cis.auth_asym_id 
_struct_mon_prot_cis.pdbx_label_comp_id_2 
_struct_mon_prot_cis.pdbx_label_seq_id_2 
_struct_mon_prot_cis.pdbx_label_asym_id_2 
_struct_mon_prot_cis.pdbx_PDB_ins_code_2 
_struct_mon_prot_cis.pdbx_auth_comp_id_2 
_struct_mon_prot_cis.pdbx_auth_seq_id_2 
_struct_mon_prot_cis.pdbx_auth_asym_id_2 
_struct_mon_prot_cis.pdbx_PDB_model_num 
_struct_mon_prot_cis.pdbx_omega_angle 
1 ARG 83  A . ? ARG 83  A PRO 84  A ? PRO 84  A 1 -0.06 
2 PRO 162 A . ? PRO 162 A PRO 163 A ? PRO 163 A 1 0.43  
# 
loop_
_struct_sheet.id 
_struct_sheet.type 
_struct_sheet.number_strands 
_struct_sheet.details 
AA1 ? 4 ? 
AA2 ? 2 ? 
AA3 ? 4 ? 
# 
loop_
_struct_sheet_order.sheet_id 
_struct_sheet_order.range_id_1 
_struct_sheet_order.range_id_2 
_struct_sheet_order.offset 
_struct_sheet_order.sense 
AA1 1 2 ? anti-parallel 
AA1 2 3 ? anti-parallel 
AA1 3 4 ? parallel      
AA2 1 2 ? anti-parallel 
AA3 1 2 ? anti-parallel 
AA3 2 3 ? anti-parallel 
AA3 3 4 ? anti-parallel 
# 
loop_
_struct_sheet_range.sheet_id 
_struct_sheet_range.id 
_struct_sheet_range.beg_label_comp_id 
_struct_sheet_range.beg_label_asym_id 
_struct_sheet_range.beg_label_seq_id 
_struct_sheet_range.pdbx_beg_PDB_ins_code 
_struct_sheet_range.end_label_comp_id 
_struct_sheet_range.end_label_asym_id 
_struct_sheet_range.end_label_seq_id 
_struct_sheet_range.pdbx_end_PDB_ins_code 
_struct_sheet_range.beg_auth_comp_id 
_struct_sheet_range.beg_auth_asym_id 
_struct_sheet_range.beg_auth_seq_id 
_struct_sheet_range.end_auth_comp_id 
_struct_sheet_range.end_auth_asym_id 
_struct_sheet_range.end_auth_seq_id 
AA1 1 THR A 8   ? LYS A 9   ? THR A 8   LYS A 9   
AA1 2 ARG A 116 ? THR A 122 ? ARG A 116 THR A 122 
AA1 3 GLY A 108 ? GLU A 113 ? GLY A 108 GLU A 113 
AA1 4 VAL A 88  ? GLU A 89  ? VAL A 88  GLU A 89  
AA2 1 ARG A 34  ? GLU A 39  ? ARG A 34  GLU A 39  
AA2 2 ARG A 42  ? THR A 48  ? ARG A 42  THR A 48  
AA3 1 ASN A 165 ? LEU A 175 ? ASN A 165 LEU A 175 
AA3 2 TYR A 178 ? VAL A 186 ? TYR A 178 VAL A 186 
AA3 3 LEU A 141 ? PRO A 148 ? LEU A 141 PRO A 148 
AA3 4 ARG A 203 ? PRO A 209 ? ARG A 203 PRO A 209 
# 
loop_
_pdbx_struct_sheet_hbond.sheet_id 
_pdbx_struct_sheet_hbond.range_id_1 
_pdbx_struct_sheet_hbond.range_id_2 
_pdbx_struct_sheet_hbond.range_1_label_atom_id 
_pdbx_struct_sheet_hbond.range_1_label_comp_id 
_pdbx_struct_sheet_hbond.range_1_label_asym_id 
_pdbx_struct_sheet_hbond.range_1_label_seq_id 
_pdbx_struct_sheet_hbond.range_1_PDB_ins_code 
_pdbx_struct_sheet_hbond.range_1_auth_atom_id 
_pdbx_struct_sheet_hbond.range_1_auth_comp_id 
_pdbx_struct_sheet_hbond.range_1_auth_asym_id 
_pdbx_struct_sheet_hbond.range_1_auth_seq_id 
_pdbx_struct_sheet_hbond.range_2_label_atom_id 
_pdbx_struct_sheet_hbond.range_2_label_comp_id 
_pdbx_struct_sheet_hbond.range_2_label_asym_id 
_pdbx_struct_sheet_hbond.range_2_label_seq_id 
_pdbx_struct_sheet_hbond.range_2_PDB_ins_code 
_pdbx_struct_sheet_hbond.range_2_auth_atom_id 
_pdbx_struct_sheet_hbond.range_2_auth_comp_id 
_pdbx_struct_sheet_hbond.range_2_auth_asym_id 
_pdbx_struct_sheet_hbond.range_2_auth_seq_id 
AA1 1 2 N THR A 8   ? N THR A 8   O ILE A 120 ? O ILE A 120 
AA1 2 3 O GLY A 119 ? O GLY A 119 N VAL A 111 ? N VAL A 111 
AA1 3 4 O MSE A 112 ? O MSE A 112 N VAL A 88  ? N VAL A 88  
AA2 1 2 N LEU A 35  ? N LEU A 35  O VAL A 47  ? O VAL A 47  
AA3 1 2 N ALA A 170 ? N ALA A 170 O VAL A 182 ? O VAL A 182 
AA3 2 3 O MSE A 183 ? O MSE A 183 N ILE A 143 ? N ILE A 143 
AA3 3 4 N ARG A 142 ? N ARG A 142 O ARG A 208 ? O ARG A 208 
# 
_pdbx_entry_details.entry_id                   5AWE 
_pdbx_entry_details.compound_details           ? 
_pdbx_entry_details.source_details             ? 
_pdbx_entry_details.nonpolymer_details         ? 
_pdbx_entry_details.sequence_details           ? 
_pdbx_entry_details.has_ligand_of_interest     ? 
_pdbx_entry_details.has_protein_modification   Y 
# 
_pdbx_validate_symm_contact.id                1 
_pdbx_validate_symm_contact.PDB_model_num     1 
_pdbx_validate_symm_contact.auth_atom_id_1    CH2 
_pdbx_validate_symm_contact.auth_asym_id_1    A 
_pdbx_validate_symm_contact.auth_comp_id_1    TRP 
_pdbx_validate_symm_contact.auth_seq_id_1     66 
_pdbx_validate_symm_contact.PDB_ins_code_1    ? 
_pdbx_validate_symm_contact.label_alt_id_1    ? 
_pdbx_validate_symm_contact.site_symmetry_1   1_555 
_pdbx_validate_symm_contact.auth_atom_id_2    CH2 
_pdbx_validate_symm_contact.auth_asym_id_2    A 
_pdbx_validate_symm_contact.auth_comp_id_2    TRP 
_pdbx_validate_symm_contact.auth_seq_id_2     66 
_pdbx_validate_symm_contact.PDB_ins_code_2    ? 
_pdbx_validate_symm_contact.label_alt_id_2    ? 
_pdbx_validate_symm_contact.site_symmetry_2   12_555 
_pdbx_validate_symm_contact.dist              2.12 
# 
loop_
_pdbx_validate_torsion.id 
_pdbx_validate_torsion.PDB_model_num 
_pdbx_validate_torsion.auth_comp_id 
_pdbx_validate_torsion.auth_asym_id 
_pdbx_validate_torsion.auth_seq_id 
_pdbx_validate_torsion.PDB_ins_code 
_pdbx_validate_torsion.label_alt_id 
_pdbx_validate_torsion.phi 
_pdbx_validate_torsion.psi 
1 1 ARG A 33  ? ? -142.12 -16.46 
2 1 ASP A 149 ? ? -92.16  51.27  
3 1 ALA A 173 ? ? -171.58 141.31 
# 
loop_
_pdbx_struct_mod_residue.id 
_pdbx_struct_mod_residue.label_asym_id 
_pdbx_struct_mod_residue.label_comp_id 
_pdbx_struct_mod_residue.label_seq_id 
_pdbx_struct_mod_residue.auth_asym_id 
_pdbx_struct_mod_residue.auth_comp_id 
_pdbx_struct_mod_residue.auth_seq_id 
_pdbx_struct_mod_residue.PDB_ins_code 
_pdbx_struct_mod_residue.parent_comp_id 
_pdbx_struct_mod_residue.details 
1  A MSE 1   A MSE 1   ? MET 'modified residue' 
2  A MSE 7   A MSE 7   ? MET 'modified residue' 
3  A MSE 38  A MSE 38  ? MET 'modified residue' 
4  A MSE 56  A MSE 56  ? MET 'modified residue' 
5  A MSE 68  A MSE 68  ? MET 'modified residue' 
6  A MSE 81  A MSE 81  ? MET 'modified residue' 
7  A MSE 101 A MSE 101 ? MET 'modified residue' 
8  A MSE 112 A MSE 112 ? MET 'modified residue' 
9  A MSE 157 A MSE 157 ? MET 'modified residue' 
10 A MSE 183 A MSE 183 ? MET 'modified residue' 
# 
loop_
_pdbx_unobs_or_zero_occ_residues.id 
_pdbx_unobs_or_zero_occ_residues.PDB_model_num 
_pdbx_unobs_or_zero_occ_residues.polymer_flag 
_pdbx_unobs_or_zero_occ_residues.occupancy_flag 
_pdbx_unobs_or_zero_occ_residues.auth_asym_id 
_pdbx_unobs_or_zero_occ_residues.auth_comp_id 
_pdbx_unobs_or_zero_occ_residues.auth_seq_id 
_pdbx_unobs_or_zero_occ_residues.PDB_ins_code 
_pdbx_unobs_or_zero_occ_residues.label_asym_id 
_pdbx_unobs_or_zero_occ_residues.label_comp_id 
_pdbx_unobs_or_zero_occ_residues.label_seq_id 
1 1 Y 1 A SER 58 ? A SER 58 
2 1 Y 1 A LYS 59 ? A LYS 59 
3 1 Y 1 A ALA 60 ? A ALA 60 
4 1 Y 1 A THR 61 ? A THR 61 
5 1 Y 1 A THR 62 ? A THR 62 
# 
loop_
_chem_comp_atom.comp_id 
_chem_comp_atom.atom_id 
_chem_comp_atom.type_symbol 
_chem_comp_atom.pdbx_aromatic_flag 
_chem_comp_atom.pdbx_stereo_config 
_chem_comp_atom.pdbx_ordinal 
ALA N    N  N N 1   
ALA CA   C  N S 2   
ALA C    C  N N 3   
ALA O    O  N N 4   
ALA CB   C  N N 5   
ALA OXT  O  N N 6   
ALA H    H  N N 7   
ALA H2   H  N N 8   
ALA HA   H  N N 9   
ALA HB1  H  N N 10  
ALA HB2  H  N N 11  
ALA HB3  H  N N 12  
ALA HXT  H  N N 13  
ARG N    N  N N 14  
ARG CA   C  N S 15  
ARG C    C  N N 16  
ARG O    O  N N 17  
ARG CB   C  N N 18  
ARG CG   C  N N 19  
ARG CD   C  N N 20  
ARG NE   N  N N 21  
ARG CZ   C  N N 22  
ARG NH1  N  N N 23  
ARG NH2  N  N N 24  
ARG OXT  O  N N 25  
ARG H    H  N N 26  
ARG H2   H  N N 27  
ARG HA   H  N N 28  
ARG HB2  H  N N 29  
ARG HB3  H  N N 30  
ARG HG2  H  N N 31  
ARG HG3  H  N N 32  
ARG HD2  H  N N 33  
ARG HD3  H  N N 34  
ARG HE   H  N N 35  
ARG HH11 H  N N 36  
ARG HH12 H  N N 37  
ARG HH21 H  N N 38  
ARG HH22 H  N N 39  
ARG HXT  H  N N 40  
ASN N    N  N N 41  
ASN CA   C  N S 42  
ASN C    C  N N 43  
ASN O    O  N N 44  
ASN CB   C  N N 45  
ASN CG   C  N N 46  
ASN OD1  O  N N 47  
ASN ND2  N  N N 48  
ASN OXT  O  N N 49  
ASN H    H  N N 50  
ASN H2   H  N N 51  
ASN HA   H  N N 52  
ASN HB2  H  N N 53  
ASN HB3  H  N N 54  
ASN HD21 H  N N 55  
ASN HD22 H  N N 56  
ASN HXT  H  N N 57  
ASP N    N  N N 58  
ASP CA   C  N S 59  
ASP C    C  N N 60  
ASP O    O  N N 61  
ASP CB   C  N N 62  
ASP CG   C  N N 63  
ASP OD1  O  N N 64  
ASP OD2  O  N N 65  
ASP OXT  O  N N 66  
ASP H    H  N N 67  
ASP H2   H  N N 68  
ASP HA   H  N N 69  
ASP HB2  H  N N 70  
ASP HB3  H  N N 71  
ASP HD2  H  N N 72  
ASP HXT  H  N N 73  
GLN N    N  N N 74  
GLN CA   C  N S 75  
GLN C    C  N N 76  
GLN O    O  N N 77  
GLN CB   C  N N 78  
GLN CG   C  N N 79  
GLN CD   C  N N 80  
GLN OE1  O  N N 81  
GLN NE2  N  N N 82  
GLN OXT  O  N N 83  
GLN H    H  N N 84  
GLN H2   H  N N 85  
GLN HA   H  N N 86  
GLN HB2  H  N N 87  
GLN HB3  H  N N 88  
GLN HG2  H  N N 89  
GLN HG3  H  N N 90  
GLN HE21 H  N N 91  
GLN HE22 H  N N 92  
GLN HXT  H  N N 93  
GLU N    N  N N 94  
GLU CA   C  N S 95  
GLU C    C  N N 96  
GLU O    O  N N 97  
GLU CB   C  N N 98  
GLU CG   C  N N 99  
GLU CD   C  N N 100 
GLU OE1  O  N N 101 
GLU OE2  O  N N 102 
GLU OXT  O  N N 103 
GLU H    H  N N 104 
GLU H2   H  N N 105 
GLU HA   H  N N 106 
GLU HB2  H  N N 107 
GLU HB3  H  N N 108 
GLU HG2  H  N N 109 
GLU HG3  H  N N 110 
GLU HE2  H  N N 111 
GLU HXT  H  N N 112 
GLY N    N  N N 113 
GLY CA   C  N N 114 
GLY C    C  N N 115 
GLY O    O  N N 116 
GLY OXT  O  N N 117 
GLY H    H  N N 118 
GLY H2   H  N N 119 
GLY HA2  H  N N 120 
GLY HA3  H  N N 121 
GLY HXT  H  N N 122 
HIS N    N  N N 123 
HIS CA   C  N S 124 
HIS C    C  N N 125 
HIS O    O  N N 126 
HIS CB   C  N N 127 
HIS CG   C  Y N 128 
HIS ND1  N  Y N 129 
HIS CD2  C  Y N 130 
HIS CE1  C  Y N 131 
HIS NE2  N  Y N 132 
HIS OXT  O  N N 133 
HIS H    H  N N 134 
HIS H2   H  N N 135 
HIS HA   H  N N 136 
HIS HB2  H  N N 137 
HIS HB3  H  N N 138 
HIS HD1  H  N N 139 
HIS HD2  H  N N 140 
HIS HE1  H  N N 141 
HIS HE2  H  N N 142 
HIS HXT  H  N N 143 
HOH O    O  N N 144 
HOH H1   H  N N 145 
HOH H2   H  N N 146 
ILE N    N  N N 147 
ILE CA   C  N S 148 
ILE C    C  N N 149 
ILE O    O  N N 150 
ILE CB   C  N S 151 
ILE CG1  C  N N 152 
ILE CG2  C  N N 153 
ILE CD1  C  N N 154 
ILE OXT  O  N N 155 
ILE H    H  N N 156 
ILE H2   H  N N 157 
ILE HA   H  N N 158 
ILE HB   H  N N 159 
ILE HG12 H  N N 160 
ILE HG13 H  N N 161 
ILE HG21 H  N N 162 
ILE HG22 H  N N 163 
ILE HG23 H  N N 164 
ILE HD11 H  N N 165 
ILE HD12 H  N N 166 
ILE HD13 H  N N 167 
ILE HXT  H  N N 168 
LEU N    N  N N 169 
LEU CA   C  N S 170 
LEU C    C  N N 171 
LEU O    O  N N 172 
LEU CB   C  N N 173 
LEU CG   C  N N 174 
LEU CD1  C  N N 175 
LEU CD2  C  N N 176 
LEU OXT  O  N N 177 
LEU H    H  N N 178 
LEU H2   H  N N 179 
LEU HA   H  N N 180 
LEU HB2  H  N N 181 
LEU HB3  H  N N 182 
LEU HG   H  N N 183 
LEU HD11 H  N N 184 
LEU HD12 H  N N 185 
LEU HD13 H  N N 186 
LEU HD21 H  N N 187 
LEU HD22 H  N N 188 
LEU HD23 H  N N 189 
LEU HXT  H  N N 190 
LYS N    N  N N 191 
LYS CA   C  N S 192 
LYS C    C  N N 193 
LYS O    O  N N 194 
LYS CB   C  N N 195 
LYS CG   C  N N 196 
LYS CD   C  N N 197 
LYS CE   C  N N 198 
LYS NZ   N  N N 199 
LYS OXT  O  N N 200 
LYS H    H  N N 201 
LYS H2   H  N N 202 
LYS HA   H  N N 203 
LYS HB2  H  N N 204 
LYS HB3  H  N N 205 
LYS HG2  H  N N 206 
LYS HG3  H  N N 207 
LYS HD2  H  N N 208 
LYS HD3  H  N N 209 
LYS HE2  H  N N 210 
LYS HE3  H  N N 211 
LYS HZ1  H  N N 212 
LYS HZ2  H  N N 213 
LYS HZ3  H  N N 214 
LYS HXT  H  N N 215 
MSE N    N  N N 216 
MSE CA   C  N S 217 
MSE C    C  N N 218 
MSE O    O  N N 219 
MSE OXT  O  N N 220 
MSE CB   C  N N 221 
MSE CG   C  N N 222 
MSE SE   SE N N 223 
MSE CE   C  N N 224 
MSE H    H  N N 225 
MSE H2   H  N N 226 
MSE HA   H  N N 227 
MSE HXT  H  N N 228 
MSE HB2  H  N N 229 
MSE HB3  H  N N 230 
MSE HG2  H  N N 231 
MSE HG3  H  N N 232 
MSE HE1  H  N N 233 
MSE HE2  H  N N 234 
MSE HE3  H  N N 235 
PHE N    N  N N 236 
PHE CA   C  N S 237 
PHE C    C  N N 238 
PHE O    O  N N 239 
PHE CB   C  N N 240 
PHE CG   C  Y N 241 
PHE CD1  C  Y N 242 
PHE CD2  C  Y N 243 
PHE CE1  C  Y N 244 
PHE CE2  C  Y N 245 
PHE CZ   C  Y N 246 
PHE OXT  O  N N 247 
PHE H    H  N N 248 
PHE H2   H  N N 249 
PHE HA   H  N N 250 
PHE HB2  H  N N 251 
PHE HB3  H  N N 252 
PHE HD1  H  N N 253 
PHE HD2  H  N N 254 
PHE HE1  H  N N 255 
PHE HE2  H  N N 256 
PHE HZ   H  N N 257 
PHE HXT  H  N N 258 
PRO N    N  N N 259 
PRO CA   C  N S 260 
PRO C    C  N N 261 
PRO O    O  N N 262 
PRO CB   C  N N 263 
PRO CG   C  N N 264 
PRO CD   C  N N 265 
PRO OXT  O  N N 266 
PRO H    H  N N 267 
PRO HA   H  N N 268 
PRO HB2  H  N N 269 
PRO HB3  H  N N 270 
PRO HG2  H  N N 271 
PRO HG3  H  N N 272 
PRO HD2  H  N N 273 
PRO HD3  H  N N 274 
PRO HXT  H  N N 275 
SER N    N  N N 276 
SER CA   C  N S 277 
SER C    C  N N 278 
SER O    O  N N 279 
SER CB   C  N N 280 
SER OG   O  N N 281 
SER OXT  O  N N 282 
SER H    H  N N 283 
SER H2   H  N N 284 
SER HA   H  N N 285 
SER HB2  H  N N 286 
SER HB3  H  N N 287 
SER HG   H  N N 288 
SER HXT  H  N N 289 
THR N    N  N N 290 
THR CA   C  N S 291 
THR C    C  N N 292 
THR O    O  N N 293 
THR CB   C  N R 294 
THR OG1  O  N N 295 
THR CG2  C  N N 296 
THR OXT  O  N N 297 
THR H    H  N N 298 
THR H2   H  N N 299 
THR HA   H  N N 300 
THR HB   H  N N 301 
THR HG1  H  N N 302 
THR HG21 H  N N 303 
THR HG22 H  N N 304 
THR HG23 H  N N 305 
THR HXT  H  N N 306 
TRP N    N  N N 307 
TRP CA   C  N S 308 
TRP C    C  N N 309 
TRP O    O  N N 310 
TRP CB   C  N N 311 
TRP CG   C  Y N 312 
TRP CD1  C  Y N 313 
TRP CD2  C  Y N 314 
TRP NE1  N  Y N 315 
TRP CE2  C  Y N 316 
TRP CE3  C  Y N 317 
TRP CZ2  C  Y N 318 
TRP CZ3  C  Y N 319 
TRP CH2  C  Y N 320 
TRP OXT  O  N N 321 
TRP H    H  N N 322 
TRP H2   H  N N 323 
TRP HA   H  N N 324 
TRP HB2  H  N N 325 
TRP HB3  H  N N 326 
TRP HD1  H  N N 327 
TRP HE1  H  N N 328 
TRP HE3  H  N N 329 
TRP HZ2  H  N N 330 
TRP HZ3  H  N N 331 
TRP HH2  H  N N 332 
TRP HXT  H  N N 333 
TYR N    N  N N 334 
TYR CA   C  N S 335 
TYR C    C  N N 336 
TYR O    O  N N 337 
TYR CB   C  N N 338 
TYR CG   C  Y N 339 
TYR CD1  C  Y N 340 
TYR CD2  C  Y N 341 
TYR CE1  C  Y N 342 
TYR CE2  C  Y N 343 
TYR CZ   C  Y N 344 
TYR OH   O  N N 345 
TYR OXT  O  N N 346 
TYR H    H  N N 347 
TYR H2   H  N N 348 
TYR HA   H  N N 349 
TYR HB2  H  N N 350 
TYR HB3  H  N N 351 
TYR HD1  H  N N 352 
TYR HD2  H  N N 353 
TYR HE1  H  N N 354 
TYR HE2  H  N N 355 
TYR HH   H  N N 356 
TYR HXT  H  N N 357 
VAL N    N  N N 358 
VAL CA   C  N S 359 
VAL C    C  N N 360 
VAL O    O  N N 361 
VAL CB   C  N N 362 
VAL CG1  C  N N 363 
VAL CG2  C  N N 364 
VAL OXT  O  N N 365 
VAL H    H  N N 366 
VAL H2   H  N N 367 
VAL HA   H  N N 368 
VAL HB   H  N N 369 
VAL HG11 H  N N 370 
VAL HG12 H  N N 371 
VAL HG13 H  N N 372 
VAL HG21 H  N N 373 
VAL HG22 H  N N 374 
VAL HG23 H  N N 375 
VAL HXT  H  N N 376 
# 
loop_
_chem_comp_bond.comp_id 
_chem_comp_bond.atom_id_1 
_chem_comp_bond.atom_id_2 
_chem_comp_bond.value_order 
_chem_comp_bond.pdbx_aromatic_flag 
_chem_comp_bond.pdbx_stereo_config 
_chem_comp_bond.pdbx_ordinal 
ALA N   CA   sing N N 1   
ALA N   H    sing N N 2   
ALA N   H2   sing N N 3   
ALA CA  C    sing N N 4   
ALA CA  CB   sing N N 5   
ALA CA  HA   sing N N 6   
ALA C   O    doub N N 7   
ALA C   OXT  sing N N 8   
ALA CB  HB1  sing N N 9   
ALA CB  HB2  sing N N 10  
ALA CB  HB3  sing N N 11  
ALA OXT HXT  sing N N 12  
ARG N   CA   sing N N 13  
ARG N   H    sing N N 14  
ARG N   H2   sing N N 15  
ARG CA  C    sing N N 16  
ARG CA  CB   sing N N 17  
ARG CA  HA   sing N N 18  
ARG C   O    doub N N 19  
ARG C   OXT  sing N N 20  
ARG CB  CG   sing N N 21  
ARG CB  HB2  sing N N 22  
ARG CB  HB3  sing N N 23  
ARG CG  CD   sing N N 24  
ARG CG  HG2  sing N N 25  
ARG CG  HG3  sing N N 26  
ARG CD  NE   sing N N 27  
ARG CD  HD2  sing N N 28  
ARG CD  HD3  sing N N 29  
ARG NE  CZ   sing N N 30  
ARG NE  HE   sing N N 31  
ARG CZ  NH1  sing N N 32  
ARG CZ  NH2  doub N N 33  
ARG NH1 HH11 sing N N 34  
ARG NH1 HH12 sing N N 35  
ARG NH2 HH21 sing N N 36  
ARG NH2 HH22 sing N N 37  
ARG OXT HXT  sing N N 38  
ASN N   CA   sing N N 39  
ASN N   H    sing N N 40  
ASN N   H2   sing N N 41  
ASN CA  C    sing N N 42  
ASN CA  CB   sing N N 43  
ASN CA  HA   sing N N 44  
ASN C   O    doub N N 45  
ASN C   OXT  sing N N 46  
ASN CB  CG   sing N N 47  
ASN CB  HB2  sing N N 48  
ASN CB  HB3  sing N N 49  
ASN CG  OD1  doub N N 50  
ASN CG  ND2  sing N N 51  
ASN ND2 HD21 sing N N 52  
ASN ND2 HD22 sing N N 53  
ASN OXT HXT  sing N N 54  
ASP N   CA   sing N N 55  
ASP N   H    sing N N 56  
ASP N   H2   sing N N 57  
ASP CA  C    sing N N 58  
ASP CA  CB   sing N N 59  
ASP CA  HA   sing N N 60  
ASP C   O    doub N N 61  
ASP C   OXT  sing N N 62  
ASP CB  CG   sing N N 63  
ASP CB  HB2  sing N N 64  
ASP CB  HB3  sing N N 65  
ASP CG  OD1  doub N N 66  
ASP CG  OD2  sing N N 67  
ASP OD2 HD2  sing N N 68  
ASP OXT HXT  sing N N 69  
GLN N   CA   sing N N 70  
GLN N   H    sing N N 71  
GLN N   H2   sing N N 72  
GLN CA  C    sing N N 73  
GLN CA  CB   sing N N 74  
GLN CA  HA   sing N N 75  
GLN C   O    doub N N 76  
GLN C   OXT  sing N N 77  
GLN CB  CG   sing N N 78  
GLN CB  HB2  sing N N 79  
GLN CB  HB3  sing N N 80  
GLN CG  CD   sing N N 81  
GLN CG  HG2  sing N N 82  
GLN CG  HG3  sing N N 83  
GLN CD  OE1  doub N N 84  
GLN CD  NE2  sing N N 85  
GLN NE2 HE21 sing N N 86  
GLN NE2 HE22 sing N N 87  
GLN OXT HXT  sing N N 88  
GLU N   CA   sing N N 89  
GLU N   H    sing N N 90  
GLU N   H2   sing N N 91  
GLU CA  C    sing N N 92  
GLU CA  CB   sing N N 93  
GLU CA  HA   sing N N 94  
GLU C   O    doub N N 95  
GLU C   OXT  sing N N 96  
GLU CB  CG   sing N N 97  
GLU CB  HB2  sing N N 98  
GLU CB  HB3  sing N N 99  
GLU CG  CD   sing N N 100 
GLU CG  HG2  sing N N 101 
GLU CG  HG3  sing N N 102 
GLU CD  OE1  doub N N 103 
GLU CD  OE2  sing N N 104 
GLU OE2 HE2  sing N N 105 
GLU OXT HXT  sing N N 106 
GLY N   CA   sing N N 107 
GLY N   H    sing N N 108 
GLY N   H2   sing N N 109 
GLY CA  C    sing N N 110 
GLY CA  HA2  sing N N 111 
GLY CA  HA3  sing N N 112 
GLY C   O    doub N N 113 
GLY C   OXT  sing N N 114 
GLY OXT HXT  sing N N 115 
HIS N   CA   sing N N 116 
HIS N   H    sing N N 117 
HIS N   H2   sing N N 118 
HIS CA  C    sing N N 119 
HIS CA  CB   sing N N 120 
HIS CA  HA   sing N N 121 
HIS C   O    doub N N 122 
HIS C   OXT  sing N N 123 
HIS CB  CG   sing N N 124 
HIS CB  HB2  sing N N 125 
HIS CB  HB3  sing N N 126 
HIS CG  ND1  sing Y N 127 
HIS CG  CD2  doub Y N 128 
HIS ND1 CE1  doub Y N 129 
HIS ND1 HD1  sing N N 130 
HIS CD2 NE2  sing Y N 131 
HIS CD2 HD2  sing N N 132 
HIS CE1 NE2  sing Y N 133 
HIS CE1 HE1  sing N N 134 
HIS NE2 HE2  sing N N 135 
HIS OXT HXT  sing N N 136 
HOH O   H1   sing N N 137 
HOH O   H2   sing N N 138 
ILE N   CA   sing N N 139 
ILE N   H    sing N N 140 
ILE N   H2   sing N N 141 
ILE CA  C    sing N N 142 
ILE CA  CB   sing N N 143 
ILE CA  HA   sing N N 144 
ILE C   O    doub N N 145 
ILE C   OXT  sing N N 146 
ILE CB  CG1  sing N N 147 
ILE CB  CG2  sing N N 148 
ILE CB  HB   sing N N 149 
ILE CG1 CD1  sing N N 150 
ILE CG1 HG12 sing N N 151 
ILE CG1 HG13 sing N N 152 
ILE CG2 HG21 sing N N 153 
ILE CG2 HG22 sing N N 154 
ILE CG2 HG23 sing N N 155 
ILE CD1 HD11 sing N N 156 
ILE CD1 HD12 sing N N 157 
ILE CD1 HD13 sing N N 158 
ILE OXT HXT  sing N N 159 
LEU N   CA   sing N N 160 
LEU N   H    sing N N 161 
LEU N   H2   sing N N 162 
LEU CA  C    sing N N 163 
LEU CA  CB   sing N N 164 
LEU CA  HA   sing N N 165 
LEU C   O    doub N N 166 
LEU C   OXT  sing N N 167 
LEU CB  CG   sing N N 168 
LEU CB  HB2  sing N N 169 
LEU CB  HB3  sing N N 170 
LEU CG  CD1  sing N N 171 
LEU CG  CD2  sing N N 172 
LEU CG  HG   sing N N 173 
LEU CD1 HD11 sing N N 174 
LEU CD1 HD12 sing N N 175 
LEU CD1 HD13 sing N N 176 
LEU CD2 HD21 sing N N 177 
LEU CD2 HD22 sing N N 178 
LEU CD2 HD23 sing N N 179 
LEU OXT HXT  sing N N 180 
LYS N   CA   sing N N 181 
LYS N   H    sing N N 182 
LYS N   H2   sing N N 183 
LYS CA  C    sing N N 184 
LYS CA  CB   sing N N 185 
LYS CA  HA   sing N N 186 
LYS C   O    doub N N 187 
LYS C   OXT  sing N N 188 
LYS CB  CG   sing N N 189 
LYS CB  HB2  sing N N 190 
LYS CB  HB3  sing N N 191 
LYS CG  CD   sing N N 192 
LYS CG  HG2  sing N N 193 
LYS CG  HG3  sing N N 194 
LYS CD  CE   sing N N 195 
LYS CD  HD2  sing N N 196 
LYS CD  HD3  sing N N 197 
LYS CE  NZ   sing N N 198 
LYS CE  HE2  sing N N 199 
LYS CE  HE3  sing N N 200 
LYS NZ  HZ1  sing N N 201 
LYS NZ  HZ2  sing N N 202 
LYS NZ  HZ3  sing N N 203 
LYS OXT HXT  sing N N 204 
MSE N   CA   sing N N 205 
MSE N   H    sing N N 206 
MSE N   H2   sing N N 207 
MSE CA  C    sing N N 208 
MSE CA  CB   sing N N 209 
MSE CA  HA   sing N N 210 
MSE C   O    doub N N 211 
MSE C   OXT  sing N N 212 
MSE OXT HXT  sing N N 213 
MSE CB  CG   sing N N 214 
MSE CB  HB2  sing N N 215 
MSE CB  HB3  sing N N 216 
MSE CG  SE   sing N N 217 
MSE CG  HG2  sing N N 218 
MSE CG  HG3  sing N N 219 
MSE SE  CE   sing N N 220 
MSE CE  HE1  sing N N 221 
MSE CE  HE2  sing N N 222 
MSE CE  HE3  sing N N 223 
PHE N   CA   sing N N 224 
PHE N   H    sing N N 225 
PHE N   H2   sing N N 226 
PHE CA  C    sing N N 227 
PHE CA  CB   sing N N 228 
PHE CA  HA   sing N N 229 
PHE C   O    doub N N 230 
PHE C   OXT  sing N N 231 
PHE CB  CG   sing N N 232 
PHE CB  HB2  sing N N 233 
PHE CB  HB3  sing N N 234 
PHE CG  CD1  doub Y N 235 
PHE CG  CD2  sing Y N 236 
PHE CD1 CE1  sing Y N 237 
PHE CD1 HD1  sing N N 238 
PHE CD2 CE2  doub Y N 239 
PHE CD2 HD2  sing N N 240 
PHE CE1 CZ   doub Y N 241 
PHE CE1 HE1  sing N N 242 
PHE CE2 CZ   sing Y N 243 
PHE CE2 HE2  sing N N 244 
PHE CZ  HZ   sing N N 245 
PHE OXT HXT  sing N N 246 
PRO N   CA   sing N N 247 
PRO N   CD   sing N N 248 
PRO N   H    sing N N 249 
PRO CA  C    sing N N 250 
PRO CA  CB   sing N N 251 
PRO CA  HA   sing N N 252 
PRO C   O    doub N N 253 
PRO C   OXT  sing N N 254 
PRO CB  CG   sing N N 255 
PRO CB  HB2  sing N N 256 
PRO CB  HB3  sing N N 257 
PRO CG  CD   sing N N 258 
PRO CG  HG2  sing N N 259 
PRO CG  HG3  sing N N 260 
PRO CD  HD2  sing N N 261 
PRO CD  HD3  sing N N 262 
PRO OXT HXT  sing N N 263 
SER N   CA   sing N N 264 
SER N   H    sing N N 265 
SER N   H2   sing N N 266 
SER CA  C    sing N N 267 
SER CA  CB   sing N N 268 
SER CA  HA   sing N N 269 
SER C   O    doub N N 270 
SER C   OXT  sing N N 271 
SER CB  OG   sing N N 272 
SER CB  HB2  sing N N 273 
SER CB  HB3  sing N N 274 
SER OG  HG   sing N N 275 
SER OXT HXT  sing N N 276 
THR N   CA   sing N N 277 
THR N   H    sing N N 278 
THR N   H2   sing N N 279 
THR CA  C    sing N N 280 
THR CA  CB   sing N N 281 
THR CA  HA   sing N N 282 
THR C   O    doub N N 283 
THR C   OXT  sing N N 284 
THR CB  OG1  sing N N 285 
THR CB  CG2  sing N N 286 
THR CB  HB   sing N N 287 
THR OG1 HG1  sing N N 288 
THR CG2 HG21 sing N N 289 
THR CG2 HG22 sing N N 290 
THR CG2 HG23 sing N N 291 
THR OXT HXT  sing N N 292 
TRP N   CA   sing N N 293 
TRP N   H    sing N N 294 
TRP N   H2   sing N N 295 
TRP CA  C    sing N N 296 
TRP CA  CB   sing N N 297 
TRP CA  HA   sing N N 298 
TRP C   O    doub N N 299 
TRP C   OXT  sing N N 300 
TRP CB  CG   sing N N 301 
TRP CB  HB2  sing N N 302 
TRP CB  HB3  sing N N 303 
TRP CG  CD1  doub Y N 304 
TRP CG  CD2  sing Y N 305 
TRP CD1 NE1  sing Y N 306 
TRP CD1 HD1  sing N N 307 
TRP CD2 CE2  doub Y N 308 
TRP CD2 CE3  sing Y N 309 
TRP NE1 CE2  sing Y N 310 
TRP NE1 HE1  sing N N 311 
TRP CE2 CZ2  sing Y N 312 
TRP CE3 CZ3  doub Y N 313 
TRP CE3 HE3  sing N N 314 
TRP CZ2 CH2  doub Y N 315 
TRP CZ2 HZ2  sing N N 316 
TRP CZ3 CH2  sing Y N 317 
TRP CZ3 HZ3  sing N N 318 
TRP CH2 HH2  sing N N 319 
TRP OXT HXT  sing N N 320 
TYR N   CA   sing N N 321 
TYR N   H    sing N N 322 
TYR N   H2   sing N N 323 
TYR CA  C    sing N N 324 
TYR CA  CB   sing N N 325 
TYR CA  HA   sing N N 326 
TYR C   O    doub N N 327 
TYR C   OXT  sing N N 328 
TYR CB  CG   sing N N 329 
TYR CB  HB2  sing N N 330 
TYR CB  HB3  sing N N 331 
TYR CG  CD1  doub Y N 332 
TYR CG  CD2  sing Y N 333 
TYR CD1 CE1  sing Y N 334 
TYR CD1 HD1  sing N N 335 
TYR CD2 CE2  doub Y N 336 
TYR CD2 HD2  sing N N 337 
TYR CE1 CZ   doub Y N 338 
TYR CE1 HE1  sing N N 339 
TYR CE2 CZ   sing Y N 340 
TYR CE2 HE2  sing N N 341 
TYR CZ  OH   sing N N 342 
TYR OH  HH   sing N N 343 
TYR OXT HXT  sing N N 344 
VAL N   CA   sing N N 345 
VAL N   H    sing N N 346 
VAL N   H2   sing N N 347 
VAL CA  C    sing N N 348 
VAL CA  CB   sing N N 349 
VAL CA  HA   sing N N 350 
VAL C   O    doub N N 351 
VAL C   OXT  sing N N 352 
VAL CB  CG1  sing N N 353 
VAL CB  CG2  sing N N 354 
VAL CB  HB   sing N N 355 
VAL CG1 HG11 sing N N 356 
VAL CG1 HG12 sing N N 357 
VAL CG1 HG13 sing N N 358 
VAL CG2 HG21 sing N N 359 
VAL CG2 HG22 sing N N 360 
VAL CG2 HG23 sing N N 361 
VAL OXT HXT  sing N N 362 
# 
_atom_sites.entry_id                    5AWE 
_atom_sites.fract_transf_matrix[1][1]   0.00494398 
_atom_sites.fract_transf_matrix[1][2]   -0.01123478 
_atom_sites.fract_transf_matrix[1][3]   -0.00332373 
_atom_sites.fract_transf_matrix[2][1]   -0.00753585 
_atom_sites.fract_transf_matrix[2][2]   -0.00915134 
_atom_sites.fract_transf_matrix[2][3]   -0.00460282 
_atom_sites.fract_transf_matrix[3][1]   0.00169415 
_atom_sites.fract_transf_matrix[3][2]   0.00380305 
_atom_sites.fract_transf_matrix[3][3]   -0.01033493 
_atom_sites.fract_transf_vector[1]      0.546661 
_atom_sites.fract_transf_vector[2]      0.227555 
_atom_sites.fract_transf_vector[3]      0.172269 
# 
loop_
_atom_type.symbol 
C  
N  
O  
SE 
# 
loop_
_atom_site.group_PDB 
_atom_site.id 
_atom_site.type_symbol 
_atom_site.label_atom_id 
_atom_site.label_alt_id 
_atom_site.label_comp_id 
_atom_site.label_asym_id 
_atom_site.label_entity_id 
_atom_site.label_seq_id 
_atom_site.pdbx_PDB_ins_code 
_atom_site.Cartn_x 
_atom_site.Cartn_y 
_atom_site.Cartn_z 
_atom_site.occupancy 
_atom_site.B_iso_or_equiv 
_atom_site.pdbx_formal_charge 
_atom_site.auth_seq_id 
_atom_site.auth_comp_id 
_atom_site.auth_asym_id 
_atom_site.auth_atom_id 
_atom_site.pdbx_PDB_model_num 
HETATM 1    N  N   . MSE A 1 1   ? 2.849   10.740  6.677   1.00 31.93  ? 1   MSE A N   1 
HETATM 2    C  CA  . MSE A 1 1   ? 2.695   9.454   5.949   1.00 32.65  ? 1   MSE A CA  1 
HETATM 3    C  C   . MSE A 1 1   ? 3.905   9.259   5.050   1.00 32.04  ? 1   MSE A C   1 
HETATM 4    O  O   . MSE A 1 1   ? 3.940   9.744   3.920   1.00 32.79  ? 1   MSE A O   1 
HETATM 5    C  CB  . MSE A 1 1   ? 1.431   9.470   5.084   1.00 35.15  ? 1   MSE A CB  1 
HETATM 6    C  CG  . MSE A 1 1   ? 0.174   9.895   5.808   1.00 40.85  ? 1   MSE A CG  1 
HETATM 7    SE SE  . MSE A 1 1   ? -1.177  10.112  4.654   1.00 54.58  ? 1   MSE A SE  1 
HETATM 8    C  CE  . MSE A 1 1   ? -1.160  8.507   3.842   1.00 44.26  ? 1   MSE A CE  1 
ATOM   9    N  N   . LEU A 1 2   ? 4.897   8.547   5.560   1.00 31.31  ? 2   LEU A N   1 
ATOM   10   C  CA  . LEU A 1 2   ? 6.094   8.253   4.792   1.00 29.41  ? 2   LEU A CA  1 
ATOM   11   C  C   . LEU A 1 2   ? 6.225   6.745   4.581   1.00 27.69  ? 2   LEU A C   1 
ATOM   12   O  O   . LEU A 1 2   ? 5.623   5.956   5.304   1.00 26.00  ? 2   LEU A O   1 
ATOM   13   C  CB  . LEU A 1 2   ? 7.311   8.789   5.537   1.00 29.57  ? 2   LEU A CB  1 
ATOM   14   C  CG  . LEU A 1 2   ? 7.281   10.288  5.812   1.00 31.89  ? 2   LEU A CG  1 
ATOM   15   C  CD1 . LEU A 1 2   ? 8.578   10.699  6.502   1.00 29.46  ? 2   LEU A CD1 1 
ATOM   16   C  CD2 . LEU A 1 2   ? 7.112   11.051  4.498   1.00 30.56  ? 2   LEU A CD2 1 
ATOM   17   N  N   . VAL A 1 3   ? 7.012   6.347   3.586   1.00 27.63  ? 3   VAL A N   1 
ATOM   18   C  CA  . VAL A 1 3   ? 7.326   4.937   3.390   1.00 27.73  ? 3   VAL A CA  1 
ATOM   19   C  C   . VAL A 1 3   ? 8.011   4.381   4.639   1.00 29.73  ? 3   VAL A C   1 
ATOM   20   O  O   . VAL A 1 3   ? 7.667   3.293   5.110   1.00 29.17  ? 3   VAL A O   1 
ATOM   21   C  CB  . VAL A 1 3   ? 8.240   4.750   2.171   1.00 27.09  ? 3   VAL A CB  1 
ATOM   22   C  CG1 . VAL A 1 3   ? 8.620   3.286   2.014   1.00 26.80  ? 3   VAL A CG1 1 
ATOM   23   C  CG2 . VAL A 1 3   ? 7.536   5.261   0.919   1.00 20.39  ? 3   VAL A CG2 1 
ATOM   24   N  N   . ARG A 1 4   ? 8.962   5.152   5.174   1.00 30.49  ? 4   ARG A N   1 
ATOM   25   C  CA  . ARG A 1 4   ? 9.621   4.847   6.448   1.00 31.40  ? 4   ARG A CA  1 
ATOM   26   C  C   . ARG A 1 4   ? 8.684   4.305   7.521   1.00 30.81  ? 4   ARG A C   1 
ATOM   27   O  O   . ARG A 1 4   ? 9.032   3.365   8.223   1.00 31.58  ? 4   ARG A O   1 
ATOM   28   C  CB  . ARG A 1 4   ? 10.305  6.098   7.017   1.00 35.99  ? 4   ARG A CB  1 
ATOM   29   C  CG  . ARG A 1 4   ? 11.550  6.535   6.278   1.00 45.29  ? 4   ARG A CG  1 
ATOM   30   C  CD  . ARG A 1 4   ? 12.411  7.489   7.111   1.00 49.54  ? 4   ARG A CD  1 
ATOM   31   N  NE  . ARG A 1 4   ? 13.567  7.948   6.343   1.00 57.21  ? 4   ARG A NE  1 
ATOM   32   C  CZ  . ARG A 1 4   ? 14.694  7.254   6.194   1.00 61.21  ? 4   ARG A CZ  1 
ATOM   33   N  NH1 . ARG A 1 4   ? 14.827  6.063   6.770   1.00 60.22  ? 4   ARG A NH1 1 
ATOM   34   N  NH2 . ARG A 1 4   ? 15.685  7.741   5.453   1.00 58.96  ? 4   ARG A NH2 1 
ATOM   35   N  N   . ASP A 1 5   ? 7.508   4.909   7.665   1.00 29.49  ? 5   ASP A N   1 
ATOM   36   C  CA  . ASP A 1 5   ? 6.660   4.618   8.812   1.00 29.91  ? 5   ASP A CA  1 
ATOM   37   C  C   . ASP A 1 5   ? 5.951   3.289   8.679   1.00 30.80  ? 5   ASP A C   1 
ATOM   38   O  O   . ASP A 1 5   ? 5.322   2.819   9.633   1.00 30.88  ? 5   ASP A O   1 
ATOM   39   C  CB  . ASP A 1 5   ? 5.609   5.713   9.009   1.00 30.24  ? 5   ASP A CB  1 
ATOM   40   C  CG  . ASP A 1 5   ? 6.215   7.090   9.061   1.00 33.84  ? 5   ASP A CG  1 
ATOM   41   O  OD1 . ASP A 1 5   ? 7.298   7.240   9.667   1.00 38.51  ? 5   ASP A OD1 1 
ATOM   42   O  OD2 . ASP A 1 5   ? 5.611   8.019   8.484   1.00 34.51  ? 5   ASP A OD2 1 
ATOM   43   N  N   . TRP A 1 6   ? 6.033   2.683   7.499   1.00 29.85  ? 6   TRP A N   1 
ATOM   44   C  CA  . TRP A 1 6   ? 5.277   1.466   7.263   1.00 30.03  ? 6   TRP A CA  1 
ATOM   45   C  C   . TRP A 1 6   ? 6.110   0.317   6.714   1.00 30.97  ? 6   TRP A C   1 
ATOM   46   O  O   . TRP A 1 6   ? 5.655   -0.834  6.701   1.00 31.04  ? 6   TRP A O   1 
ATOM   47   C  CB  . TRP A 1 6   ? 4.100   1.777   6.342   1.00 28.66  ? 6   TRP A CB  1 
ATOM   48   C  CG  . TRP A 1 6   ? 3.247   2.876   6.902   1.00 31.68  ? 6   TRP A CG  1 
ATOM   49   C  CD1 . TRP A 1 6   ? 3.381   4.221   6.678   1.00 30.24  ? 6   TRP A CD1 1 
ATOM   50   C  CD2 . TRP A 1 6   ? 2.183   2.732   7.843   1.00 28.24  ? 6   TRP A CD2 1 
ATOM   51   N  NE1 . TRP A 1 6   ? 2.469   4.919   7.426   1.00 32.77  ? 6   TRP A NE1 1 
ATOM   52   C  CE2 . TRP A 1 6   ? 1.719   4.030   8.151   1.00 28.63  ? 6   TRP A CE2 1 
ATOM   53   C  CE3 . TRP A 1 6   ? 1.573   1.630   8.455   1.00 26.75  ? 6   TRP A CE3 1 
ATOM   54   C  CZ2 . TRP A 1 6   ? 0.674   4.259   9.044   1.00 26.79  ? 6   TRP A CZ2 1 
ATOM   55   C  CZ3 . TRP A 1 6   ? 0.532   1.857   9.347   1.00 30.44  ? 6   TRP A CZ3 1 
ATOM   56   C  CH2 . TRP A 1 6   ? 0.095   3.163   9.632   1.00 33.21  ? 6   TRP A CH2 1 
HETATM 57   N  N   . MSE A 1 7   ? 7.333   0.618   6.282   1.00 30.97  ? 7   MSE A N   1 
HETATM 58   C  CA  . MSE A 1 7   ? 8.213   -0.414  5.736   1.00 32.81  ? 7   MSE A CA  1 
HETATM 59   C  C   . MSE A 1 7   ? 8.675   -1.401  6.801   1.00 33.50  ? 7   MSE A C   1 
HETATM 60   O  O   . MSE A 1 7   ? 8.701   -1.084  7.988   1.00 33.90  ? 7   MSE A O   1 
HETATM 61   C  CB  . MSE A 1 7   ? 9.440   0.221   5.083   1.00 32.80  ? 7   MSE A CB  1 
HETATM 62   C  CG  . MSE A 1 7   ? 10.464  0.761   6.059   1.00 30.47  ? 7   MSE A CG  1 
HETATM 63   SE SE  . MSE A 1 7   ? 11.778  1.649   5.203   1.00 46.29  ? 7   MSE A SE  1 
HETATM 64   C  CE  . MSE A 1 7   ? 12.982  1.733   6.528   1.00 41.27  ? 7   MSE A CE  1 
ATOM   65   N  N   . THR A 1 8   ? 9.030   -2.604  6.364   1.00 35.19  ? 8   THR A N   1 
ATOM   66   C  CA  . THR A 1 8   ? 9.762   -3.543  7.210   1.00 36.23  ? 8   THR A CA  1 
ATOM   67   C  C   . THR A 1 8   ? 11.257  -3.288  7.047   1.00 36.79  ? 8   THR A C   1 
ATOM   68   O  O   . THR A 1 8   ? 11.779  -3.299  5.932   1.00 36.34  ? 8   THR A O   1 
ATOM   69   C  CB  . THR A 1 8   ? 9.467   -4.997  6.809   1.00 38.24  ? 8   THR A CB  1 
ATOM   70   O  OG1 . THR A 1 8   ? 8.080   -5.279  7.019   1.00 39.19  ? 8   THR A OG1 1 
ATOM   71   C  CG2 . THR A 1 8   ? 10.306  -5.954  7.632   1.00 41.82  ? 8   THR A CG2 1 
ATOM   72   N  N   . LYS A 1 9   ? 11.945  -3.055  8.158   1.00 38.19  ? 9   LYS A N   1 
ATOM   73   C  CA  . LYS A 1 9   ? 13.361  -2.713  8.100   1.00 41.59  ? 9   LYS A CA  1 
ATOM   74   C  C   . LYS A 1 9   ? 14.245  -3.956  8.001   1.00 42.22  ? 9   LYS A C   1 
ATOM   75   O  O   . LYS A 1 9   ? 13.840  -5.057  8.390   1.00 42.37  ? 9   LYS A O   1 
ATOM   76   C  CB  . LYS A 1 9   ? 13.761  -1.891  9.331   1.00 46.00  ? 9   LYS A CB  1 
ATOM   77   C  CG  . LYS A 1 9   ? 13.153  -0.497  9.382   1.00 51.05  ? 9   LYS A CG  1 
ATOM   78   C  CD  . LYS A 1 9   ? 13.580  0.256   10.643  1.00 59.74  ? 9   LYS A CD  1 
ATOM   79   C  CE  . LYS A 1 9   ? 15.083  0.546   10.658  1.00 65.01  ? 9   LYS A CE  1 
ATOM   80   N  NZ  . LYS A 1 9   ? 15.484  1.662   9.744   1.00 63.93  ? 9   LYS A NZ  1 
ATOM   81   N  N   . ASP A 1 10  ? 15.449  -3.767  7.463   1.00 42.50  ? 10  ASP A N   1 
ATOM   82   C  CA  . ASP A 1 10  ? 16.456  -4.828  7.403   1.00 43.33  ? 10  ASP A CA  1 
ATOM   83   C  C   . ASP A 1 10  ? 15.924  -6.132  6.800   1.00 42.37  ? 10  ASP A C   1 
ATOM   84   O  O   . ASP A 1 10  ? 15.889  -7.166  7.470   1.00 43.19  ? 10  ASP A O   1 
ATOM   85   C  CB  . ASP A 1 10  ? 17.012  -5.099  8.806   1.00 46.71  ? 10  ASP A CB  1 
ATOM   86   C  CG  . ASP A 1 10  ? 17.649  -3.863  9.429   1.00 53.64  ? 10  ASP A CG  1 
ATOM   87   O  OD1 . ASP A 1 10  ? 18.238  -3.049  8.682   1.00 56.24  ? 10  ASP A OD1 1 
ATOM   88   O  OD2 . ASP A 1 10  ? 17.562  -3.702  10.665  1.00 56.84  ? 10  ASP A OD2 1 
ATOM   89   N  N   . PRO A 1 11  ? 15.504  -6.098  5.523   1.00 40.13  ? 11  PRO A N   1 
ATOM   90   C  CA  . PRO A 1 11  ? 14.981  -7.303  4.873   1.00 38.02  ? 11  PRO A CA  1 
ATOM   91   C  C   . PRO A 1 11  ? 16.098  -8.280  4.520   1.00 36.96  ? 11  PRO A C   1 
ATOM   92   O  O   . PRO A 1 11  ? 17.279  -7.921  4.533   1.00 36.86  ? 11  PRO A O   1 
ATOM   93   C  CB  . PRO A 1 11  ? 14.288  -6.763  3.627   1.00 37.66  ? 11  PRO A CB  1 
ATOM   94   C  CG  . PRO A 1 11  ? 15.051  -5.529  3.300   1.00 35.19  ? 11  PRO A CG  1 
ATOM   95   C  CD  . PRO A 1 11  ? 15.462  -4.932  4.623   1.00 37.71  ? 11  PRO A CD  1 
ATOM   96   N  N   . VAL A 1 12  ? 15.719  -9.512  4.205   1.00 34.86  ? 12  VAL A N   1 
ATOM   97   C  CA  . VAL A 1 12  ? 16.677  -10.506 3.754   1.00 35.23  ? 12  VAL A CA  1 
ATOM   98   C  C   . VAL A 1 12  ? 17.066  -10.193 2.322   1.00 33.62  ? 12  VAL A C   1 
ATOM   99   O  O   . VAL A 1 12  ? 16.215  -9.874  1.502   1.00 34.78  ? 12  VAL A O   1 
ATOM   100  C  CB  . VAL A 1 12  ? 16.074  -11.921 3.797   1.00 39.14  ? 12  VAL A CB  1 
ATOM   101  C  CG1 . VAL A 1 12  ? 17.088  -12.934 3.290   1.00 42.11  ? 12  VAL A CG1 1 
ATOM   102  C  CG2 . VAL A 1 12  ? 15.643  -12.252 5.221   1.00 43.80  ? 12  VAL A CG2 1 
ATOM   103  N  N   . VAL A 1 13  ? 18.350  -10.270 2.018   1.00 31.25  ? 13  VAL A N   1 
ATOM   104  C  CA  . VAL A 1 13  ? 18.781  -10.064 0.652   1.00 30.79  ? 13  VAL A CA  1 
ATOM   105  C  C   . VAL A 1 13  ? 19.533  -11.300 0.206   1.00 30.83  ? 13  VAL A C   1 
ATOM   106  O  O   . VAL A 1 13  ? 19.753  -12.217 0.986   1.00 32.40  ? 13  VAL A O   1 
ATOM   107  C  CB  . VAL A 1 13  ? 19.688  -8.813  0.510   1.00 31.17  ? 13  VAL A CB  1 
ATOM   108  C  CG1 . VAL A 1 13  ? 18.976  -7.591  1.063   1.00 31.64  ? 13  VAL A CG1 1 
ATOM   109  C  CG2 . VAL A 1 13  ? 21.008  -9.028  1.226   1.00 34.35  ? 13  VAL A CG2 1 
ATOM   110  N  N   . VAL A 1 14  ? 19.920  -11.327 -1.056  1.00 30.70  ? 14  VAL A N   1 
ATOM   111  C  CA  . VAL A 1 14  ? 20.516  -12.514 -1.615  1.00 31.01  ? 14  VAL A CA  1 
ATOM   112  C  C   . VAL A 1 14  ? 21.515  -12.009 -2.652  1.00 31.26  ? 14  VAL A C   1 
ATOM   113  O  O   . VAL A 1 14  ? 21.505  -10.821 -2.994  1.00 30.86  ? 14  VAL A O   1 
ATOM   114  C  CB  . VAL A 1 14  ? 19.399  -13.407 -2.244  1.00 33.62  ? 14  VAL A CB  1 
ATOM   115  C  CG1 . VAL A 1 14  ? 19.254  -13.128 -3.728  1.00 35.73  ? 14  VAL A CG1 1 
ATOM   116  C  CG2 . VAL A 1 14  ? 19.662  -14.861 -1.953  1.00 31.94  ? 14  VAL A CG2 1 
ATOM   117  N  N   . ALA A 1 15  ? 22.388  -12.892 -3.127  1.00 30.76  ? 15  ALA A N   1 
ATOM   118  C  CA  . ALA A 1 15  ? 23.366  -12.526 -4.146  1.00 30.34  ? 15  ALA A CA  1 
ATOM   119  C  C   . ALA A 1 15  ? 23.017  -13.215 -5.467  1.00 30.46  ? 15  ALA A C   1 
ATOM   120  O  O   . ALA A 1 15  ? 22.428  -14.294 -5.477  1.00 30.33  ? 15  ALA A O   1 
ATOM   121  C  CB  . ALA A 1 15  ? 24.770  -12.921 -3.694  1.00 28.70  ? 15  ALA A CB  1 
ATOM   122  N  N   . PRO A 1 16  ? 23.393  -12.601 -6.599  1.00 30.36  ? 16  PRO A N   1 
ATOM   123  C  CA  . PRO A 1 16  ? 23.109  -13.157 -7.927  1.00 30.97  ? 16  PRO A CA  1 
ATOM   124  C  C   . PRO A 1 16  ? 23.524  -14.623 -8.110  1.00 32.99  ? 16  PRO A C   1 
ATOM   125  O  O   . PRO A 1 16  ? 22.875  -15.373 -8.847  1.00 33.02  ? 16  PRO A O   1 
ATOM   126  C  CB  . PRO A 1 16  ? 23.863  -12.225 -8.875  1.00 30.17  ? 16  PRO A CB  1 
ATOM   127  C  CG  . PRO A 1 16  ? 24.043  -10.954 -8.100  1.00 30.58  ? 16  PRO A CG  1 
ATOM   128  C  CD  . PRO A 1 16  ? 24.221  -11.384 -6.677  1.00 27.96  ? 16  PRO A CD  1 
ATOM   129  N  N   . ASP A 1 17  ? 24.605  -15.025 -7.451  1.00 33.33  ? 17  ASP A N   1 
ATOM   130  C  CA  . ASP A 1 17  ? 25.119  -16.378 -7.604  1.00 34.17  ? 17  ASP A CA  1 
ATOM   131  C  C   . ASP A 1 17  ? 24.493  -17.324 -6.596  1.00 33.75  ? 17  ASP A C   1 
ATOM   132  O  O   . ASP A 1 17  ? 24.792  -18.515 -6.587  1.00 34.85  ? 17  ASP A O   1 
ATOM   133  C  CB  . ASP A 1 17  ? 26.642  -16.395 -7.455  1.00 40.28  ? 17  ASP A CB  1 
ATOM   134  C  CG  . ASP A 1 17  ? 27.353  -15.786 -8.651  1.00 50.64  ? 17  ASP A CG  1 
ATOM   135  O  OD1 . ASP A 1 17  ? 26.711  -15.641 -9.719  1.00 58.81  ? 17  ASP A OD1 1 
ATOM   136  O  OD2 . ASP A 1 17  ? 28.552  -15.450 -8.526  1.00 55.36  ? 17  ASP A OD2 1 
ATOM   137  N  N   . THR A 1 18  ? 23.626  -16.797 -5.742  1.00 32.06  ? 18  THR A N   1 
ATOM   138  C  CA  . THR A 1 18  ? 22.818  -17.650 -4.876  1.00 32.55  ? 18  THR A CA  1 
ATOM   139  C  C   . THR A 1 18  ? 22.028  -18.632 -5.748  1.00 32.68  ? 18  THR A C   1 
ATOM   140  O  O   . THR A 1 18  ? 21.414  -18.235 -6.739  1.00 32.29  ? 18  THR A O   1 
ATOM   141  C  CB  . THR A 1 18  ? 21.823  -16.807 -4.043  1.00 30.65  ? 18  THR A CB  1 
ATOM   142  O  OG1 . THR A 1 18  ? 22.547  -15.840 -3.273  1.00 31.03  ? 18  THR A OG1 1 
ATOM   143  C  CG2 . THR A 1 18  ? 21.016  -17.696 -3.111  1.00 24.69  ? 18  THR A CG2 1 
ATOM   144  N  N   . PRO A 1 19  ? 22.041  -19.929 -5.396  1.00 32.61  ? 19  PRO A N   1 
ATOM   145  C  CA  . PRO A 1 19  ? 21.297  -20.907 -6.201  1.00 32.42  ? 19  PRO A CA  1 
ATOM   146  C  C   . PRO A 1 19  ? 19.800  -20.686 -6.025  1.00 32.50  ? 19  PRO A C   1 
ATOM   147  O  O   . PRO A 1 19  ? 19.337  -20.420 -4.914  1.00 32.05  ? 19  PRO A O   1 
ATOM   148  C  CB  . PRO A 1 19  ? 21.738  -22.264 -5.636  1.00 34.06  ? 19  PRO A CB  1 
ATOM   149  C  CG  . PRO A 1 19  ? 22.988  -21.979 -4.854  1.00 31.95  ? 19  PRO A CG  1 
ATOM   150  C  CD  . PRO A 1 19  ? 22.811  -20.579 -4.325  1.00 33.50  ? 19  PRO A CD  1 
ATOM   151  N  N   . VAL A 1 20  ? 19.049  -20.799 -7.117  1.00 32.35  ? 20  VAL A N   1 
ATOM   152  C  CA  . VAL A 1 20  ? 17.610  -20.589 -7.080  1.00 33.59  ? 20  VAL A CA  1 
ATOM   153  C  C   . VAL A 1 20  ? 16.955  -21.355 -5.935  1.00 34.88  ? 20  VAL A C   1 
ATOM   154  O  O   . VAL A 1 20  ? 16.105  -20.809 -5.225  1.00 34.81  ? 20  VAL A O   1 
ATOM   155  C  CB  . VAL A 1 20  ? 16.947  -21.001 -8.430  1.00 34.57  ? 20  VAL A CB  1 
ATOM   156  C  CG1 . VAL A 1 20  ? 15.426  -21.012 -8.300  1.00 28.74  ? 20  VAL A CG1 1 
ATOM   157  C  CG2 . VAL A 1 20  ? 17.350  -20.018 -9.525  1.00 35.45  ? 20  VAL A CG2 1 
ATOM   158  N  N   . LEU A 1 21  ? 17.350  -22.611 -5.739  1.00 35.60  ? 21  LEU A N   1 
ATOM   159  C  CA  . LEU A 1 21  ? 16.679  -23.440 -4.741  1.00 37.45  ? 21  LEU A CA  1 
ATOM   160  C  C   . LEU A 1 21  ? 17.039  -23.056 -3.312  1.00 37.17  ? 21  LEU A C   1 
ATOM   161  O  O   . LEU A 1 21  ? 16.281  -23.324 -2.381  1.00 36.83  ? 21  LEU A O   1 
ATOM   162  C  CB  . LEU A 1 21  ? 16.968  -24.929 -4.985  1.00 38.81  ? 21  LEU A CB  1 
ATOM   163  C  CG  . LEU A 1 21  ? 18.399  -25.414 -5.210  1.00 43.08  ? 21  LEU A CG  1 
ATOM   164  C  CD1 . LEU A 1 21  ? 19.152  -25.512 -3.885  1.00 42.34  ? 21  LEU A CD1 1 
ATOM   165  C  CD2 . LEU A 1 21  ? 18.345  -26.776 -5.896  1.00 46.03  ? 21  LEU A CD2 1 
ATOM   166  N  N   . GLU A 1 22  ? 18.188  -22.417 -3.136  1.00 37.83  ? 22  GLU A N   1 
ATOM   167  C  CA  . GLU A 1 22  ? 18.561  -21.929 -1.821  1.00 39.50  ? 22  GLU A CA  1 
ATOM   168  C  C   . GLU A 1 22  ? 17.754  -20.677 -1.507  1.00 39.27  ? 22  GLU A C   1 
ATOM   169  O  O   . GLU A 1 22  ? 17.293  -20.488 -0.381  1.00 40.28  ? 22  GLU A O   1 
ATOM   170  C  CB  . GLU A 1 22  ? 20.057  -21.610 -1.769  1.00 43.73  ? 22  GLU A CB  1 
ATOM   171  C  CG  . GLU A 1 22  ? 20.718  -21.981 -0.443  1.00 56.65  ? 22  GLU A CG  1 
ATOM   172  C  CD  . GLU A 1 22  ? 19.875  -21.599 0.773   1.00 65.92  ? 22  GLU A CD  1 
ATOM   173  O  OE1 . GLU A 1 22  ? 20.148  -20.538 1.387   1.00 66.21  ? 22  GLU A OE1 1 
ATOM   174  O  OE2 . GLU A 1 22  ? 18.942  -22.363 1.116   1.00 64.76  ? 22  GLU A OE2 1 
ATOM   175  N  N   . ALA A 1 23  ? 17.572  -19.824 -2.510  1.00 38.46  ? 23  ALA A N   1 
ATOM   176  C  CA  . ALA A 1 23  ? 16.789  -18.609 -2.337  1.00 36.86  ? 23  ALA A CA  1 
ATOM   177  C  C   . ALA A 1 23  ? 15.376  -18.968 -1.896  1.00 36.74  ? 23  ALA A C   1 
ATOM   178  O  O   . ALA A 1 23  ? 14.824  -18.345 -0.993  1.00 36.35  ? 23  ALA A O   1 
ATOM   179  C  CB  . ALA A 1 23  ? 16.752  -17.823 -3.637  1.00 32.31  ? 23  ALA A CB  1 
ATOM   180  N  N   . ILE A 1 24  ? 14.804  -19.988 -2.529  1.00 36.29  ? 24  ILE A N   1 
ATOM   181  C  CA  . ILE A 1 24  ? 13.450  -20.423 -2.215  1.00 37.37  ? 24  ILE A CA  1 
ATOM   182  C  C   . ILE A 1 24  ? 13.305  -20.797 -0.746  1.00 39.24  ? 24  ILE A C   1 
ATOM   183  O  O   . ILE A 1 24  ? 12.393  -20.332 -0.063  1.00 39.12  ? 24  ILE A O   1 
ATOM   184  C  CB  . ILE A 1 24  ? 13.038  -21.638 -3.081  1.00 35.01  ? 24  ILE A CB  1 
ATOM   185  C  CG1 . ILE A 1 24  ? 12.917  -21.210 -4.547  1.00 35.34  ? 24  ILE A CG1 1 
ATOM   186  C  CG2 . ILE A 1 24  ? 11.722  -22.225 -2.570  1.00 32.55  ? 24  ILE A CG2 1 
ATOM   187  C  CD1 . ILE A 1 24  ? 12.511  -22.322 -5.497  1.00 24.17  ? 24  ILE A CD1 1 
ATOM   188  N  N   . ARG A 1 25  ? 14.208  -21.639 -0.262  1.00 41.50  ? 25  ARG A N   1 
ATOM   189  C  CA  . ARG A 1 25  ? 14.142  -22.098 1.114   1.00 44.92  ? 25  ARG A CA  1 
ATOM   190  C  C   . ARG A 1 25  ? 14.308  -20.924 2.081   1.00 45.90  ? 25  ARG A C   1 
ATOM   191  O  O   . ARG A 1 25  ? 13.683  -20.883 3.141   1.00 46.47  ? 25  ARG A O   1 
ATOM   192  C  CB  . ARG A 1 25  ? 15.227  -23.152 1.365   1.00 48.63  ? 25  ARG A CB  1 
ATOM   193  C  CG  . ARG A 1 25  ? 15.086  -24.415 0.508   1.00 55.33  ? 25  ARG A CG  1 
ATOM   194  C  CD  . ARG A 1 25  ? 13.740  -25.115 0.729   1.00 60.66  ? 25  ARG A CD  1 
ATOM   195  N  NE  . ARG A 1 25  ? 13.874  -26.567 0.836   1.00 64.53  ? 25  ARG A NE  1 
ATOM   196  C  CZ  . ARG A 1 25  ? 14.004  -27.225 1.987   1.00 68.42  ? 25  ARG A CZ  1 
ATOM   197  N  NH1 . ARG A 1 25  ? 14.118  -28.548 1.995   1.00 69.16  ? 25  ARG A NH1 1 
ATOM   198  N  NH2 . ARG A 1 25  ? 14.019  -26.560 3.134   1.00 68.67  ? 25  ARG A NH2 1 
ATOM   199  N  N   . LEU A 1 26  ? 15.146  -19.963 1.707   1.00 46.56  ? 26  LEU A N   1 
ATOM   200  C  CA  . LEU A 1 26  ? 15.352  -18.779 2.532   1.00 46.81  ? 26  LEU A CA  1 
ATOM   201  C  C   . LEU A 1 26  ? 14.048  -17.991 2.696   1.00 47.47  ? 26  LEU A C   1 
ATOM   202  O  O   . LEU A 1 26  ? 13.740  -17.503 3.783   1.00 48.07  ? 26  LEU A O   1 
ATOM   203  C  CB  . LEU A 1 26  ? 16.434  -17.896 1.908   1.00 44.27  ? 26  LEU A CB  1 
ATOM   204  C  CG  . LEU A 1 26  ? 16.917  -16.683 2.705   1.00 46.10  ? 26  LEU A CG  1 
ATOM   205  C  CD1 . LEU A 1 26  ? 17.233  -17.073 4.144   1.00 46.38  ? 26  LEU A CD1 1 
ATOM   206  C  CD2 . LEU A 1 26  ? 18.152  -16.117 2.026   1.00 46.27  ? 26  LEU A CD2 1 
ATOM   207  N  N   . LEU A 1 27  ? 13.280  -17.878 1.617   1.00 47.58  ? 27  LEU A N   1 
ATOM   208  C  CA  . LEU A 1 27  ? 11.998  -17.181 1.659   1.00 48.67  ? 27  LEU A CA  1 
ATOM   209  C  C   . LEU A 1 27  ? 10.961  -17.932 2.488   1.00 49.94  ? 27  LEU A C   1 
ATOM   210  O  O   . LEU A 1 27  ? 10.105  -17.319 3.126   1.00 50.53  ? 27  LEU A O   1 
ATOM   211  C  CB  . LEU A 1 27  ? 11.463  -16.977 0.242   1.00 46.26  ? 27  LEU A CB  1 
ATOM   212  C  CG  . LEU A 1 27  ? 12.187  -15.906 -0.573  1.00 45.99  ? 27  LEU A CG  1 
ATOM   213  C  CD1 . LEU A 1 27  ? 11.867  -16.084 -2.041  1.00 45.77  ? 27  LEU A CD1 1 
ATOM   214  C  CD2 . LEU A 1 27  ? 11.773  -14.523 -0.084  1.00 46.65  ? 27  LEU A CD2 1 
ATOM   215  N  N   . LYS A 1 28  ? 11.039  -19.259 2.477   1.00 51.33  ? 28  LYS A N   1 
ATOM   216  C  CA  . LYS A 1 28  ? 10.127  -20.073 3.269   1.00 52.41  ? 28  LYS A CA  1 
ATOM   217  C  C   . LYS A 1 28  ? 10.347  -19.845 4.758   1.00 52.74  ? 28  LYS A C   1 
ATOM   218  O  O   . LYS A 1 28  ? 9.395   -19.632 5.507   1.00 52.56  ? 28  LYS A O   1 
ATOM   219  C  CB  . LYS A 1 28  ? 10.312  -21.563 2.949   1.00 53.13  ? 28  LYS A CB  1 
ATOM   220  C  CG  . LYS A 1 28  ? 9.622   -22.493 3.941   1.00 57.31  ? 28  LYS A CG  1 
ATOM   221  C  CD  . LYS A 1 28  ? 9.025   -23.727 3.273   1.00 62.74  ? 28  LYS A CD  1 
ATOM   222  C  CE  . LYS A 1 28  ? 8.092   -24.475 4.230   1.00 65.00  ? 28  LYS A CE  1 
ATOM   223  N  NZ  . LYS A 1 28  ? 7.490   -25.705 3.627   1.00 62.20  ? 28  LYS A NZ  1 
ATOM   224  N  N   . GLU A 1 29  ? 11.606  -19.881 5.179   1.00 53.47  ? 29  GLU A N   1 
ATOM   225  C  CA  . GLU A 1 29  ? 11.931  -19.945 6.599   1.00 55.50  ? 29  GLU A CA  1 
ATOM   226  C  C   . GLU A 1 29  ? 11.963  -18.588 7.296   1.00 56.04  ? 29  GLU A C   1 
ATOM   227  O  O   . GLU A 1 29  ? 12.114  -18.517 8.518   1.00 56.32  ? 29  GLU A O   1 
ATOM   228  C  CB  . GLU A 1 29  ? 13.270  -20.661 6.796   1.00 56.78  ? 29  GLU A CB  1 
ATOM   229  C  CG  . GLU A 1 29  ? 14.461  -19.964 6.174   1.00 62.56  ? 29  GLU A CG  1 
ATOM   230  C  CD  . GLU A 1 29  ? 15.701  -20.840 6.174   1.00 68.71  ? 29  GLU A CD  1 
ATOM   231  O  OE1 . GLU A 1 29  ? 16.819  -20.300 6.339   1.00 69.24  ? 29  GLU A OE1 1 
ATOM   232  O  OE2 . GLU A 1 29  ? 15.554  -22.073 6.009   1.00 70.51  ? 29  GLU A OE2 1 
ATOM   233  N  N   . LYS A 1 30  ? 11.819  -17.514 6.527   1.00 56.76  ? 30  LYS A N   1 
ATOM   234  C  CA  . LYS A 1 30  ? 11.841  -16.173 7.101   1.00 56.48  ? 30  LYS A CA  1 
ATOM   235  C  C   . LYS A 1 30  ? 10.586  -15.365 6.785   1.00 56.61  ? 30  LYS A C   1 
ATOM   236  O  O   . LYS A 1 30  ? 10.460  -14.213 7.198   1.00 57.02  ? 30  LYS A O   1 
ATOM   237  C  CB  . LYS A 1 30  ? 13.096  -15.427 6.638   1.00 56.18  ? 30  LYS A CB  1 
ATOM   238  C  CG  . LYS A 1 30  ? 14.372  -16.018 7.235   1.00 56.42  ? 30  LYS A CG  1 
ATOM   239  C  CD  . LYS A 1 30  ? 15.604  -15.185 6.939   1.00 57.39  ? 30  LYS A CD  1 
ATOM   240  C  CE  . LYS A 1 30  ? 16.658  -15.379 8.023   1.00 57.32  ? 30  LYS A CE  1 
ATOM   241  N  NZ  . LYS A 1 30  ? 18.042  -15.109 7.531   1.00 58.32  ? 30  LYS A NZ  1 
ATOM   242  N  N   . GLY A 1 31  ? 9.659   -15.980 6.053   1.00 56.27  ? 31  GLY A N   1 
ATOM   243  C  CA  . GLY A 1 31  ? 8.313   -15.443 5.961   1.00 54.88  ? 31  GLY A CA  1 
ATOM   244  C  C   . GLY A 1 31  ? 8.103   -14.369 4.911   1.00 54.06  ? 31  GLY A C   1 
ATOM   245  O  O   . GLY A 1 31  ? 7.030   -13.771 4.848   1.00 54.07  ? 31  GLY A O   1 
ATOM   246  N  N   . PHE A 1 32  ? 9.118   -14.123 4.086   1.00 53.17  ? 32  PHE A N   1 
ATOM   247  C  CA  . PHE A 1 32  ? 9.024   -13.121 3.026   1.00 51.38  ? 32  PHE A CA  1 
ATOM   248  C  C   . PHE A 1 32  ? 8.612   -13.754 1.699   1.00 49.57  ? 32  PHE A C   1 
ATOM   249  O  O   . PHE A 1 32  ? 8.392   -14.965 1.623   1.00 49.48  ? 32  PHE A O   1 
ATOM   250  C  CB  . PHE A 1 32  ? 10.363  -12.389 2.871   1.00 52.32  ? 32  PHE A CB  1 
ATOM   251  C  CG  . PHE A 1 32  ? 10.658  -11.411 3.986   1.00 56.67  ? 32  PHE A CG  1 
ATOM   252  C  CD1 . PHE A 1 32  ? 10.362  -11.725 5.311   1.00 53.82  ? 32  PHE A CD1 1 
ATOM   253  C  CD2 . PHE A 1 32  ? 11.230  -10.168 3.707   1.00 59.14  ? 32  PHE A CD2 1 
ATOM   254  C  CE1 . PHE A 1 32  ? 10.628  -10.820 6.338   1.00 57.40  ? 32  PHE A CE1 1 
ATOM   255  C  CE2 . PHE A 1 32  ? 11.502  -9.252  4.729   1.00 56.72  ? 32  PHE A CE2 1 
ATOM   256  C  CZ  . PHE A 1 32  ? 11.199  -9.578  6.045   1.00 58.05  ? 32  PHE A CZ  1 
ATOM   257  N  N   . ARG A 1 33  ? 8.498   -12.932 0.659   1.00 47.43  ? 33  ARG A N   1 
ATOM   258  C  CA  . ARG A 1 33  ? 7.952   -13.390 -0.616  1.00 43.65  ? 33  ARG A CA  1 
ATOM   259  C  C   . ARG A 1 33  ? 8.695   -12.755 -1.787  1.00 40.70  ? 33  ARG A C   1 
ATOM   260  O  O   . ARG A 1 33  ? 8.599   -13.208 -2.923  1.00 39.56  ? 33  ARG A O   1 
ATOM   261  C  CB  . ARG A 1 33  ? 6.465   -13.048 -0.690  1.00 46.25  ? 33  ARG A CB  1 
ATOM   262  C  CG  . ARG A 1 33  ? 5.637   -13.993 -1.542  1.00 54.93  ? 33  ARG A CG  1 
ATOM   263  C  CD  . ARG A 1 33  ? 4.199   -14.043 -1.039  1.00 58.22  ? 33  ARG A CD  1 
ATOM   264  N  NE  . ARG A 1 33  ? 4.150   -14.331 0.393   1.00 69.20  ? 33  ARG A NE  1 
ATOM   265  C  CZ  . ARG A 1 33  ? 3.040   -14.332 1.126   1.00 75.35  ? 33  ARG A CZ  1 
ATOM   266  N  NH1 . ARG A 1 33  ? 1.868   -14.057 0.567   1.00 76.46  ? 33  ARG A NH1 1 
ATOM   267  N  NH2 . ARG A 1 33  ? 3.102   -14.606 2.425   1.00 76.44  ? 33  ARG A NH2 1 
ATOM   268  N  N   . ARG A 1 34  ? 9.431   -11.691 -1.511  1.00 37.82  ? 34  ARG A N   1 
ATOM   269  C  CA  . ARG A 1 34  ? 10.324  -11.146 -2.510  1.00 35.24  ? 34  ARG A CA  1 
ATOM   270  C  C   . ARG A 1 34  ? 11.707  -10.930 -1.913  1.00 33.25  ? 34  ARG A C   1 
ATOM   271  O  O   . ARG A 1 34  ? 11.862  -10.769 -0.706  1.00 32.41  ? 34  ARG A O   1 
ATOM   272  C  CB  . ARG A 1 34  ? 9.760   -9.839  -3.068  1.00 35.55  ? 34  ARG A CB  1 
ATOM   273  C  CG  . ARG A 1 34  ? 9.479   -8.798  -2.027  1.00 39.58  ? 34  ARG A CG  1 
ATOM   274  C  CD  . ARG A 1 34  ? 8.285   -7.955  -2.421  1.00 46.97  ? 34  ARG A CD  1 
ATOM   275  N  NE  . ARG A 1 34  ? 7.017   -8.664  -2.257  1.00 45.69  ? 34  ARG A NE  1 
ATOM   276  C  CZ  . ARG A 1 34  ? 6.154   -8.880  -3.243  1.00 47.34  ? 34  ARG A CZ  1 
ATOM   277  N  NH1 . ARG A 1 34  ? 6.421   -8.448  -4.472  1.00 44.30  ? 34  ARG A NH1 1 
ATOM   278  N  NH2 . ARG A 1 34  ? 5.013   -9.510  -2.999  1.00 46.08  ? 34  ARG A NH2 1 
ATOM   279  N  N   . LEU A 1 35  ? 12.715  -10.944 -2.770  1.00 31.80  ? 35  LEU A N   1 
ATOM   280  C  CA  . LEU A 1 35  ? 14.090  -10.978 -2.311  1.00 30.45  ? 35  LEU A CA  1 
ATOM   281  C  C   . LEU A 1 35  ? 14.947  -10.030 -3.141  1.00 28.26  ? 35  LEU A C   1 
ATOM   282  O  O   . LEU A 1 35  ? 15.306  -10.338 -4.279  1.00 28.61  ? 35  LEU A O   1 
ATOM   283  C  CB  . LEU A 1 35  ? 14.625  -12.406 -2.432  1.00 35.05  ? 35  LEU A CB  1 
ATOM   284  C  CG  . LEU A 1 35  ? 15.308  -13.075 -1.237  1.00 41.71  ? 35  LEU A CG  1 
ATOM   285  C  CD1 . LEU A 1 35  ? 14.750  -12.549 0.076   1.00 45.89  ? 35  LEU A CD1 1 
ATOM   286  C  CD2 . LEU A 1 35  ? 15.099  -14.581 -1.343  1.00 42.61  ? 35  LEU A CD2 1 
ATOM   287  N  N   . PRO A 1 36  ? 15.265  -8.850  -2.593  1.00 26.29  ? 36  PRO A N   1 
ATOM   288  C  CA  . PRO A 1 36  ? 16.093  -7.926  -3.374  1.00 26.13  ? 36  PRO A CA  1 
ATOM   289  C  C   . PRO A 1 36  ? 17.456  -8.584  -3.545  1.00 25.73  ? 36  PRO A C   1 
ATOM   290  O  O   . PRO A 1 36  ? 17.857  -9.374  -2.698  1.00 24.89  ? 36  PRO A O   1 
ATOM   291  C  CB  . PRO A 1 36  ? 16.151  -6.667  -2.507  1.00 25.39  ? 36  PRO A CB  1 
ATOM   292  C  CG  . PRO A 1 36  ? 15.852  -7.144  -1.118  1.00 26.24  ? 36  PRO A CG  1 
ATOM   293  C  CD  . PRO A 1 36  ? 14.932  -8.320  -1.261  1.00 25.74  ? 36  PRO A CD  1 
ATOM   294  N  N   . VAL A 1 37  ? 18.145  -8.286  -4.642  1.00 25.11  ? 37  VAL A N   1 
ATOM   295  C  CA  . VAL A 1 37  ? 19.430  -8.914  -4.918  1.00 25.70  ? 37  VAL A CA  1 
ATOM   296  C  C   . VAL A 1 37  ? 20.582  -7.909  -4.870  1.00 26.67  ? 37  VAL A C   1 
ATOM   297  O  O   . VAL A 1 37  ? 20.657  -7.002  -5.699  1.00 25.99  ? 37  VAL A O   1 
ATOM   298  C  CB  . VAL A 1 37  ? 19.424  -9.600  -6.299  1.00 24.62  ? 37  VAL A CB  1 
ATOM   299  C  CG1 . VAL A 1 37  ? 20.745  -10.342 -6.521  1.00 27.98  ? 37  VAL A CG1 1 
ATOM   300  C  CG2 . VAL A 1 37  ? 18.255  -10.576 -6.390  1.00 25.33  ? 37  VAL A CG2 1 
HETATM 301  N  N   . MSE A 1 38  ? 21.477  -8.088  -3.900  1.00 28.45  ? 38  MSE A N   1 
HETATM 302  C  CA  . MSE A 1 38  ? 22.638  -7.206  -3.714  1.00 30.48  ? 38  MSE A CA  1 
HETATM 303  C  C   . MSE A 1 38  ? 23.914  -7.730  -4.378  1.00 30.57  ? 38  MSE A C   1 
HETATM 304  O  O   . MSE A 1 38  ? 24.209  -8.923  -4.343  1.00 29.49  ? 38  MSE A O   1 
HETATM 305  C  CB  . MSE A 1 38  ? 22.925  -6.996  -2.218  1.00 34.17  ? 38  MSE A CB  1 
HETATM 306  C  CG  . MSE A 1 38  ? 21.768  -6.402  -1.427  1.00 42.33  ? 38  MSE A CG  1 
HETATM 307  SE SE  . MSE A 1 38  ? 21.256  -4.827  -2.087  1.00 68.74  ? 38  MSE A SE  1 
HETATM 308  C  CE  . MSE A 1 38  ? 22.636  -3.749  -1.563  1.00 28.41  ? 38  MSE A CE  1 
ATOM   309  N  N   . GLU A 1 39  ? 24.673  -6.820  -4.972  1.00 31.40  ? 39  GLU A N   1 
ATOM   310  C  CA  . GLU A 1 39  ? 26.004  -7.132  -5.469  1.00 33.49  ? 39  GLU A CA  1 
ATOM   311  C  C   . GLU A 1 39  ? 26.863  -5.866  -5.442  1.00 34.33  ? 39  GLU A C   1 
ATOM   312  O  O   . GLU A 1 39  ? 26.398  -4.781  -5.798  1.00 33.80  ? 39  GLU A O   1 
ATOM   313  C  CB  . GLU A 1 39  ? 25.921  -7.669  -6.898  1.00 35.18  ? 39  GLU A CB  1 
ATOM   314  C  CG  . GLU A 1 39  ? 27.250  -8.165  -7.451  1.00 41.48  ? 39  GLU A CG  1 
ATOM   315  C  CD  . GLU A 1 39  ? 27.116  -8.751  -8.844  1.00 46.55  ? 39  GLU A CD  1 
ATOM   316  O  OE1 . GLU A 1 39  ? 26.470  -8.105  -9.699  1.00 48.68  ? 39  GLU A OE1 1 
ATOM   317  O  OE2 . GLU A 1 39  ? 27.653  -9.857  -9.084  1.00 44.45  ? 39  GLU A OE2 1 
ATOM   318  N  N   . GLY A 1 40  ? 28.115  -6.005  -5.021  1.00 33.94  ? 40  GLY A N   1 
ATOM   319  C  CA  . GLY A 1 40  ? 28.977  -4.842  -4.939  1.00 34.60  ? 40  GLY A CA  1 
ATOM   320  C  C   . GLY A 1 40  ? 28.378  -3.794  -4.021  1.00 35.02  ? 40  GLY A C   1 
ATOM   321  O  O   . GLY A 1 40  ? 28.694  -2.609  -4.121  1.00 33.73  ? 40  GLY A O   1 
ATOM   322  N  N   . GLY A 1 41  ? 27.500  -4.235  -3.126  1.00 35.20  ? 41  GLY A N   1 
ATOM   323  C  CA  . GLY A 1 41  ? 26.846  -3.312  -2.218  1.00 35.88  ? 41  GLY A CA  1 
ATOM   324  C  C   . GLY A 1 41  ? 25.802  -2.445  -2.900  1.00 35.78  ? 41  GLY A C   1 
ATOM   325  O  O   . GLY A 1 41  ? 25.348  -1.452  -2.334  1.00 37.39  ? 41  GLY A O   1 
ATOM   326  N  N   . ARG A 1 42  ? 25.420  -2.806  -4.118  1.00 34.46  ? 42  ARG A N   1 
ATOM   327  C  CA  . ARG A 1 42  ? 24.337  -2.104  -4.783  1.00 34.10  ? 42  ARG A CA  1 
ATOM   328  C  C   . ARG A 1 42  ? 23.194  -3.053  -5.173  1.00 31.97  ? 42  ARG A C   1 
ATOM   329  O  O   . ARG A 1 42  ? 23.393  -4.258  -5.309  1.00 30.36  ? 42  ARG A O   1 
ATOM   330  C  CB  . ARG A 1 42  ? 24.870  -1.366  -6.015  1.00 38.81  ? 42  ARG A CB  1 
ATOM   331  C  CG  . ARG A 1 42  ? 25.006  -2.212  -7.264  1.00 47.55  ? 42  ARG A CG  1 
ATOM   332  C  CD  . ARG A 1 42  ? 25.288  -1.319  -8.458  1.00 59.67  ? 42  ARG A CD  1 
ATOM   333  N  NE  . ARG A 1 42  ? 24.579  -0.047  -8.336  1.00 67.66  ? 42  ARG A NE  1 
ATOM   334  C  CZ  . ARG A 1 42  ? 24.614  0.926   -9.241  1.00 71.19  ? 42  ARG A CZ  1 
ATOM   335  N  NH1 . ARG A 1 42  ? 23.931  2.046   -9.032  1.00 71.87  ? 42  ARG A NH1 1 
ATOM   336  N  NH2 . ARG A 1 42  ? 25.330  0.782   -10.352 1.00 69.79  ? 42  ARG A NH2 1 
ATOM   337  N  N   . LEU A 1 43  ? 21.997  -2.498  -5.330  1.00 30.12  ? 43  LEU A N   1 
ATOM   338  C  CA  . LEU A 1 43  ? 20.827  -3.278  -5.713  1.00 28.04  ? 43  LEU A CA  1 
ATOM   339  C  C   . LEU A 1 43  ? 20.871  -3.576  -7.207  1.00 27.14  ? 43  LEU A C   1 
ATOM   340  O  O   . LEU A 1 43  ? 20.839  -2.661  -8.021  1.00 26.60  ? 43  LEU A O   1 
ATOM   341  C  CB  . LEU A 1 43  ? 19.557  -2.493  -5.385  1.00 29.42  ? 43  LEU A CB  1 
ATOM   342  C  CG  . LEU A 1 43  ? 18.218  -3.216  -5.546  1.00 31.86  ? 43  LEU A CG  1 
ATOM   343  C  CD1 . LEU A 1 43  ? 18.139  -4.381  -4.570  1.00 29.27  ? 43  LEU A CD1 1 
ATOM   344  C  CD2 . LEU A 1 43  ? 17.087  -2.236  -5.290  1.00 33.24  ? 43  LEU A CD2 1 
ATOM   345  N  N   . VAL A 1 44  ? 20.950  -4.851  -7.578  1.00 26.47  ? 44  VAL A N   1 
ATOM   346  C  CA  . VAL A 1 44  ? 21.126  -5.191  -8.989  1.00 26.26  ? 44  VAL A CA  1 
ATOM   347  C  C   . VAL A 1 44  ? 19.968  -5.986  -9.574  1.00 26.02  ? 44  VAL A C   1 
ATOM   348  O  O   . VAL A 1 44  ? 19.973  -6.325  -10.757 1.00 27.36  ? 44  VAL A O   1 
ATOM   349  C  CB  . VAL A 1 44  ? 22.438  -5.987  -9.229  1.00 26.52  ? 44  VAL A CB  1 
ATOM   350  C  CG1 . VAL A 1 44  ? 23.619  -5.218  -8.662  1.00 24.43  ? 44  VAL A CG1 1 
ATOM   351  C  CG2 . VAL A 1 44  ? 22.343  -7.380  -8.612  1.00 20.74  ? 44  VAL A CG2 1 
ATOM   352  N  N   . GLY A 1 45  ? 18.976  -6.287  -8.748  1.00 25.84  ? 45  GLY A N   1 
ATOM   353  C  CA  . GLY A 1 45  ? 17.863  -7.088  -9.221  1.00 24.31  ? 45  GLY A CA  1 
ATOM   354  C  C   . GLY A 1 45  ? 16.886  -7.451  -8.129  1.00 23.49  ? 45  GLY A C   1 
ATOM   355  O  O   . GLY A 1 45  ? 17.121  -7.184  -6.954  1.00 22.88  ? 45  GLY A O   1 
ATOM   356  N  N   . LEU A 1 46  ? 15.777  -8.068  -8.522  1.00 24.68  ? 46  LEU A N   1 
ATOM   357  C  CA  . LEU A 1 46  ? 14.731  -8.436  -7.580  1.00 24.67  ? 46  LEU A CA  1 
ATOM   358  C  C   . LEU A 1 46  ? 14.070  -9.742  -7.997  1.00 25.71  ? 46  LEU A C   1 
ATOM   359  O  O   . LEU A 1 46  ? 13.825  -9.976  -9.185  1.00 24.58  ? 46  LEU A O   1 
ATOM   360  C  CB  . LEU A 1 46  ? 13.684  -7.321  -7.498  1.00 28.39  ? 46  LEU A CB  1 
ATOM   361  C  CG  . LEU A 1 46  ? 12.632  -7.393  -6.385  1.00 29.67  ? 46  LEU A CG  1 
ATOM   362  C  CD1 . LEU A 1 46  ? 11.442  -8.189  -6.854  1.00 32.82  ? 46  LEU A CD1 1 
ATOM   363  C  CD2 . LEU A 1 46  ? 13.242  -8.010  -5.139  1.00 27.11  ? 46  LEU A CD2 1 
ATOM   364  N  N   . VAL A 1 47  ? 13.792  -10.591 -7.009  1.00 26.07  ? 47  VAL A N   1 
ATOM   365  C  CA  . VAL A 1 47  ? 13.163  -11.880 -7.256  1.00 26.98  ? 47  VAL A CA  1 
ATOM   366  C  C   . VAL A 1 47  ? 12.004  -12.118 -6.296  1.00 27.02  ? 47  VAL A C   1 
ATOM   367  O  O   . VAL A 1 47  ? 12.110  -11.830 -5.099  1.00 27.37  ? 47  VAL A O   1 
ATOM   368  C  CB  . VAL A 1 47  ? 14.185  -13.045 -7.104  1.00 27.36  ? 47  VAL A CB  1 
ATOM   369  C  CG1 . VAL A 1 47  ? 15.211  -12.999 -8.219  1.00 27.29  ? 47  VAL A CG1 1 
ATOM   370  C  CG2 . VAL A 1 47  ? 14.881  -12.944 -5.773  1.00 25.88  ? 47  VAL A CG2 1 
ATOM   371  N  N   . THR A 1 48  ? 10.903  -12.642 -6.823  1.00 26.90  ? 48  THR A N   1 
ATOM   372  C  CA  . THR A 1 48  ? 9.803   -13.109 -5.987  1.00 28.40  ? 48  THR A CA  1 
ATOM   373  C  C   . THR A 1 48  ? 9.808   -14.634 -5.849  1.00 30.21  ? 48  THR A C   1 
ATOM   374  O  O   . THR A 1 48  ? 10.506  -15.341 -6.581  1.00 29.59  ? 48  THR A O   1 
ATOM   375  C  CB  . THR A 1 48  ? 8.447   -12.713 -6.566  1.00 27.90  ? 48  THR A CB  1 
ATOM   376  O  OG1 . THR A 1 48  ? 8.227   -13.435 -7.782  1.00 22.92  ? 48  THR A OG1 1 
ATOM   377  C  CG2 . THR A 1 48  ? 8.399   -11.214 -6.842  1.00 27.27  ? 48  THR A CG2 1 
ATOM   378  N  N   . ASP A 1 49  ? 9.013   -15.131 -4.907  1.00 31.42  ? 49  ASP A N   1 
ATOM   379  C  CA  . ASP A 1 49  ? 8.825   -16.562 -4.731  1.00 32.59  ? 49  ASP A CA  1 
ATOM   380  C  C   . ASP A 1 49  ? 8.271   -17.159 -6.022  1.00 34.27  ? 49  ASP A C   1 
ATOM   381  O  O   . ASP A 1 49  ? 8.679   -18.248 -6.434  1.00 35.30  ? 49  ASP A O   1 
ATOM   382  C  CB  . ASP A 1 49  ? 7.856   -16.820 -3.572  1.00 36.06  ? 49  ASP A CB  1 
ATOM   383  C  CG  . ASP A 1 49  ? 7.899   -18.260 -3.075  1.00 39.81  ? 49  ASP A CG  1 
ATOM   384  O  OD1 . ASP A 1 49  ? 8.899   -18.644 -2.436  1.00 42.88  ? 49  ASP A OD1 1 
ATOM   385  O  OD2 . ASP A 1 49  ? 6.930   -19.008 -3.317  1.00 44.56  ? 49  ASP A OD2 1 
ATOM   386  N  N   . LYS A 1 50  ? 7.352   -16.445 -6.667  1.00 33.64  ? 50  LYS A N   1 
ATOM   387  C  CA  . LYS A 1 50  ? 6.837   -16.878 -7.963  1.00 34.82  ? 50  LYS A CA  1 
ATOM   388  C  C   . LYS A 1 50  ? 7.947   -17.033 -9.002  1.00 34.87  ? 50  LYS A C   1 
ATOM   389  O  O   . LYS A 1 50  ? 8.118   -18.110 -9.573  1.00 35.02  ? 50  LYS A O   1 
ATOM   390  C  CB  . LYS A 1 50  ? 5.799   -15.887 -8.485  1.00 39.01  ? 50  LYS A CB  1 
ATOM   391  C  CG  . LYS A 1 50  ? 4.359   -16.262 -8.195  1.00 43.50  ? 50  LYS A CG  1 
ATOM   392  C  CD  . LYS A 1 50  ? 3.420   -15.660 -9.238  1.00 49.97  ? 50  LYS A CD  1 
ATOM   393  C  CE  . LYS A 1 50  ? 3.669   -16.265 -10.618 1.00 52.22  ? 50  LYS A CE  1 
ATOM   394  N  NZ  . LYS A 1 50  ? 2.895   -15.577 -11.690 1.00 56.36  ? 50  LYS A NZ  1 
ATOM   395  N  N   . ASP A 1 51  ? 8.689   -15.954 -9.253  1.00 34.37  ? 51  ASP A N   1 
ATOM   396  C  CA  . ASP A 1 51  ? 9.845   -15.999 -10.149 1.00 35.35  ? 51  ASP A CA  1 
ATOM   397  C  C   . ASP A 1 51  ? 10.685  -17.268 -9.928  1.00 34.55  ? 51  ASP A C   1 
ATOM   398  O  O   . ASP A 1 51  ? 11.038  -17.962 -10.881 1.00 33.64  ? 51  ASP A O   1 
ATOM   399  C  CB  . ASP A 1 51  ? 10.746  -14.773 -9.931  1.00 37.81  ? 51  ASP A CB  1 
ATOM   400  C  CG  . ASP A 1 51  ? 10.118  -13.473 -10.417 1.00 40.20  ? 51  ASP A CG  1 
ATOM   401  O  OD1 . ASP A 1 51  ? 10.706  -12.404 -10.140 1.00 40.41  ? 51  ASP A OD1 1 
ATOM   402  O  OD2 . ASP A 1 51  ? 9.047   -13.514 -11.070 1.00 38.06  ? 51  ASP A OD2 1 
ATOM   403  N  N   . LEU A 1 52  ? 11.005  -17.560 -8.670  1.00 33.25  ? 52  LEU A N   1 
ATOM   404  C  CA  . LEU A 1 52  ? 11.831  -18.714 -8.343  1.00 34.45  ? 52  LEU A CA  1 
ATOM   405  C  C   . LEU A 1 52  ? 11.135  -20.036 -8.677  1.00 34.99  ? 52  LEU A C   1 
ATOM   406  O  O   . LEU A 1 52  ? 11.736  -20.926 -9.273  1.00 34.32  ? 52  LEU A O   1 
ATOM   407  C  CB  . LEU A 1 52  ? 12.198  -18.692 -6.857  1.00 32.98  ? 52  LEU A CB  1 
ATOM   408  C  CG  . LEU A 1 52  ? 13.455  -17.960 -6.369  1.00 36.49  ? 52  LEU A CG  1 
ATOM   409  C  CD1 . LEU A 1 52  ? 14.219  -17.310 -7.535  1.00 26.38  ? 52  LEU A CD1 1 
ATOM   410  C  CD2 . LEU A 1 52  ? 13.034  -16.924 -5.329  1.00 33.70  ? 52  LEU A CD2 1 
ATOM   411  N  N   . LYS A 1 53  ? 9.867   -20.149 -8.290  1.00 36.41  ? 53  LYS A N   1 
ATOM   412  C  CA  . LYS A 1 53  ? 9.070   -21.349 -8.533  1.00 37.47  ? 53  LYS A CA  1 
ATOM   413  C  C   . LYS A 1 53  ? 8.809   -21.601 -10.018 1.00 39.16  ? 53  LYS A C   1 
ATOM   414  O  O   . LYS A 1 53  ? 8.875   -22.742 -10.473 1.00 39.03  ? 53  LYS A O   1 
ATOM   415  C  CB  . LYS A 1 53  ? 7.728   -21.242 -7.803  1.00 37.83  ? 53  LYS A CB  1 
ATOM   416  C  CG  . LYS A 1 53  ? 7.724   -21.733 -6.363  1.00 34.46  ? 53  LYS A CG  1 
ATOM   417  C  CD  . LYS A 1 53  ? 8.900   -21.217 -5.559  1.00 42.84  ? 53  LYS A CD  1 
ATOM   418  C  CE  . LYS A 1 53  ? 8.791   -21.675 -4.114  1.00 38.57  ? 53  LYS A CE  1 
ATOM   419  N  NZ  . LYS A 1 53  ? 7.387   -21.568 -3.628  1.00 34.68  ? 53  LYS A NZ  1 
ATOM   420  N  N   . ASP A 1 54  ? 8.507   -20.543 -10.767 1.00 40.42  ? 54  ASP A N   1 
ATOM   421  C  CA  . ASP A 1 54  ? 8.158   -20.684 -12.181 1.00 43.28  ? 54  ASP A CA  1 
ATOM   422  C  C   . ASP A 1 54  ? 9.386   -20.720 -13.084 1.00 44.36  ? 54  ASP A C   1 
ATOM   423  O  O   . ASP A 1 54  ? 9.262   -20.732 -14.310 1.00 43.97  ? 54  ASP A O   1 
ATOM   424  C  CB  . ASP A 1 54  ? 7.238   -19.539 -12.632 1.00 43.72  ? 54  ASP A CB  1 
ATOM   425  C  CG  . ASP A 1 54  ? 5.832   -19.640 -12.048 1.00 44.83  ? 54  ASP A CG  1 
ATOM   426  O  OD1 . ASP A 1 54  ? 5.557   -20.589 -11.281 1.00 42.46  ? 54  ASP A OD1 1 
ATOM   427  O  OD2 . ASP A 1 54  ? 4.998   -18.759 -12.358 1.00 46.30  ? 54  ASP A OD2 1 
ATOM   428  N  N   . ALA A 1 55  ? 10.568  -20.732 -12.473 1.00 45.42  ? 55  ALA A N   1 
ATOM   429  C  CA  . ALA A 1 55  ? 11.816  -20.757 -13.224 1.00 48.09  ? 55  ALA A CA  1 
ATOM   430  C  C   . ALA A 1 55  ? 11.805  -21.889 -14.242 1.00 50.30  ? 55  ALA A C   1 
ATOM   431  O  O   . ALA A 1 55  ? 11.480  -23.026 -13.905 1.00 49.93  ? 55  ALA A O   1 
ATOM   432  C  CB  . ALA A 1 55  ? 12.992  -20.932 -12.271 1.00 44.80  ? 55  ALA A CB  1 
HETATM 433  N  N   . MSE A 1 56  ? 12.150  -21.577 -15.487 1.00 53.49  ? 56  MSE A N   1 
HETATM 434  C  CA  . MSE A 1 56  ? 12.348  -22.612 -16.497 1.00 57.19  ? 56  MSE A CA  1 
HETATM 435  C  C   . MSE A 1 56  ? 13.715  -22.504 -17.153 1.00 57.97  ? 56  MSE A C   1 
HETATM 436  O  O   . MSE A 1 56  ? 13.987  -21.556 -17.895 1.00 58.25  ? 56  MSE A O   1 
HETATM 437  C  CB  . MSE A 1 56  ? 11.254  -22.545 -17.563 1.00 65.05  ? 56  MSE A CB  1 
HETATM 438  C  CG  . MSE A 1 56  ? 11.029  -21.182 -18.180 1.00 80.90  ? 56  MSE A CG  1 
HETATM 439  SE SE  . MSE A 1 56  ? 9.458   -21.135 -19.077 1.00 108.83 ? 56  MSE A SE  1 
HETATM 440  C  CE  . MSE A 1 56  ? 8.305   -21.561 -17.763 1.00 97.11  ? 56  MSE A CE  1 
ATOM   441  N  N   . PRO A 1 57  ? 14.594  -23.489 -16.891 1.00 58.75  ? 57  PRO A N   1 
ATOM   442  C  CA  . PRO A 1 57  ? 15.962  -23.559 -17.429 1.00 59.10  ? 57  PRO A CA  1 
ATOM   443  C  C   . PRO A 1 57  ? 16.036  -23.394 -18.946 1.00 59.55  ? 57  PRO A C   1 
ATOM   444  O  O   . PRO A 1 57  ? 17.127  -23.023 -19.436 1.00 60.07  ? 57  PRO A O   1 
ATOM   445  C  CB  . PRO A 1 57  ? 16.455  -24.937 -16.986 1.00 59.26  ? 57  PRO A CB  1 
ATOM   446  C  CG  . PRO A 1 57  ? 15.617  -25.267 -15.791 1.00 58.44  ? 57  PRO A CG  1 
ATOM   447  C  CD  . PRO A 1 57  ? 14.270  -24.673 -16.075 1.00 57.38  ? 57  PRO A CD  1 
ATOM   448  N  N   . LEU A 1 63  ? 13.727  -32.587 -22.199 1.00 49.30  ? 63  LEU A N   1 
ATOM   449  C  CA  . LEU A 1 63  ? 14.288  -32.900 -20.853 1.00 49.31  ? 63  LEU A CA  1 
ATOM   450  C  C   . LEU A 1 63  ? 13.515  -34.013 -20.160 1.00 48.96  ? 63  LEU A C   1 
ATOM   451  O  O   . LEU A 1 63  ? 12.295  -34.115 -20.299 1.00 49.04  ? 63  LEU A O   1 
ATOM   452  C  CB  . LEU A 1 63  ? 14.255  -31.664 -19.949 1.00 51.61  ? 63  LEU A CB  1 
ATOM   453  C  CG  . LEU A 1 63  ? 14.970  -30.381 -20.381 1.00 58.10  ? 63  LEU A CG  1 
ATOM   454  C  CD1 . LEU A 1 63  ? 14.856  -29.362 -19.250 1.00 58.62  ? 63  LEU A CD1 1 
ATOM   455  C  CD2 . LEU A 1 63  ? 16.435  -30.660 -20.713 1.00 60.11  ? 63  LEU A CD2 1 
ATOM   456  N  N   . SER A 1 64  ? 14.238  -34.829 -19.399 1.00 48.56  ? 64  SER A N   1 
ATOM   457  C  CA  . SER A 1 64  ? 13.627  -35.770 -18.468 1.00 46.84  ? 64  SER A CA  1 
ATOM   458  C  C   . SER A 1 64  ? 13.501  -35.115 -17.098 1.00 46.33  ? 64  SER A C   1 
ATOM   459  O  O   . SER A 1 64  ? 13.879  -33.953 -16.916 1.00 45.91  ? 64  SER A O   1 
ATOM   460  C  CB  . SER A 1 64  ? 14.488  -37.022 -18.343 1.00 47.95  ? 64  SER A CB  1 
ATOM   461  O  OG  . SER A 1 64  ? 15.760  -36.701 -17.807 1.00 46.71  ? 64  SER A OG  1 
ATOM   462  N  N   . VAL A 1 65  ? 12.982  -35.870 -16.134 1.00 45.04  ? 65  VAL A N   1 
ATOM   463  C  CA  . VAL A 1 65  ? 12.814  -35.366 -14.780 1.00 44.20  ? 65  VAL A CA  1 
ATOM   464  C  C   . VAL A 1 65  ? 14.135  -34.946 -14.128 1.00 44.66  ? 65  VAL A C   1 
ATOM   465  O  O   . VAL A 1 65  ? 14.153  -34.000 -13.341 1.00 43.86  ? 65  VAL A O   1 
ATOM   466  C  CB  . VAL A 1 65  ? 12.127  -36.413 -13.879 1.00 43.39  ? 65  VAL A CB  1 
ATOM   467  C  CG1 . VAL A 1 65  ? 11.908  -35.839 -12.485 1.00 42.87  ? 65  VAL A CG1 1 
ATOM   468  C  CG2 . VAL A 1 65  ? 10.804  -36.823 -14.485 1.00 43.18  ? 65  VAL A CG2 1 
ATOM   469  N  N   . TRP A 1 66  ? 15.234  -35.633 -14.446 1.00 45.43  ? 66  TRP A N   1 
ATOM   470  C  CA  . TRP A 1 66  ? 16.535  -35.266 -13.871 1.00 46.77  ? 66  TRP A CA  1 
ATOM   471  C  C   . TRP A 1 66  ? 17.328  -34.240 -14.629 1.00 46.33  ? 66  TRP A C   1 
ATOM   472  O  O   . TRP A 1 66  ? 18.088  -33.495 -14.027 1.00 47.09  ? 66  TRP A O   1 
ATOM   473  C  CB  . TRP A 1 66  ? 17.433  -36.477 -13.685 1.00 49.97  ? 66  TRP A CB  1 
ATOM   474  C  CG  . TRP A 1 66  ? 16.943  -37.335 -12.633 1.00 52.49  ? 66  TRP A CG  1 
ATOM   475  C  CD1 . TRP A 1 66  ? 17.056  -37.145 -11.285 1.00 52.98  ? 66  TRP A CD1 1 
ATOM   476  C  CD2 . TRP A 1 66  ? 16.140  -38.483 -12.817 1.00 52.08  ? 66  TRP A CD2 1 
ATOM   477  N  NE1 . TRP A 1 66  ? 16.351  -38.110 -10.614 1.00 50.80  ? 66  TRP A NE1 1 
ATOM   478  C  CE2 . TRP A 1 66  ? 15.777  -38.946 -11.536 1.00 49.38  ? 66  TRP A CE2 1 
ATOM   479  C  CE3 . TRP A 1 66  ? 15.682  -39.167 -13.949 1.00 53.72  ? 66  TRP A CE3 1 
ATOM   480  C  CZ2 . TRP A 1 66  ? 14.982  -40.056 -11.353 1.00 51.67  ? 66  TRP A CZ2 1 
ATOM   481  C  CZ3 . TRP A 1 66  ? 14.895  -40.266 -13.774 1.00 55.24  ? 66  TRP A CZ3 1 
ATOM   482  C  CH2 . TRP A 1 66  ? 14.546  -40.706 -12.481 1.00 55.30  ? 66  TRP A CH2 1 
ATOM   483  N  N   . GLU A 1 67  ? 17.193  -34.212 -15.946 1.00 46.20  ? 67  GLU A N   1 
ATOM   484  C  CA  . GLU A 1 67  ? 17.855  -33.164 -16.695 1.00 47.36  ? 67  GLU A CA  1 
ATOM   485  C  C   . GLU A 1 67  ? 17.283  -31.866 -16.133 1.00 46.78  ? 67  GLU A C   1 
ATOM   486  O  O   . GLU A 1 67  ? 18.021  -30.945 -15.783 1.00 45.81  ? 67  GLU A O   1 
ATOM   487  C  CB  . GLU A 1 67  ? 17.558  -33.299 -18.191 1.00 50.39  ? 67  GLU A CB  1 
ATOM   488  C  CG  . GLU A 1 67  ? 18.805  -33.508 -19.042 1.00 62.00  ? 67  GLU A CG  1 
ATOM   489  C  CD  . GLU A 1 67  ? 18.724  -34.738 -19.943 1.00 68.15  ? 67  GLU A CD  1 
ATOM   490  O  OE1 . GLU A 1 67  ? 18.182  -35.775 -19.502 1.00 70.31  ? 67  GLU A OE1 1 
ATOM   491  O  OE2 . GLU A 1 67  ? 19.209  -34.666 -21.094 1.00 69.21  ? 67  GLU A OE2 1 
HETATM 492  N  N   . MSE A 1 68  ? 15.961  -31.832 -16.010 1.00 46.60  ? 68  MSE A N   1 
HETATM 493  C  CA  . MSE A 1 68  ? 15.262  -30.699 -15.413 1.00 46.73  ? 68  MSE A CA  1 
HETATM 494  C  C   . MSE A 1 68  ? 15.740  -30.447 -13.981 1.00 44.85  ? 68  MSE A C   1 
HETATM 495  O  O   . MSE A 1 68  ? 16.119  -29.331 -13.629 1.00 44.58  ? 68  MSE A O   1 
HETATM 496  C  CB  . MSE A 1 68  ? 13.750  -30.968 -15.426 1.00 50.62  ? 68  MSE A CB  1 
HETATM 497  C  CG  . MSE A 1 68  ? 12.964  -30.263 -14.327 1.00 60.63  ? 68  MSE A CG  1 
HETATM 498  SE SE  . MSE A 1 68  ? 12.006  -28.875 -14.942 1.00 83.06  ? 68  MSE A SE  1 
HETATM 499  C  CE  . MSE A 1 68  ? 13.272  -27.924 -15.742 1.00 72.58  ? 68  MSE A CE  1 
ATOM   500  N  N   . ASN A 1 69  ? 15.725  -31.497 -13.168 1.00 42.90  ? 69  ASN A N   1 
ATOM   501  C  CA  . ASN A 1 69  ? 16.092  -31.404 -11.762 1.00 40.94  ? 69  ASN A CA  1 
ATOM   502  C  C   . ASN A 1 69  ? 17.540  -30.925 -11.600 1.00 39.75  ? 69  ASN A C   1 
ATOM   503  O  O   . ASN A 1 69  ? 17.851  -30.128 -10.719 1.00 39.06  ? 69  ASN A O   1 
ATOM   504  C  CB  . ASN A 1 69  ? 15.922  -32.776 -11.112 1.00 43.20  ? 69  ASN A CB  1 
ATOM   505  C  CG  . ASN A 1 69  ? 15.309  -32.693 -9.734  1.00 49.73  ? 69  ASN A CG  1 
ATOM   506  O  OD1 . ASN A 1 69  ? 14.095  -32.834 -9.575  1.00 48.65  ? 69  ASN A OD1 1 
ATOM   507  N  ND2 . ASN A 1 69  ? 16.146  -32.465 -8.724  1.00 55.57  ? 69  ASN A ND2 1 
ATOM   508  N  N   . TYR A 1 70  ? 18.414  -31.425 -12.463 1.00 38.82  ? 70  TYR A N   1 
ATOM   509  C  CA  . TYR A 1 70  ? 19.817  -31.054 -12.466 1.00 38.59  ? 70  TYR A CA  1 
ATOM   510  C  C   . TYR A 1 70  ? 19.931  -29.588 -12.848 1.00 38.20  ? 70  TYR A C   1 
ATOM   511  O  O   . TYR A 1 70  ? 20.773  -28.853 -12.328 1.00 38.86  ? 70  TYR A O   1 
ATOM   512  C  CB  . TYR A 1 70  ? 20.571  -31.923 -13.481 1.00 39.15  ? 70  TYR A CB  1 
ATOM   513  C  CG  . TYR A 1 70  ? 22.053  -31.634 -13.580 1.00 40.94  ? 70  TYR A CG  1 
ATOM   514  C  CD1 . TYR A 1 70  ? 22.969  -32.316 -12.778 1.00 43.52  ? 70  TYR A CD1 1 
ATOM   515  C  CD2 . TYR A 1 70  ? 22.543  -30.686 -14.480 1.00 43.17  ? 70  TYR A CD2 1 
ATOM   516  C  CE1 . TYR A 1 70  ? 24.336  -32.063 -12.867 1.00 48.54  ? 70  TYR A CE1 1 
ATOM   517  C  CE2 . TYR A 1 70  ? 23.912  -30.424 -14.578 1.00 48.56  ? 70  TYR A CE2 1 
ATOM   518  C  CZ  . TYR A 1 70  ? 24.802  -31.118 -13.769 1.00 50.62  ? 70  TYR A CZ  1 
ATOM   519  O  OH  . TYR A 1 70  ? 26.156  -30.875 -13.859 1.00 51.73  ? 70  TYR A OH  1 
ATOM   520  N  N   . LEU A 1 71  ? 19.073  -29.166 -13.766 1.00 38.01  ? 71  LEU A N   1 
ATOM   521  C  CA  . LEU A 1 71  ? 19.113  -27.800 -14.252 1.00 36.65  ? 71  LEU A CA  1 
ATOM   522  C  C   . LEU A 1 71  ? 18.648  -26.785 -13.209 1.00 35.01  ? 71  LEU A C   1 
ATOM   523  O  O   . LEU A 1 71  ? 19.263  -25.726 -13.069 1.00 34.33  ? 71  LEU A O   1 
ATOM   524  C  CB  . LEU A 1 71  ? 18.284  -27.674 -15.531 1.00 34.53  ? 71  LEU A CB  1 
ATOM   525  C  CG  . LEU A 1 71  ? 18.940  -28.294 -16.772 1.00 37.01  ? 71  LEU A CG  1 
ATOM   526  C  CD1 . LEU A 1 71  ? 18.123  -27.943 -18.005 1.00 37.48  ? 71  LEU A CD1 1 
ATOM   527  C  CD2 . LEU A 1 71  ? 20.371  -27.793 -16.924 1.00 29.49  ? 71  LEU A CD2 1 
ATOM   528  N  N   . LEU A 1 72  ? 17.584  -27.108 -12.476 1.00 33.21  ? 72  LEU A N   1 
ATOM   529  C  CA  . LEU A 1 72  ? 17.106  -26.228 -11.412 1.00 33.16  ? 72  LEU A CA  1 
ATOM   530  C  C   . LEU A 1 72  ? 18.179  -26.128 -10.338 1.00 33.18  ? 72  LEU A C   1 
ATOM   531  O  O   . LEU A 1 72  ? 18.438  -25.058 -9.795  1.00 33.37  ? 72  LEU A O   1 
ATOM   532  C  CB  . LEU A 1 72  ? 15.829  -26.778 -10.782 1.00 34.62  ? 72  LEU A CB  1 
ATOM   533  C  CG  . LEU A 1 72  ? 14.804  -27.449 -11.693 1.00 41.20  ? 72  LEU A CG  1 
ATOM   534  C  CD1 . LEU A 1 72  ? 14.280  -28.699 -10.993 1.00 49.40  ? 72  LEU A CD1 1 
ATOM   535  C  CD2 . LEU A 1 72  ? 13.664  -26.506 -12.020 1.00 37.44  ? 72  LEU A CD2 1 
ATOM   536  N  N   . ALA A 1 73  ? 18.813  -27.261 -10.055 1.00 34.44  ? 73  ALA A N   1 
ATOM   537  C  CA  . ALA A 1 73  ? 19.804  -27.355 -8.993  1.00 33.66  ? 73  ALA A CA  1 
ATOM   538  C  C   . ALA A 1 73  ? 20.935  -26.367 -9.212  1.00 33.82  ? 73  ALA A C   1 
ATOM   539  O  O   . ALA A 1 73  ? 21.547  -25.893 -8.254  1.00 34.73  ? 73  ALA A O   1 
ATOM   540  C  CB  . ALA A 1 73  ? 20.358  -28.779 -8.916  1.00 34.14  ? 73  ALA A CB  1 
ATOM   541  N  N   . LYS A 1 74  ? 21.213  -26.051 -10.473 1.00 32.98  ? 74  LYS A N   1 
ATOM   542  C  CA  . LYS A 1 74  ? 22.336  -25.185 -10.795 1.00 32.93  ? 74  LYS A CA  1 
ATOM   543  C  C   . LYS A 1 74  ? 21.933  -23.788 -11.276 1.00 32.76  ? 74  LYS A C   1 
ATOM   544  O  O   . LYS A 1 74  ? 22.781  -22.904 -11.415 1.00 32.87  ? 74  LYS A O   1 
ATOM   545  C  CB  . LYS A 1 74  ? 23.228  -25.862 -11.834 1.00 33.93  ? 74  LYS A CB  1 
ATOM   546  C  CG  . LYS A 1 74  ? 24.150  -26.924 -11.241 1.00 43.85  ? 74  LYS A CG  1 
ATOM   547  C  CD  . LYS A 1 74  ? 24.772  -27.818 -12.308 1.00 44.59  ? 74  LYS A CD  1 
ATOM   548  C  CE  . LYS A 1 74  ? 25.430  -27.009 -13.420 1.00 50.30  ? 74  LYS A CE  1 
ATOM   549  N  NZ  . LYS A 1 74  ? 24.427  -26.386 -14.335 1.00 51.65  ? 74  LYS A NZ  1 
ATOM   550  N  N   . LEU A 1 75  ? 20.645  -23.583 -11.529 1.00 31.20  ? 75  LEU A N   1 
ATOM   551  C  CA  . LEU A 1 75  ? 20.174  -22.259 -11.925 1.00 31.24  ? 75  LEU A CA  1 
ATOM   552  C  C   . LEU A 1 75  ? 20.448  -21.274 -10.782 1.00 30.19  ? 75  LEU A C   1 
ATOM   553  O  O   . LEU A 1 75  ? 20.190  -21.579 -9.617  1.00 29.16  ? 75  LEU A O   1 
ATOM   554  C  CB  . LEU A 1 75  ? 18.674  -22.305 -12.238 1.00 30.29  ? 75  LEU A CB  1 
ATOM   555  C  CG  . LEU A 1 75  ? 18.040  -21.109 -12.957 1.00 33.52  ? 75  LEU A CG  1 
ATOM   556  C  CD1 . LEU A 1 75  ? 18.653  -20.942 -14.340 1.00 29.19  ? 75  LEU A CD1 1 
ATOM   557  C  CD2 . LEU A 1 75  ? 16.536  -21.336 -13.081 1.00 28.06  ? 75  LEU A CD2 1 
ATOM   558  N  N   . THR A 1 76  ? 20.985  -20.103 -11.121 1.00 30.33  ? 76  THR A N   1 
ATOM   559  C  CA  . THR A 1 76  ? 21.288  -19.075 -10.122 1.00 29.55  ? 76  THR A CA  1 
ATOM   560  C  C   . THR A 1 76  ? 20.298  -17.912 -10.170 1.00 28.81  ? 76  THR A C   1 
ATOM   561  O  O   . THR A 1 76  ? 19.659  -17.670 -11.193 1.00 28.26  ? 76  THR A O   1 
ATOM   562  C  CB  . THR A 1 76  ? 22.706  -18.507 -10.322 1.00 30.15  ? 76  THR A CB  1 
ATOM   563  O  OG1 . THR A 1 76  ? 22.783  -17.824 -11.583 1.00 27.74  ? 76  THR A OG1 1 
ATOM   564  C  CG2 . THR A 1 76  ? 23.732  -19.636 -10.300 1.00 30.80  ? 76  THR A CG2 1 
ATOM   565  N  N   . VAL A 1 77  ? 20.189  -17.194 -9.055  1.00 28.97  ? 77  VAL A N   1 
ATOM   566  C  CA  . VAL A 1 77  ? 19.315  -16.022 -8.947  1.00 29.12  ? 77  VAL A CA  1 
ATOM   567  C  C   . VAL A 1 77  ? 19.515  -15.018 -10.084 1.00 29.25  ? 77  VAL A C   1 
ATOM   568  O  O   . VAL A 1 77  ? 18.561  -14.390 -10.546 1.00 27.46  ? 77  VAL A O   1 
ATOM   569  C  CB  . VAL A 1 77  ? 19.535  -15.310 -7.584  1.00 30.39  ? 77  VAL A CB  1 
ATOM   570  C  CG1 . VAL A 1 77  ? 18.852  -13.961 -7.562  1.00 28.79  ? 77  VAL A CG1 1 
ATOM   571  C  CG2 . VAL A 1 77  ? 18.985  -16.180 -6.460  1.00 30.21  ? 77  VAL A CG2 1 
ATOM   572  N  N   . ARG A 1 78  ? 20.757  -14.881 -10.542 1.00 30.93  ? 78  ARG A N   1 
ATOM   573  C  CA  . ARG A 1 78  ? 21.078  -13.930 -11.597 1.00 32.28  ? 78  ARG A CA  1 
ATOM   574  C  C   . ARG A 1 78  ? 20.286  -14.180 -12.874 1.00 32.82  ? 78  ARG A C   1 
ATOM   575  O  O   . ARG A 1 78  ? 19.957  -13.243 -13.593 1.00 32.53  ? 78  ARG A O   1 
ATOM   576  C  CB  . ARG A 1 78  ? 22.574  -13.972 -11.913 1.00 32.20  ? 78  ARG A CB  1 
ATOM   577  C  CG  . ARG A 1 78  ? 23.025  -12.846 -12.839 1.00 32.86  ? 78  ARG A CG  1 
ATOM   578  C  CD  . ARG A 1 78  ? 24.453  -13.049 -13.334 1.00 43.40  ? 78  ARG A CD  1 
ATOM   579  N  NE  . ARG A 1 78  ? 25.391  -13.322 -12.246 1.00 48.37  ? 78  ARG A NE  1 
ATOM   580  C  CZ  . ARG A 1 78  ? 25.966  -12.381 -11.504 1.00 49.39  ? 78  ARG A CZ  1 
ATOM   581  N  NH1 . ARG A 1 78  ? 25.698  -11.100 -11.730 1.00 47.30  ? 78  ARG A NH1 1 
ATOM   582  N  NH2 . ARG A 1 78  ? 26.810  -12.721 -10.538 1.00 47.88  ? 78  ARG A NH2 1 
ATOM   583  N  N   . GLU A 1 79  ? 19.975  -15.445 -13.144 1.00 33.84  ? 79  GLU A N   1 
ATOM   584  C  CA  . GLU A 1 79  ? 19.339  -15.839 -14.397 1.00 34.61  ? 79  GLU A CA  1 
ATOM   585  C  C   . GLU A 1 79  ? 17.832  -15.617 -14.399 1.00 34.63  ? 79  GLU A C   1 
ATOM   586  O  O   . GLU A 1 79  ? 17.183  -15.715 -15.444 1.00 35.21  ? 79  GLU A O   1 
ATOM   587  C  CB  . GLU A 1 79  ? 19.642  -17.313 -14.692 1.00 36.46  ? 79  GLU A CB  1 
ATOM   588  C  CG  . GLU A 1 79  ? 21.137  -17.613 -14.789 1.00 50.55  ? 79  GLU A CG  1 
ATOM   589  C  CD  . GLU A 1 79  ? 21.428  -19.058 -15.143 1.00 62.00  ? 79  GLU A CD  1 
ATOM   590  O  OE1 . GLU A 1 79  ? 22.236  -19.699 -14.429 1.00 66.40  ? 79  GLU A OE1 1 
ATOM   591  O  OE2 . GLU A 1 79  ? 20.853  -19.552 -16.137 1.00 69.01  ? 79  GLU A OE2 1 
ATOM   592  N  N   . VAL A 1 80  ? 17.268  -15.317 -13.234 1.00 32.91  ? 80  VAL A N   1 
ATOM   593  C  CA  . VAL A 1 80  ? 15.823  -15.146 -13.127 1.00 30.45  ? 80  VAL A CA  1 
ATOM   594  C  C   . VAL A 1 80  ? 15.409  -13.817 -12.491 1.00 28.31  ? 80  VAL A C   1 
ATOM   595  O  O   . VAL A 1 80  ? 14.222  -13.502 -12.431 1.00 27.87  ? 80  VAL A O   1 
ATOM   596  C  CB  . VAL A 1 80  ? 15.191  -16.302 -12.315 1.00 30.70  ? 80  VAL A CB  1 
ATOM   597  C  CG1 . VAL A 1 80  ? 15.449  -17.628 -13.021 1.00 28.76  ? 80  VAL A CG1 1 
ATOM   598  C  CG2 . VAL A 1 80  ? 15.776  -16.332 -10.904 1.00 26.29  ? 80  VAL A CG2 1 
HETATM 599  N  N   . MSE A 1 81  ? 16.376  -13.044 -12.010 1.00 26.02  ? 81  MSE A N   1 
HETATM 600  C  CA  . MSE A 1 81  ? 16.041  -11.804 -11.320 1.00 25.80  ? 81  MSE A CA  1 
HETATM 601  C  C   . MSE A 1 81  ? 15.540  -10.741 -12.294 1.00 23.88  ? 81  MSE A C   1 
HETATM 602  O  O   . MSE A 1 81  ? 15.849  -10.776 -13.489 1.00 23.61  ? 81  MSE A O   1 
HETATM 603  C  CB  . MSE A 1 81  ? 17.243  -11.280 -10.513 1.00 28.96  ? 81  MSE A CB  1 
HETATM 604  C  CG  . MSE A 1 81  ? 18.473  -10.880 -11.321 1.00 38.60  ? 81  MSE A CG  1 
HETATM 605  SE SE  . MSE A 1 81  ? 19.865  -10.391 -10.254 1.00 53.73  ? 81  MSE A SE  1 
HETATM 606  C  CE  . MSE A 1 81  ? 20.778  -9.358  -11.383 1.00 45.16  ? 81  MSE A CE  1 
ATOM   607  N  N   . ALA A 1 82  ? 14.740  -9.814  -11.780 1.00 22.24  ? 82  ALA A N   1 
ATOM   608  C  CA  . ALA A 1 82  ? 14.147  -8.775  -12.615 1.00 21.75  ? 82  ALA A CA  1 
ATOM   609  C  C   . ALA A 1 82  ? 14.952  -7.501  -12.488 1.00 23.13  ? 82  ALA A C   1 
ATOM   610  O  O   . ALA A 1 82  ? 15.439  -7.174  -11.404 1.00 21.05  ? 82  ALA A O   1 
ATOM   611  C  CB  . ALA A 1 82  ? 12.716  -8.511  -12.197 1.00 18.36  ? 82  ALA A CB  1 
ATOM   612  N  N   . ARG A 1 83  ? 15.096  -6.792  -13.602 1.00 23.56  ? 83  ARG A N   1 
ATOM   613  C  CA  . ARG A 1 83  ? 15.616  -5.437  -13.575 1.00 26.43  ? 83  ARG A CA  1 
ATOM   614  C  C   . ARG A 1 83  ? 15.148  -4.637  -14.789 1.00 28.37  ? 83  ARG A C   1 
ATOM   615  O  O   . ARG A 1 83  ? 14.716  -5.196  -15.796 1.00 29.00  ? 83  ARG A O   1 
ATOM   616  C  CB  . ARG A 1 83  ? 17.147  -5.444  -13.496 1.00 27.23  ? 83  ARG A CB  1 
ATOM   617  C  CG  . ARG A 1 83  ? 17.863  -5.963  -14.720 1.00 31.79  ? 83  ARG A CG  1 
ATOM   618  C  CD  . ARG A 1 83  ? 19.376  -6.034  -14.472 1.00 35.01  ? 83  ARG A CD  1 
ATOM   619  N  NE  . ARG A 1 83  ? 19.907  -4.781  -13.934 1.00 41.22  ? 83  ARG A NE  1 
ATOM   620  C  CZ  . ARG A 1 83  ? 21.163  -4.608  -13.531 1.00 46.12  ? 83  ARG A CZ  1 
ATOM   621  N  NH1 . ARG A 1 83  ? 21.549  -3.433  -13.053 1.00 49.30  ? 83  ARG A NH1 1 
ATOM   622  N  NH2 . ARG A 1 83  ? 22.039  -5.605  -13.602 1.00 46.14  ? 83  ARG A NH2 1 
ATOM   623  N  N   . PRO A 1 84  ? 15.198  -3.305  -14.688 1.00 29.31  ? 84  PRO A N   1 
ATOM   624  C  CA  . PRO A 1 84  ? 15.674  -2.613  -13.483 1.00 30.14  ? 84  PRO A CA  1 
ATOM   625  C  C   . PRO A 1 84  ? 14.626  -2.703  -12.369 1.00 30.43  ? 84  PRO A C   1 
ATOM   626  O  O   . PRO A 1 84  ? 13.431  -2.843  -12.642 1.00 30.49  ? 84  PRO A O   1 
ATOM   627  C  CB  . PRO A 1 84  ? 15.906  -1.183  -13.968 1.00 29.42  ? 84  PRO A CB  1 
ATOM   628  C  CG  . PRO A 1 84  ? 14.936  -1.023  -15.099 1.00 33.19  ? 84  PRO A CG  1 
ATOM   629  C  CD  . PRO A 1 84  ? 14.804  -2.369  -15.756 1.00 28.85  ? 84  PRO A CD  1 
ATOM   630  N  N   . VAL A 1 85  ? 15.071  -2.643  -11.118 1.00 30.79  ? 85  VAL A N   1 
ATOM   631  C  CA  . VAL A 1 85  ? 14.157  -2.774  -9.985  1.00 31.70  ? 85  VAL A CA  1 
ATOM   632  C  C   . VAL A 1 85  ? 13.428  -1.459  -9.708  1.00 31.64  ? 85  VAL A C   1 
ATOM   633  O  O   . VAL A 1 85  ? 14.046  -0.401  -9.665  1.00 32.53  ? 85  VAL A O   1 
ATOM   634  C  CB  . VAL A 1 85  ? 14.908  -3.187  -8.702  1.00 31.40  ? 85  VAL A CB  1 
ATOM   635  C  CG1 . VAL A 1 85  ? 13.910  -3.447  -7.582  1.00 31.74  ? 85  VAL A CG1 1 
ATOM   636  C  CG2 . VAL A 1 85  ? 15.764  -4.419  -8.965  1.00 32.23  ? 85  VAL A CG2 1 
ATOM   637  N  N   . VAL A 1 86  ? 12.114  -1.528  -9.520  1.00 32.14  ? 86  VAL A N   1 
ATOM   638  C  CA  . VAL A 1 86  ? 11.354  -0.340  -9.151  1.00 33.97  ? 86  VAL A CA  1 
ATOM   639  C  C   . VAL A 1 86  ? 11.416  -0.173  -7.635  1.00 35.11  ? 86  VAL A C   1 
ATOM   640  O  O   . VAL A 1 86  ? 11.126  -1.108  -6.886  1.00 35.82  ? 86  VAL A O   1 
ATOM   641  C  CB  . VAL A 1 86  ? 9.863   -0.442  -9.595  1.00 36.26  ? 86  VAL A CB  1 
ATOM   642  C  CG1 . VAL A 1 86  ? 9.777   -0.827  -11.073 1.00 38.46  ? 86  VAL A CG1 1 
ATOM   643  C  CG2 . VAL A 1 86  ? 9.130   -1.451  -8.746  1.00 36.64  ? 86  VAL A CG2 1 
ATOM   644  N  N   . THR A 1 87  ? 11.798  1.021   -7.188  1.00 35.89  ? 87  THR A N   1 
ATOM   645  C  CA  . THR A 1 87  ? 11.974  1.283   -5.766  1.00 35.22  ? 87  THR A CA  1 
ATOM   646  C  C   . THR A 1 87  ? 11.287  2.585   -5.338  1.00 35.04  ? 87  THR A C   1 
ATOM   647  O  O   . THR A 1 87  ? 10.835  3.363   -6.175  1.00 36.12  ? 87  THR A O   1 
ATOM   648  C  CB  . THR A 1 87  ? 13.457  1.376   -5.428  1.00 34.42  ? 87  THR A CB  1 
ATOM   649  O  OG1 . THR A 1 87  ? 14.024  2.519   -6.082  1.00 36.17  ? 87  THR A OG1 1 
ATOM   650  C  CG2 . THR A 1 87  ? 14.173  0.128   -5.908  1.00 32.96  ? 87  THR A CG2 1 
ATOM   651  N  N   . VAL A 1 88  ? 11.197  2.797   -4.028  1.00 33.99  ? 88  VAL A N   1 
ATOM   652  C  CA  . VAL A 1 88  ? 10.775  4.076   -3.466  1.00 33.62  ? 88  VAL A CA  1 
ATOM   653  C  C   . VAL A 1 88  ? 11.769  4.547   -2.418  1.00 33.74  ? 88  VAL A C   1 
ATOM   654  O  O   . VAL A 1 88  ? 12.422  3.733   -1.754  1.00 33.82  ? 88  VAL A O   1 
ATOM   655  C  CB  . VAL A 1 88  ? 9.397   3.989   -2.773  1.00 33.66  ? 88  VAL A CB  1 
ATOM   656  C  CG1 . VAL A 1 88  ? 8.318   4.509   -3.690  1.00 31.81  ? 88  VAL A CG1 1 
ATOM   657  C  CG2 . VAL A 1 88  ? 9.113   2.561   -2.362  1.00 23.84  ? 88  VAL A CG2 1 
ATOM   658  N  N   . GLU A 1 89  ? 11.867  5.862   -2.260  1.00 34.18  ? 89  GLU A N   1 
ATOM   659  C  CA  . GLU A 1 89  ? 12.726  6.442   -1.235  1.00 36.00  ? 89  GLU A CA  1 
ATOM   660  C  C   . GLU A 1 89  ? 12.040  6.327   0.119   1.00 35.40  ? 89  GLU A C   1 
ATOM   661  O  O   . GLU A 1 89  ? 10.824  6.468   0.221   1.00 35.20  ? 89  GLU A O   1 
ATOM   662  C  CB  . GLU A 1 89  ? 13.004  7.913   -1.549  1.00 39.43  ? 89  GLU A CB  1 
ATOM   663  C  CG  . GLU A 1 89  ? 13.003  8.240   -3.037  1.00 48.34  ? 89  GLU A CG  1 
ATOM   664  C  CD  . GLU A 1 89  ? 11.596  8.428   -3.593  1.00 56.04  ? 89  GLU A CD  1 
ATOM   665  O  OE1 . GLU A 1 89  ? 11.011  9.510   -3.374  1.00 62.51  ? 89  GLU A OE1 1 
ATOM   666  O  OE2 . GLU A 1 89  ? 11.075  7.498   -4.248  1.00 52.75  ? 89  GLU A OE2 1 
ATOM   667  N  N   . ALA A 1 90  ? 12.821  6.061   1.157   1.00 36.13  ? 90  ALA A N   1 
ATOM   668  C  CA  . ALA A 1 90  ? 12.279  5.941   2.504   1.00 36.86  ? 90  ALA A CA  1 
ATOM   669  C  C   . ALA A 1 90  ? 11.443  7.174   2.875   1.00 36.56  ? 90  ALA A C   1 
ATOM   670  O  O   . ALA A 1 90  ? 10.390  7.056   3.506   1.00 37.43  ? 90  ALA A O   1 
ATOM   671  C  CB  . ALA A 1 90  ? 13.420  5.758   3.504   1.00 35.66  ? 90  ALA A CB  1 
ATOM   672  N  N   . ASP A 1 91  ? 11.912  8.348   2.466   1.00 35.12  ? 91  ASP A N   1 
ATOM   673  C  CA  . ASP A 1 91  ? 11.301  9.608   2.873   1.00 35.11  ? 91  ASP A CA  1 
ATOM   674  C  C   . ASP A 1 91  ? 10.171  10.025  1.955   1.00 33.13  ? 91  ASP A C   1 
ATOM   675  O  O   . ASP A 1 91  ? 9.675   11.138  2.051   1.00 34.54  ? 91  ASP A O   1 
ATOM   676  C  CB  . ASP A 1 91  ? 12.346  10.727  2.904   1.00 39.75  ? 91  ASP A CB  1 
ATOM   677  C  CG  . ASP A 1 91  ? 12.844  11.097  1.519   1.00 43.83  ? 91  ASP A CG  1 
ATOM   678  O  OD1 . ASP A 1 91  ? 12.006  11.293  0.615   1.00 49.71  ? 91  ASP A OD1 1 
ATOM   679  O  OD2 . ASP A 1 91  ? 14.075  11.195  1.332   1.00 47.87  ? 91  ASP A OD2 1 
ATOM   680  N  N   . ALA A 1 92  ? 9.771   9.139   1.055   1.00 31.97  ? 92  ALA A N   1 
ATOM   681  C  CA  . ALA A 1 92  ? 8.693   9.452   0.126   1.00 29.30  ? 92  ALA A CA  1 
ATOM   682  C  C   . ALA A 1 92  ? 7.335   9.327   0.802   1.00 28.68  ? 92  ALA A C   1 
ATOM   683  O  O   . ALA A 1 92  ? 7.194   8.650   1.829   1.00 28.51  ? 92  ALA A O   1 
ATOM   684  C  CB  . ALA A 1 92  ? 8.755   8.525   -1.069  1.00 23.35  ? 92  ALA A CB  1 
ATOM   685  N  N   . PRO A 1 93  ? 6.315   10.009  0.255   1.00 27.72  ? 93  PRO A N   1 
ATOM   686  C  CA  . PRO A 1 93  ? 5.002   9.881   0.893   1.00 25.66  ? 93  PRO A CA  1 
ATOM   687  C  C   . PRO A 1 93  ? 4.496   8.454   0.694   1.00 24.02  ? 93  PRO A C   1 
ATOM   688  O  O   . PRO A 1 93  ? 4.746   7.837   -0.343  1.00 24.13  ? 93  PRO A O   1 
ATOM   689  C  CB  . PRO A 1 93  ? 4.134   10.915  0.173   1.00 26.19  ? 93  PRO A CB  1 
ATOM   690  C  CG  . PRO A 1 93  ? 4.847   11.200  -1.107  1.00 28.08  ? 93  PRO A CG  1 
ATOM   691  C  CD  . PRO A 1 93  ? 6.310   10.979  -0.853  1.00 25.12  ? 93  PRO A CD  1 
ATOM   692  N  N   . LEU A 1 94  ? 3.805   7.928   1.697   1.00 21.88  ? 94  LEU A N   1 
ATOM   693  C  CA  . LEU A 1 94  ? 3.285   6.581   1.630   1.00 21.15  ? 94  LEU A CA  1 
ATOM   694  C  C   . LEU A 1 94  ? 2.583   6.362   0.282   1.00 22.02  ? 94  LEU A C   1 
ATOM   695  O  O   . LEU A 1 94  ? 2.787   5.327   -0.358  1.00 21.06  ? 94  LEU A O   1 
ATOM   696  C  CB  . LEU A 1 94  ? 2.330   6.343   2.812   1.00 13.49  ? 94  LEU A CB  1 
ATOM   697  C  CG  . LEU A 1 94  ? 1.726   4.951   3.047   1.00 15.76  ? 94  LEU A CG  1 
ATOM   698  C  CD1 . LEU A 1 94  ? 0.569   4.721   2.086   1.00 11.28  ? 94  LEU A CD1 1 
ATOM   699  C  CD2 . LEU A 1 94  ? 2.812   3.870   2.889   1.00 6.33   ? 94  LEU A CD2 1 
ATOM   700  N  N   . GLU A 1 95  ? 1.802   7.352   -0.160  1.00 22.64  ? 95  GLU A N   1 
ATOM   701  C  CA  . GLU A 1 95  ? 0.972   7.229   -1.370  1.00 24.55  ? 95  GLU A CA  1 
ATOM   702  C  C   . GLU A 1 95  ? 1.772   6.918   -2.641  1.00 25.58  ? 95  GLU A C   1 
ATOM   703  O  O   . GLU A 1 95  ? 1.232   6.368   -3.606  1.00 26.23  ? 95  GLU A O   1 
ATOM   704  C  CB  . GLU A 1 95  ? 0.150   8.512   -1.608  1.00 22.52  ? 95  GLU A CB  1 
ATOM   705  C  CG  . GLU A 1 95  ? -0.714  8.957   -0.433  1.00 23.57  ? 95  GLU A CG  1 
ATOM   706  C  CD  . GLU A 1 95  ? -0.033  10.015  0.427   1.00 27.23  ? 95  GLU A CD  1 
ATOM   707  O  OE1 . GLU A 1 95  ? -0.423  11.191  0.333   1.00 26.31  ? 95  GLU A OE1 1 
ATOM   708  O  OE2 . GLU A 1 95  ? 0.890   9.676   1.201   1.00 30.52  ? 95  GLU A OE2 1 
ATOM   709  N  N   . LYS A 1 96  ? 3.053   7.268   -2.645  1.00 26.04  ? 96  LYS A N   1 
ATOM   710  C  CA  . LYS A 1 96  ? 3.897   7.012   -3.805  1.00 28.59  ? 96  LYS A CA  1 
ATOM   711  C  C   . LYS A 1 96  ? 4.082   5.507   -3.992  1.00 28.01  ? 96  LYS A C   1 
ATOM   712  O  O   . LYS A 1 96  ? 4.065   4.997   -5.111  1.00 28.90  ? 96  LYS A O   1 
ATOM   713  C  CB  . LYS A 1 96  ? 5.263   7.681   -3.625  1.00 32.46  ? 96  LYS A CB  1 
ATOM   714  C  CG  . LYS A 1 96  ? 5.956   8.028   -4.932  1.00 40.95  ? 96  LYS A CG  1 
ATOM   715  C  CD  . LYS A 1 96  ? 7.418   8.385   -4.696  1.00 51.87  ? 96  LYS A CD  1 
ATOM   716  C  CE  . LYS A 1 96  ? 8.014   9.178   -5.857  1.00 53.11  ? 96  LYS A CE  1 
ATOM   717  N  NZ  . LYS A 1 96  ? 7.837   10.648  -5.665  1.00 53.20  ? 96  LYS A NZ  1 
ATOM   718  N  N   . ALA A 1 97  ? 4.245   4.797   -2.883  1.00 27.55  ? 97  ALA A N   1 
ATOM   719  C  CA  . ALA A 1 97  ? 4.420   3.358   -2.936  1.00 26.94  ? 97  ALA A CA  1 
ATOM   720  C  C   . ALA A 1 97  ? 3.177   2.722   -3.544  1.00 27.78  ? 97  ALA A C   1 
ATOM   721  O  O   . ALA A 1 97  ? 3.282   1.882   -4.441  1.00 28.48  ? 97  ALA A O   1 
ATOM   722  C  CB  . ALA A 1 97  ? 4.675   2.798   -1.531  1.00 21.36  ? 97  ALA A CB  1 
ATOM   723  N  N   . ALA A 1 98  ? 2.004   3.128   -3.063  1.00 26.29  ? 98  ALA A N   1 
ATOM   724  C  CA  . ALA A 1 98  ? 0.755   2.546   -3.546  1.00 26.83  ? 98  ALA A CA  1 
ATOM   725  C  C   . ALA A 1 98  ? 0.626   2.772   -5.045  1.00 25.98  ? 98  ALA A C   1 
ATOM   726  O  O   . ALA A 1 98  ? 0.157   1.898   -5.777  1.00 26.16  ? 98  ALA A O   1 
ATOM   727  C  CB  . ALA A 1 98  ? -0.449  3.166   -2.817  1.00 18.80  ? 98  ALA A CB  1 
ATOM   728  N  N   . LEU A 1 99  ? 1.055   3.947   -5.492  1.00 25.86  ? 99  LEU A N   1 
ATOM   729  C  CA  . LEU A 1 99  ? 0.978   4.297   -6.899  1.00 27.31  ? 99  LEU A CA  1 
ATOM   730  C  C   . LEU A 1 99  ? 1.871   3.382   -7.713  1.00 28.44  ? 99  LEU A C   1 
ATOM   731  O  O   . LEU A 1 99  ? 1.430   2.808   -8.708  1.00 27.48  ? 99  LEU A O   1 
ATOM   732  C  CB  . LEU A 1 99  ? 1.385   5.757   -7.109  1.00 26.86  ? 99  LEU A CB  1 
ATOM   733  C  CG  . LEU A 1 99  ? 0.282   6.783   -6.809  1.00 28.20  ? 99  LEU A CG  1 
ATOM   734  C  CD1 . LEU A 1 99  ? 0.854   8.185   -6.857  1.00 27.82  ? 99  LEU A CD1 1 
ATOM   735  C  CD2 . LEU A 1 99  ? -0.851  6.631   -7.821  1.00 30.57  ? 99  LEU A CD2 1 
ATOM   736  N  N   . LEU A 1 100 ? 3.118   3.234   -7.277  1.00 29.11  ? 100 LEU A N   1 
ATOM   737  C  CA  . LEU A 1 100 ? 4.053   2.355   -7.964  1.00 31.51  ? 100 LEU A CA  1 
ATOM   738  C  C   . LEU A 1 100 ? 3.549   0.914   -7.993  1.00 33.77  ? 100 LEU A C   1 
ATOM   739  O  O   . LEU A 1 100 ? 3.604   0.254   -9.033  1.00 34.67  ? 100 LEU A O   1 
ATOM   740  C  CB  . LEU A 1 100 ? 5.422   2.417   -7.289  1.00 29.55  ? 100 LEU A CB  1 
ATOM   741  C  CG  . LEU A 1 100 ? 6.217   3.692   -7.575  1.00 29.45  ? 100 LEU A CG  1 
ATOM   742  C  CD1 . LEU A 1 100 ? 7.194   3.937   -6.450  1.00 23.39  ? 100 LEU A CD1 1 
ATOM   743  C  CD2 . LEU A 1 100 ? 6.943   3.573   -8.917  1.00 25.21  ? 100 LEU A CD2 1 
HETATM 744  N  N   . MSE A 1 101 ? 3.042   0.427   -6.863  1.00 35.22  ? 101 MSE A N   1 
HETATM 745  C  CA  . MSE A 1 101 ? 2.584   -0.958  -6.787  1.00 37.09  ? 101 MSE A CA  1 
HETATM 746  C  C   . MSE A 1 101 ? 1.426   -1.214  -7.745  1.00 37.87  ? 101 MSE A C   1 
HETATM 747  O  O   . MSE A 1 101 ? 1.382   -2.250  -8.399  1.00 37.40  ? 101 MSE A O   1 
HETATM 748  C  CB  . MSE A 1 101 ? 2.157   -1.316  -5.357  1.00 34.18  ? 101 MSE A CB  1 
HETATM 749  C  CG  . MSE A 1 101 ? 3.298   -1.299  -4.348  1.00 47.76  ? 101 MSE A CG  1 
HETATM 750  SE SE  . MSE A 1 101 ? 2.883   -2.000  -2.730  1.00 62.83  ? 101 MSE A SE  1 
HETATM 751  C  CE  . MSE A 1 101 ? 1.342   -1.255  -2.400  1.00 62.09  ? 101 MSE A CE  1 
ATOM   752  N  N   . GLU A 1 102 ? 0.494   -0.268  -7.833  1.00 39.85  ? 102 GLU A N   1 
ATOM   753  C  CA  . GLU A 1 102 ? -0.719  -0.467  -8.625  1.00 41.98  ? 102 GLU A CA  1 
ATOM   754  C  C   . GLU A 1 102 ? -0.434  -0.292  -10.105 1.00 43.00  ? 102 GLU A C   1 
ATOM   755  O  O   . GLU A 1 102 ? -0.990  -0.997  -10.942 1.00 42.70  ? 102 GLU A O   1 
ATOM   756  C  CB  . GLU A 1 102 ? -1.812  0.521   -8.201  1.00 42.83  ? 102 GLU A CB  1 
ATOM   757  C  CG  . GLU A 1 102 ? -3.192  0.223   -8.791  1.00 40.24  ? 102 GLU A CG  1 
ATOM   758  C  CD  . GLU A 1 102 ? -3.370  0.751   -10.214 1.00 39.61  ? 102 GLU A CD  1 
ATOM   759  O  OE1 . GLU A 1 102 ? -2.589  1.632   -10.633 1.00 37.79  ? 102 GLU A OE1 1 
ATOM   760  O  OE2 . GLU A 1 102 ? -4.296  0.287   -10.913 1.00 38.03  ? 102 GLU A OE2 1 
ATOM   761  N  N   . GLU A 1 103 ? 0.438   0.656   -10.422 1.00 45.12  ? 103 GLU A N   1 
ATOM   762  C  CA  . GLU A 1 103 ? 0.788   0.924   -11.806 1.00 47.90  ? 103 GLU A CA  1 
ATOM   763  C  C   . GLU A 1 103 ? 1.393   -0.334  -12.423 1.00 49.10  ? 103 GLU A C   1 
ATOM   764  O  O   . GLU A 1 103 ? 1.005   -0.756  -13.515 1.00 49.49  ? 103 GLU A O   1 
ATOM   765  C  CB  . GLU A 1 103 ? 1.790   2.077   -11.873 1.00 50.05  ? 103 GLU A CB  1 
ATOM   766  C  CG  . GLU A 1 103 ? 2.167   2.501   -13.279 1.00 59.07  ? 103 GLU A CG  1 
ATOM   767  C  CD  . GLU A 1 103 ? 3.011   3.769   -13.299 1.00 67.63  ? 103 GLU A CD  1 
ATOM   768  O  OE1 . GLU A 1 103 ? 4.164   3.731   -12.814 1.00 69.76  ? 103 GLU A OE1 1 
ATOM   769  O  OE2 . GLU A 1 103 ? 2.519   4.803   -13.799 1.00 71.31  ? 103 GLU A OE2 1 
ATOM   770  N  N   . ARG A 1 104 ? 2.328   -0.944  -11.699 1.00 49.23  ? 104 ARG A N   1 
ATOM   771  C  CA  . ARG A 1 104 ? 3.162   -1.991  -12.265 1.00 48.32  ? 104 ARG A CA  1 
ATOM   772  C  C   . ARG A 1 104 ? 2.849   -3.380  -11.732 1.00 48.57  ? 104 ARG A C   1 
ATOM   773  O  O   . ARG A 1 104 ? 3.657   -4.293  -11.867 1.00 49.04  ? 104 ARG A O   1 
ATOM   774  C  CB  . ARG A 1 104 ? 4.629   -1.647  -12.029 1.00 47.90  ? 104 ARG A CB  1 
ATOM   775  C  CG  . ARG A 1 104 ? 4.970   -0.252  -12.519 1.00 51.88  ? 104 ARG A CG  1 
ATOM   776  C  CD  . ARG A 1 104 ? 6.460   -0.013  -12.589 1.00 55.44  ? 104 ARG A CD  1 
ATOM   777  N  NE  . ARG A 1 104 ? 6.768   1.410   -12.485 1.00 61.50  ? 104 ARG A NE  1 
ATOM   778  C  CZ  . ARG A 1 104 ? 7.777   2.007   -13.112 1.00 68.18  ? 104 ARG A CZ  1 
ATOM   779  N  NH1 . ARG A 1 104 ? 7.979   3.309   -12.952 1.00 69.00  ? 104 ARG A NH1 1 
ATOM   780  N  NH2 . ARG A 1 104 ? 8.580   1.303   -13.903 1.00 71.58  ? 104 ARG A NH2 1 
ATOM   781  N  N   . LYS A 1 105 ? 1.673   -3.537  -11.131 1.00 48.52  ? 105 LYS A N   1 
ATOM   782  C  CA  . LYS A 1 105 ? 1.139   -4.860  -10.814 1.00 48.49  ? 105 LYS A CA  1 
ATOM   783  C  C   . LYS A 1 105 ? 1.867   -5.556  -9.669  1.00 47.45  ? 105 LYS A C   1 
ATOM   784  O  O   . LYS A 1 105 ? 1.569   -6.707  -9.351  1.00 47.45  ? 105 LYS A O   1 
ATOM   785  C  CB  . LYS A 1 105 ? 1.185   -5.760  -12.053 1.00 50.00  ? 105 LYS A CB  1 
ATOM   786  C  CG  . LYS A 1 105 ? 0.349   -5.260  -13.225 1.00 57.16  ? 105 LYS A CG  1 
ATOM   787  C  CD  . LYS A 1 105 ? 0.311   -6.285  -14.357 1.00 62.40  ? 105 LYS A CD  1 
ATOM   788  C  CE  . LYS A 1 105 ? -0.618  -5.842  -15.478 1.00 63.01  ? 105 LYS A CE  1 
ATOM   789  N  NZ  . LYS A 1 105 ? -0.872  -6.938  -16.455 1.00 62.74  ? 105 LYS A NZ  1 
ATOM   790  N  N   . ILE A 1 106 ? 2.811   -4.854  -9.049  1.00 46.01  ? 106 ILE A N   1 
ATOM   791  C  CA  . ILE A 1 106 ? 3.696   -5.450  -8.051  1.00 45.73  ? 106 ILE A CA  1 
ATOM   792  C  C   . ILE A 1 106 ? 3.090   -5.465  -6.647  1.00 44.83  ? 106 ILE A C   1 
ATOM   793  O  O   . ILE A 1 106 ? 2.246   -4.634  -6.314  1.00 44.89  ? 106 ILE A O   1 
ATOM   794  C  CB  . ILE A 1 106 ? 5.013   -4.683  -7.977  1.00 48.35  ? 106 ILE A CB  1 
ATOM   795  C  CG1 . ILE A 1 106 ? 5.533   -4.401  -9.385  1.00 51.32  ? 106 ILE A CG1 1 
ATOM   796  C  CG2 . ILE A 1 106 ? 6.031   -5.491  -7.204  1.00 52.64  ? 106 ILE A CG2 1 
ATOM   797  C  CD1 . ILE A 1 106 ? 6.496   -3.250  -9.435  1.00 56.60  ? 106 ILE A CD1 1 
ATOM   798  N  N   . GLY A 1 107 ? 3.535   -6.405  -5.818  1.00 43.31  ? 107 GLY A N   1 
ATOM   799  C  CA  . GLY A 1 107 ? 3.036   -6.482  -4.456  1.00 41.49  ? 107 GLY A CA  1 
ATOM   800  C  C   . GLY A 1 107 ? 4.044   -6.018  -3.421  1.00 41.08  ? 107 GLY A C   1 
ATOM   801  O  O   . GLY A 1 107 ? 3.755   -6.000  -2.224  1.00 40.88  ? 107 GLY A O   1 
ATOM   802  N  N   . GLY A 1 108 ? 5.235   -5.647  -3.877  1.00 39.51  ? 108 GLY A N   1 
ATOM   803  C  CA  . GLY A 1 108 ? 6.302   -5.320  -2.954  1.00 38.31  ? 108 GLY A CA  1 
ATOM   804  C  C   . GLY A 1 108 ? 7.300   -4.368  -3.577  1.00 38.21  ? 108 GLY A C   1 
ATOM   805  O  O   . GLY A 1 108 ? 7.383   -4.257  -4.801  1.00 39.06  ? 108 GLY A O   1 
ATOM   806  N  N   . LEU A 1 109 ? 8.067   -3.682  -2.736  1.00 36.29  ? 109 LEU A N   1 
ATOM   807  C  CA  . LEU A 1 109 ? 8.881   -2.572  -3.203  1.00 33.50  ? 109 LEU A CA  1 
ATOM   808  C  C   . LEU A 1 109 ? 10.098  -2.357  -2.309  1.00 32.85  ? 109 LEU A C   1 
ATOM   809  O  O   . LEU A 1 109 ? 9.966   -2.094  -1.111  1.00 31.97  ? 109 LEU A O   1 
ATOM   810  C  CB  . LEU A 1 109 ? 8.031   -1.300  -3.199  1.00 35.57  ? 109 LEU A CB  1 
ATOM   811  C  CG  . LEU A 1 109 ? 7.850   -0.437  -4.449  1.00 37.41  ? 109 LEU A CG  1 
ATOM   812  C  CD1 . LEU A 1 109 ? 7.601   -1.303  -5.676  1.00 32.92  ? 109 LEU A CD1 1 
ATOM   813  C  CD2 . LEU A 1 109 ? 6.668   0.508   -4.202  1.00 29.05  ? 109 LEU A CD2 1 
ATOM   814  N  N   . PRO A 1 110 ? 11.302  -2.490  -2.871  1.00 31.91  ? 110 PRO A N   1 
ATOM   815  C  CA  . PRO A 1 110 ? 12.483  -2.274  -2.034  1.00 32.68  ? 110 PRO A CA  1 
ATOM   816  C  C   . PRO A 1 110 ? 12.498  -0.798  -1.622  1.00 32.39  ? 110 PRO A C   1 
ATOM   817  O  O   . PRO A 1 110 ? 12.168  0.074   -2.427  1.00 32.57  ? 110 PRO A O   1 
ATOM   818  C  CB  . PRO A 1 110 ? 13.652  -2.628  -2.959  1.00 31.46  ? 110 PRO A CB  1 
ATOM   819  C  CG  . PRO A 1 110 ? 13.049  -3.532  -3.993  1.00 34.75  ? 110 PRO A CG  1 
ATOM   820  C  CD  . PRO A 1 110 ? 11.648  -3.025  -4.196  1.00 28.57  ? 110 PRO A CD  1 
ATOM   821  N  N   . VAL A 1 111 ? 12.861  -0.516  -0.377  1.00 32.03  ? 111 VAL A N   1 
ATOM   822  C  CA  . VAL A 1 111 ? 12.906  0.867   0.067   1.00 32.88  ? 111 VAL A CA  1 
ATOM   823  C  C   . VAL A 1 111 ? 14.347  1.320   0.172   1.00 33.79  ? 111 VAL A C   1 
ATOM   824  O  O   . VAL A 1 111 ? 15.198  0.618   0.718   1.00 33.57  ? 111 VAL A O   1 
ATOM   825  C  CB  . VAL A 1 111 ? 12.205  1.061   1.434   1.00 31.18  ? 111 VAL A CB  1 
ATOM   826  C  CG1 . VAL A 1 111 ? 12.252  2.533   1.837   1.00 25.52  ? 111 VAL A CG1 1 
ATOM   827  C  CG2 . VAL A 1 111 ? 10.757  0.577   1.352   1.00 23.76  ? 111 VAL A CG2 1 
HETATM 828  N  N   . MSE A 1 112 ? 14.610  2.501   -0.368  1.00 35.32  ? 112 MSE A N   1 
HETATM 829  C  CA  . MSE A 1 112 ? 15.972  2.980   -0.540  1.00 38.69  ? 112 MSE A CA  1 
HETATM 830  C  C   . MSE A 1 112 ? 16.207  4.285   0.201   1.00 40.12  ? 112 MSE A C   1 
HETATM 831  O  O   . MSE A 1 112 ? 15.274  5.033   0.487   1.00 39.55  ? 112 MSE A O   1 
HETATM 832  C  CB  . MSE A 1 112 ? 16.265  3.195   -2.029  1.00 39.06  ? 112 MSE A CB  1 
HETATM 833  C  CG  . MSE A 1 112 ? 16.042  1.962   -2.889  1.00 46.00  ? 112 MSE A CG  1 
HETATM 834  SE SE  . MSE A 1 112 ? 17.154  0.630   -2.422  1.00 58.31  ? 112 MSE A SE  1 
HETATM 835  C  CE  . MSE A 1 112 ? 18.706  1.368   -2.796  1.00 42.86  ? 112 MSE A CE  1 
ATOM   836  N  N   . GLU A 1 113 ? 17.469  4.548   0.513   1.00 43.12  ? 113 GLU A N   1 
ATOM   837  C  CA  . GLU A 1 113 ? 17.939  5.914   0.708   1.00 45.78  ? 113 GLU A CA  1 
ATOM   838  C  C   . GLU A 1 113 ? 18.991  6.202   -0.360  1.00 47.42  ? 113 GLU A C   1 
ATOM   839  O  O   . GLU A 1 113 ? 20.166  5.848   -0.223  1.00 47.19  ? 113 GLU A O   1 
ATOM   840  C  CB  . GLU A 1 113 ? 18.522  6.076   2.108   1.00 46.34  ? 113 GLU A CB  1 
ATOM   841  C  CG  . GLU A 1 113 ? 17.474  5.969   3.201   1.00 48.92  ? 113 GLU A CG  1 
ATOM   842  C  CD  . GLU A 1 113 ? 18.065  6.044   4.585   1.00 50.48  ? 113 GLU A CD  1 
ATOM   843  O  OE1 . GLU A 1 113 ? 19.260  6.386   4.697   1.00 54.08  ? 113 GLU A OE1 1 
ATOM   844  O  OE2 . GLU A 1 113 ? 17.337  5.759   5.560   1.00 50.62  ? 113 GLU A OE2 1 
ATOM   845  N  N   . GLY A 1 114 ? 18.552  6.832   -1.442  1.00 48.80  ? 114 GLY A N   1 
ATOM   846  C  CA  . GLY A 1 114 ? 19.405  6.948   -2.604  1.00 50.22  ? 114 GLY A CA  1 
ATOM   847  C  C   . GLY A 1 114 ? 19.852  5.580   -3.080  1.00 51.61  ? 114 GLY A C   1 
ATOM   848  O  O   . GLY A 1 114 ? 19.056  4.788   -3.587  1.00 51.19  ? 114 GLY A O   1 
ATOM   849  N  N   . GLU A 1 115 ? 21.138  5.299   -2.910  1.00 52.66  ? 115 GLU A N   1 
ATOM   850  C  CA  . GLU A 1 115 ? 21.718  4.063   -3.409  1.00 52.83  ? 115 GLU A CA  1 
ATOM   851  C  C   . GLU A 1 115 ? 21.660  2.955   -2.359  1.00 51.71  ? 115 GLU A C   1 
ATOM   852  O  O   . GLU A 1 115 ? 21.776  1.776   -2.692  1.00 51.94  ? 115 GLU A O   1 
ATOM   853  C  CB  . GLU A 1 115 ? 23.165  4.317   -3.838  1.00 59.17  ? 115 GLU A CB  1 
ATOM   854  C  CG  . GLU A 1 115 ? 23.522  3.783   -5.225  1.00 68.13  ? 115 GLU A CG  1 
ATOM   855  C  CD  . GLU A 1 115 ? 22.777  4.480   -6.359  1.00 73.69  ? 115 GLU A CD  1 
ATOM   856  O  OE1 . GLU A 1 115 ? 23.174  4.285   -7.532  1.00 75.42  ? 115 GLU A OE1 1 
ATOM   857  O  OE2 . GLU A 1 115 ? 21.801  5.216   -6.085  1.00 75.35  ? 115 GLU A OE2 1 
ATOM   858  N  N   . ARG A 1 116 ? 21.473  3.328   -1.095  1.00 49.44  ? 116 ARG A N   1 
ATOM   859  C  CA  . ARG A 1 116 ? 21.423  2.343   -0.015  1.00 47.78  ? 116 ARG A CA  1 
ATOM   860  C  C   . ARG A 1 116 ? 20.044  1.695   0.182   1.00 47.25  ? 116 ARG A C   1 
ATOM   861  O  O   . ARG A 1 116 ? 19.015  2.305   -0.116  1.00 47.49  ? 116 ARG A O   1 
ATOM   862  C  CB  . ARG A 1 116 ? 21.864  2.990   1.295   1.00 45.82  ? 116 ARG A CB  1 
ATOM   863  C  CG  . ARG A 1 116 ? 22.076  1.995   2.412   1.00 51.68  ? 116 ARG A CG  1 
ATOM   864  C  CD  . ARG A 1 116 ? 21.993  2.682   3.757   1.00 61.56  ? 116 ARG A CD  1 
ATOM   865  N  NE  . ARG A 1 116 ? 23.203  2.490   4.556   1.00 63.64  ? 116 ARG A NE  1 
ATOM   866  C  CZ  . ARG A 1 116 ? 23.508  1.365   5.194   1.00 63.37  ? 116 ARG A CZ  1 
ATOM   867  N  NH1 . ARG A 1 116 ? 22.692  0.324   5.116   1.00 64.82  ? 116 ARG A NH1 1 
ATOM   868  N  NH2 . ARG A 1 116 ? 24.613  1.292   5.926   1.00 61.95  ? 116 ARG A NH2 1 
ATOM   869  N  N   . LEU A 1 117 ? 20.033  0.465   0.695   1.00 45.41  ? 117 LEU A N   1 
ATOM   870  C  CA  . LEU A 1 117 ? 18.791  -0.267  0.951   1.00 42.90  ? 117 LEU A CA  1 
ATOM   871  C  C   . LEU A 1 117 ? 18.481  -0.265  2.445   1.00 41.83  ? 117 LEU A C   1 
ATOM   872  O  O   . LEU A 1 117 ? 19.305  -0.700  3.253   1.00 41.67  ? 117 LEU A O   1 
ATOM   873  C  CB  . LEU A 1 117 ? 18.918  -1.715  0.451   1.00 42.64  ? 117 LEU A CB  1 
ATOM   874  C  CG  . LEU A 1 117 ? 17.776  -2.706  0.727   1.00 44.12  ? 117 LEU A CG  1 
ATOM   875  C  CD1 . LEU A 1 117 ? 16.528  -2.287  -0.033  1.00 44.78  ? 117 LEU A CD1 1 
ATOM   876  C  CD2 . LEU A 1 117 ? 18.189  -4.110  0.304   1.00 41.93  ? 117 LEU A CD2 1 
ATOM   877  N  N   . VAL A 1 118 ? 17.291  0.217   2.808   1.00 39.27  ? 118 VAL A N   1 
ATOM   878  C  CA  . VAL A 1 118 ? 16.923  0.360   4.214   1.00 38.22  ? 118 VAL A CA  1 
ATOM   879  C  C   . VAL A 1 118 ? 15.737  -0.500  4.646   1.00 38.01  ? 118 VAL A C   1 
ATOM   880  O  O   . VAL A 1 118 ? 15.533  -0.734  5.839   1.00 38.63  ? 118 VAL A O   1 
ATOM   881  C  CB  . VAL A 1 118 ? 16.600  1.825   4.557   1.00 39.19  ? 118 VAL A CB  1 
ATOM   882  C  CG1 . VAL A 1 118 ? 17.836  2.692   4.345   1.00 38.48  ? 118 VAL A CG1 1 
ATOM   883  C  CG2 . VAL A 1 118 ? 15.446  2.317   3.698   1.00 33.69  ? 118 VAL A CG2 1 
ATOM   884  N  N   . GLY A 1 119 ? 14.954  -0.972  3.685   1.00 37.18  ? 119 GLY A N   1 
ATOM   885  C  CA  . GLY A 1 119 ? 13.853  -1.851  4.026   1.00 35.60  ? 119 GLY A CA  1 
ATOM   886  C  C   . GLY A 1 119 ? 12.987  -2.267  2.852   1.00 34.94  ? 119 GLY A C   1 
ATOM   887  O  O   . GLY A 1 119 ? 13.363  -2.127  1.684   1.00 34.05  ? 119 GLY A O   1 
ATOM   888  N  N   . ILE A 1 120 ? 11.807  -2.785  3.166   1.00 33.58  ? 120 ILE A N   1 
ATOM   889  C  CA  . ILE A 1 120 ? 10.902  -3.236  2.132   1.00 31.46  ? 120 ILE A CA  1 
ATOM   890  C  C   . ILE A 1 120 ? 9.455   -2.935  2.530   1.00 30.20  ? 120 ILE A C   1 
ATOM   891  O  O   . ILE A 1 120 ? 9.064   -3.141  3.679   1.00 31.08  ? 120 ILE A O   1 
ATOM   892  C  CB  . ILE A 1 120 ? 11.115  -4.746  1.888   1.00 32.92  ? 120 ILE A CB  1 
ATOM   893  C  CG1 . ILE A 1 120 ? 10.500  -5.154  0.556   1.00 34.09  ? 120 ILE A CG1 1 
ATOM   894  C  CG2 . ILE A 1 120 ? 10.533  -5.552  3.036   1.00 34.55  ? 120 ILE A CG2 1 
ATOM   895  C  CD1 . ILE A 1 120 ? 11.309  -6.205  -0.147  1.00 36.33  ? 120 ILE A CD1 1 
ATOM   896  N  N   . ILE A 1 121 ? 8.668   -2.422  1.591   1.00 28.68  ? 121 ILE A N   1 
ATOM   897  C  CA  . ILE A 1 121 ? 7.268   -2.107  1.869   1.00 27.39  ? 121 ILE A CA  1 
ATOM   898  C  C   . ILE A 1 121 ? 6.339   -2.859  0.914   1.00 28.54  ? 121 ILE A C   1 
ATOM   899  O  O   . ILE A 1 121 ? 6.559   -2.888  -0.305  1.00 29.04  ? 121 ILE A O   1 
ATOM   900  C  CB  . ILE A 1 121 ? 7.002   -0.577  1.769   1.00 22.28  ? 121 ILE A CB  1 
ATOM   901  C  CG1 . ILE A 1 121 ? 5.550   -0.268  2.161   1.00 25.75  ? 121 ILE A CG1 1 
ATOM   902  C  CG2 . ILE A 1 121 ? 7.292   -0.085  0.358   1.00 22.17  ? 121 ILE A CG2 1 
ATOM   903  C  CD1 . ILE A 1 121 ? 5.256   1.224   2.363   1.00 14.18  ? 121 ILE A CD1 1 
ATOM   904  N  N   . THR A 1 122 ? 5.306   -3.482  1.471   1.00 27.69  ? 122 THR A N   1 
ATOM   905  C  CA  . THR A 1 122 ? 4.433   -4.336  0.675   1.00 26.56  ? 122 THR A CA  1 
ATOM   906  C  C   . THR A 1 122 ? 3.022   -3.776  0.600   1.00 24.36  ? 122 THR A C   1 
ATOM   907  O  O   . THR A 1 122 ? 2.705   -2.766  1.237   1.00 24.36  ? 122 THR A O   1 
ATOM   908  C  CB  . THR A 1 122 ? 4.353   -5.757  1.260   1.00 26.62  ? 122 THR A CB  1 
ATOM   909  O  OG1 . THR A 1 122 ? 3.653   -5.717  2.509   1.00 27.63  ? 122 THR A OG1 1 
ATOM   910  C  CG2 . THR A 1 122 ? 5.758   -6.319  1.491   1.00 21.50  ? 122 THR A CG2 1 
ATOM   911  N  N   . VAL A 1 123 ? 2.181   -4.449  -0.180  1.00 22.50  ? 123 VAL A N   1 
ATOM   912  C  CA  . VAL A 1 123 ? 0.788   -4.057  -0.335  1.00 23.68  ? 123 VAL A CA  1 
ATOM   913  C  C   . VAL A 1 123 ? 0.030   -4.085  0.984   1.00 24.42  ? 123 VAL A C   1 
ATOM   914  O  O   . VAL A 1 123 ? -0.814  -3.226  1.223   1.00 27.27  ? 123 VAL A O   1 
ATOM   915  C  CB  . VAL A 1 123 ? 0.049   -4.952  -1.363  1.00 22.42  ? 123 VAL A CB  1 
ATOM   916  C  CG1 . VAL A 1 123 ? 0.528   -4.622  -2.763  1.00 26.47  ? 123 VAL A CG1 1 
ATOM   917  C  CG2 . VAL A 1 123 ? 0.301   -6.433  -1.068  1.00 21.38  ? 123 VAL A CG2 1 
ATOM   918  N  N   . THR A 1 124 ? 0.333   -5.036  1.858   1.00 24.08  ? 124 THR A N   1 
ATOM   919  C  CA  . THR A 1 124 ? -0.396  -5.086  3.120   1.00 25.96  ? 124 THR A CA  1 
ATOM   920  C  C   . THR A 1 124 ? 0.090   -4.002  4.081   1.00 25.02  ? 124 THR A C   1 
ATOM   921  O  O   . THR A 1 124 ? -0.644  -3.604  4.984   1.00 25.15  ? 124 THR A O   1 
ATOM   922  C  CB  . THR A 1 124 ? -0.306  -6.492  3.811   1.00 28.22  ? 124 THR A CB  1 
ATOM   923  O  OG1 . THR A 1 124 ? 1.020   -6.729  4.292   1.00 37.03  ? 124 THR A OG1 1 
ATOM   924  C  CG2 . THR A 1 124 ? -0.679  -7.591  2.819   1.00 30.73  ? 124 THR A CG2 1 
ATOM   925  N  N   . ASP A 1 125 ? 1.315   -3.512  3.882   1.00 24.80  ? 125 ASP A N   1 
ATOM   926  C  CA  . ASP A 1 125 ? 1.813   -2.392  4.684   1.00 23.72  ? 125 ASP A CA  1 
ATOM   927  C  C   . ASP A 1 125 ? 1.063   -1.128  4.281   1.00 23.68  ? 125 ASP A C   1 
ATOM   928  O  O   . ASP A 1 125 ? 0.648   -0.338  5.134   1.00 22.57  ? 125 ASP A O   1 
ATOM   929  C  CB  . ASP A 1 125 ? 3.316   -2.175  4.468   1.00 25.39  ? 125 ASP A CB  1 
ATOM   930  C  CG  . ASP A 1 125 ? 4.169   -3.340  4.975   1.00 28.59  ? 125 ASP A CG  1 
ATOM   931  O  OD1 . ASP A 1 125 ? 3.893   -3.876  6.075   1.00 26.26  ? 125 ASP A OD1 1 
ATOM   932  O  OD2 . ASP A 1 125 ? 5.125   -3.715  4.262   1.00 28.17  ? 125 ASP A OD2 1 
ATOM   933  N  N   . VAL A 1 126 ? 0.890   -0.945  2.972   1.00 23.03  ? 126 VAL A N   1 
ATOM   934  C  CA  . VAL A 1 126 ? 0.173   0.211   2.454   1.00 21.40  ? 126 VAL A CA  1 
ATOM   935  C  C   . VAL A 1 126 ? -1.283  0.129   2.895   1.00 21.82  ? 126 VAL A C   1 
ATOM   936  O  O   . VAL A 1 126 ? -1.911  1.140   3.193   1.00 18.85  ? 126 VAL A O   1 
ATOM   937  C  CB  . VAL A 1 126 ? 0.253   0.272   0.905   1.00 23.29  ? 126 VAL A CB  1 
ATOM   938  C  CG1 . VAL A 1 126 ? -0.558  1.436   0.379   1.00 22.10  ? 126 VAL A CG1 1 
ATOM   939  C  CG2 . VAL A 1 126 ? 1.698   0.426   0.465   1.00 15.02  ? 126 VAL A CG2 1 
ATOM   940  N  N   . LEU A 1 127 ? -1.820  -1.083  2.959   1.00 23.24  ? 127 LEU A N   1 
ATOM   941  C  CA  . LEU A 1 127 ? -3.191  -1.238  3.422   1.00 24.00  ? 127 LEU A CA  1 
ATOM   942  C  C   . LEU A 1 127 ? -3.304  -0.771  4.862   1.00 24.45  ? 127 LEU A C   1 
ATOM   943  O  O   . LEU A 1 127 ? -4.173  0.025   5.198   1.00 24.48  ? 127 LEU A O   1 
ATOM   944  C  CB  . LEU A 1 127 ? -3.643  -2.696  3.306   1.00 24.52  ? 127 LEU A CB  1 
ATOM   945  C  CG  . LEU A 1 127 ? -4.064  -3.138  1.901   1.00 30.13  ? 127 LEU A CG  1 
ATOM   946  C  CD1 . LEU A 1 127 ? -4.673  -4.531  1.960   1.00 30.39  ? 127 LEU A CD1 1 
ATOM   947  C  CD2 . LEU A 1 127 ? -5.070  -2.136  1.332   1.00 29.82  ? 127 LEU A CD2 1 
ATOM   948  N  N   . ARG A 1 128 ? -2.413  -1.266  5.711   1.00 24.95  ? 128 ARG A N   1 
ATOM   949  C  CA  . ARG A 1 128 ? -2.395  -0.858  7.109   1.00 25.38  ? 128 ARG A CA  1 
ATOM   950  C  C   . ARG A 1 128 ? -2.387  0.678   7.216   1.00 22.97  ? 128 ARG A C   1 
ATOM   951  O  O   . ARG A 1 128 ? -3.149  1.264   7.989   1.00 22.02  ? 128 ARG A O   1 
ATOM   952  C  CB  . ARG A 1 128 ? -1.158  -1.450  7.803   1.00 28.10  ? 128 ARG A CB  1 
ATOM   953  C  CG  . ARG A 1 128 ? -1.264  -1.494  9.325   1.00 37.56  ? 128 ARG A CG  1 
ATOM   954  C  CD  . ARG A 1 128 ? -0.247  -2.453  9.955   1.00 42.33  ? 128 ARG A CD  1 
ATOM   955  N  NE  . ARG A 1 128 ? 1.122   -1.951  9.858   1.00 39.67  ? 128 ARG A NE  1 
ATOM   956  C  CZ  . ARG A 1 128 ? 1.998   -2.360  8.944   1.00 43.48  ? 128 ARG A CZ  1 
ATOM   957  N  NH1 . ARG A 1 128 ? 1.639   -3.282  8.054   1.00 37.58  ? 128 ARG A NH1 1 
ATOM   958  N  NH2 . ARG A 1 128 ? 3.226   -1.847  8.912   1.00 33.91  ? 128 ARG A NH2 1 
ATOM   959  N  N   . ALA A 1 129 ? -1.540  1.320   6.420   1.00 21.29  ? 129 ALA A N   1 
ATOM   960  C  CA  . ALA A 1 129 ? -1.385  2.769   6.466   1.00 20.28  ? 129 ALA A CA  1 
ATOM   961  C  C   . ALA A 1 129 ? -2.699  3.488   6.163   1.00 20.68  ? 129 ALA A C   1 
ATOM   962  O  O   . ALA A 1 129 ? -3.100  4.398   6.891   1.00 20.12  ? 129 ALA A O   1 
ATOM   963  C  CB  . ALA A 1 129 ? -0.304  3.211   5.472   1.00 18.37  ? 129 ALA A CB  1 
ATOM   964  N  N   . PHE A 1 130 ? -3.370  3.075   5.088   1.00 20.27  ? 130 PHE A N   1 
ATOM   965  C  CA  . PHE A 1 130 ? -4.629  3.698   4.699   1.00 20.72  ? 130 PHE A CA  1 
ATOM   966  C  C   . PHE A 1 130 ? -5.681  3.426   5.755   1.00 21.18  ? 130 PHE A C   1 
ATOM   967  O  O   . PHE A 1 130 ? -6.527  4.269   6.033   1.00 22.09  ? 130 PHE A O   1 
ATOM   968  C  CB  . PHE A 1 130 ? -5.102  3.169   3.341   1.00 19.08  ? 130 PHE A CB  1 
ATOM   969  C  CG  . PHE A 1 130 ? -4.378  3.774   2.164   1.00 17.85  ? 130 PHE A CG  1 
ATOM   970  C  CD1 . PHE A 1 130 ? -4.160  5.144   2.093   1.00 23.69  ? 130 PHE A CD1 1 
ATOM   971  C  CD2 . PHE A 1 130 ? -3.919  2.972   1.126   1.00 23.72  ? 130 PHE A CD2 1 
ATOM   972  C  CE1 . PHE A 1 130 ? -3.489  5.714   1.002   1.00 26.82  ? 130 PHE A CE1 1 
ATOM   973  C  CE2 . PHE A 1 130 ? -3.250  3.526   0.033   1.00 27.95  ? 130 PHE A CE2 1 
ATOM   974  C  CZ  . PHE A 1 130 ? -3.035  4.904   -0.029  1.00 23.37  ? 130 PHE A CZ  1 
ATOM   975  N  N   . ILE A 1 131 ? -5.609  2.250   6.356   1.00 22.10  ? 131 ILE A N   1 
ATOM   976  C  CA  . ILE A 1 131 ? -6.540  1.878   7.405   1.00 21.94  ? 131 ILE A CA  1 
ATOM   977  C  C   . ILE A 1 131 ? -6.344  2.785   8.616   1.00 22.57  ? 131 ILE A C   1 
ATOM   978  O  O   . ILE A 1 131 ? -7.308  3.168   9.282   1.00 23.09  ? 131 ILE A O   1 
ATOM   979  C  CB  . ILE A 1 131 ? -6.333  0.412   7.815   1.00 16.06  ? 131 ILE A CB  1 
ATOM   980  C  CG1 . ILE A 1 131 ? -6.774  -0.505  6.676   1.00 23.21  ? 131 ILE A CG1 1 
ATOM   981  C  CG2 . ILE A 1 131 ? -7.096  0.106   9.088   1.00 20.36  ? 131 ILE A CG2 1 
ATOM   982  C  CD1 . ILE A 1 131 ? -6.369  -1.967  6.861   1.00 20.00  ? 131 ILE A CD1 1 
ATOM   983  N  N   . GLU A 1 132 ? -5.097  3.144   8.891   1.00 20.62  ? 132 GLU A N   1 
ATOM   984  C  CA  . GLU A 1 132 ? -4.813  4.010   10.021  1.00 22.97  ? 132 GLU A CA  1 
ATOM   985  C  C   . GLU A 1 132 ? -5.200  5.471   9.745   1.00 23.49  ? 132 GLU A C   1 
ATOM   986  O  O   . GLU A 1 132 ? -5.943  6.081   10.519  1.00 23.83  ? 132 GLU A O   1 
ATOM   987  C  CB  . GLU A 1 132 ? -3.328  3.928   10.375  1.00 27.17  ? 132 GLU A CB  1 
ATOM   988  C  CG  . GLU A 1 132 ? -2.919  4.808   11.542  1.00 40.28  ? 132 GLU A CG  1 
ATOM   989  C  CD  . GLU A 1 132 ? -1.542  4.452   12.074  1.00 52.63  ? 132 GLU A CD  1 
ATOM   990  O  OE1 . GLU A 1 132 ? -0.778  5.379   12.420  1.00 59.02  ? 132 GLU A OE1 1 
ATOM   991  O  OE2 . GLU A 1 132 ? -1.223  3.241   12.143  1.00 56.33  ? 132 GLU A OE2 1 
ATOM   992  N  N   . VAL A 1 133 ? -4.707  6.032   8.643   1.00 22.19  ? 133 VAL A N   1 
ATOM   993  C  CA  . VAL A 1 133 ? -4.851  7.461   8.425   1.00 20.86  ? 133 VAL A CA  1 
ATOM   994  C  C   . VAL A 1 133 ? -6.278  7.865   8.055   1.00 22.81  ? 133 VAL A C   1 
ATOM   995  O  O   . VAL A 1 133 ? -6.662  9.019   8.243   1.00 24.89  ? 133 VAL A O   1 
ATOM   996  C  CB  . VAL A 1 133 ? -3.864  7.986   7.345   1.00 18.82  ? 133 VAL A CB  1 
ATOM   997  C  CG1 . VAL A 1 133 ? -2.452  7.524   7.677   1.00 13.72  ? 133 VAL A CG1 1 
ATOM   998  C  CG2 . VAL A 1 133 ? -4.291  7.555   5.955   1.00 9.15   ? 133 VAL A CG2 1 
ATOM   999  N  N   . LEU A 1 134 ? -7.066  6.919   7.554   1.00 21.42  ? 134 LEU A N   1 
ATOM   1000 C  CA  . LEU A 1 134 ? -8.467  7.193   7.238   1.00 20.89  ? 134 LEU A CA  1 
ATOM   1001 C  C   . LEU A 1 134 ? -9.388  6.792   8.402   1.00 21.37  ? 134 LEU A C   1 
ATOM   1002 O  O   . LEU A 1 134 ? -10.584 7.079   8.385   1.00 19.19  ? 134 LEU A O   1 
ATOM   1003 C  CB  . LEU A 1 134 ? -8.883  6.445   5.961   1.00 15.60  ? 134 LEU A CB  1 
ATOM   1004 C  CG  . LEU A 1 134 ? -8.050  6.611   4.674   1.00 16.05  ? 134 LEU A CG  1 
ATOM   1005 C  CD1 . LEU A 1 134 ? -8.670  5.767   3.566   1.00 19.95  ? 134 LEU A CD1 1 
ATOM   1006 C  CD2 . LEU A 1 134 ? -7.993  8.061   4.238   1.00 9.00   ? 134 LEU A CD2 1 
ATOM   1007 N  N   . GLY A 1 135 ? -8.821  6.124   9.406   1.00 21.27  ? 135 GLY A N   1 
ATOM   1008 C  CA  . GLY A 1 135 ? -9.572  5.820   10.613  1.00 22.48  ? 135 GLY A CA  1 
ATOM   1009 C  C   . GLY A 1 135 ? -10.598 4.705   10.464  1.00 23.91  ? 135 GLY A C   1 
ATOM   1010 O  O   . GLY A 1 135 ? -11.647 4.740   11.103  1.00 25.21  ? 135 GLY A O   1 
ATOM   1011 N  N   . LEU A 1 136 ? -10.304 3.715   9.628   1.00 23.19  ? 136 LEU A N   1 
ATOM   1012 C  CA  . LEU A 1 136 ? -11.289 2.694   9.289   1.00 24.04  ? 136 LEU A CA  1 
ATOM   1013 C  C   . LEU A 1 136 ? -11.552 1.781   10.483  1.00 25.83  ? 136 LEU A C   1 
ATOM   1014 O  O   . LEU A 1 136 ? -12.465 0.956   10.464  1.00 27.28  ? 136 LEU A O   1 
ATOM   1015 C  CB  . LEU A 1 136 ? -10.806 1.862   8.088   1.00 18.67  ? 136 LEU A CB  1 
ATOM   1016 C  CG  . LEU A 1 136 ? -10.358 2.635   6.836   1.00 20.60  ? 136 LEU A CG  1 
ATOM   1017 C  CD1 . LEU A 1 136 ? -10.000 1.657   5.727   1.00 18.75  ? 136 LEU A CD1 1 
ATOM   1018 C  CD2 . LEU A 1 136 ? -11.454 3.587   6.375   1.00 12.19  ? 136 LEU A CD2 1 
ATOM   1019 N  N   . LYS A 1 137 ? -10.746 1.935   11.525  1.00 26.54  ? 137 LYS A N   1 
ATOM   1020 C  CA  . LYS A 1 137 ? -10.892 1.123   12.722  1.00 27.70  ? 137 LYS A CA  1 
ATOM   1021 C  C   . LYS A 1 137 ? -11.357 1.935   13.926  1.00 28.52  ? 137 LYS A C   1 
ATOM   1022 O  O   . LYS A 1 137 ? -11.365 1.427   15.043  1.00 28.39  ? 137 LYS A O   1 
ATOM   1023 C  CB  . LYS A 1 137 ? -9.564  0.446   13.064  1.00 28.82  ? 137 LYS A CB  1 
ATOM   1024 C  CG  . LYS A 1 137 ? -9.286  -0.829  12.299  1.00 30.82  ? 137 LYS A CG  1 
ATOM   1025 C  CD  . LYS A 1 137 ? -7.929  -1.389  12.684  1.00 26.27  ? 137 LYS A CD  1 
ATOM   1026 C  CE  . LYS A 1 137 ? -7.759  -2.816  12.178  1.00 35.77  ? 137 LYS A CE  1 
ATOM   1027 N  NZ  . LYS A 1 137 ? -8.745  -3.757  12.792  1.00 37.01  ? 137 LYS A NZ  1 
ATOM   1028 N  N   . LEU A 1 138 ? -11.734 3.192   13.704  1.00 29.01  ? 138 LEU A N   1 
ATOM   1029 C  CA  . LEU A 1 138 ? -12.080 4.082   14.812  1.00 28.88  ? 138 LEU A CA  1 
ATOM   1030 C  C   . LEU A 1 138 ? -13.562 4.110   15.151  1.00 29.56  ? 138 LEU A C   1 
ATOM   1031 O  O   . LEU A 1 138 ? -13.990 4.901   15.997  1.00 30.61  ? 138 LEU A O   1 
ATOM   1032 C  CB  . LEU A 1 138 ? -11.614 5.506   14.520  1.00 27.36  ? 138 LEU A CB  1 
ATOM   1033 C  CG  . LEU A 1 138 ? -10.105 5.696   14.376  1.00 30.72  ? 138 LEU A CG  1 
ATOM   1034 C  CD1 . LEU A 1 138 ? -9.815  7.179   14.254  1.00 24.57  ? 138 LEU A CD1 1 
ATOM   1035 C  CD2 . LEU A 1 138 ? -9.376  5.095   15.587  1.00 24.75  ? 138 LEU A CD2 1 
ATOM   1036 N  N   . GLY A 1 139 ? -14.349 3.255   14.504  1.00 28.91  ? 139 GLY A N   1 
ATOM   1037 C  CA  . GLY A 1 139 ? -15.782 3.296   14.716  1.00 29.21  ? 139 GLY A CA  1 
ATOM   1038 C  C   . GLY A 1 139 ? -16.358 4.641   14.295  1.00 30.64  ? 139 GLY A C   1 
ATOM   1039 O  O   . GLY A 1 139 ? -15.964 5.212   13.274  1.00 31.23  ? 139 GLY A O   1 
ATOM   1040 N  N   . GLY A 1 140 ? -17.294 5.159   15.079  1.00 28.95  ? 140 GLY A N   1 
ATOM   1041 C  CA  . GLY A 1 140 ? -17.956 6.385   14.691  1.00 27.12  ? 140 GLY A CA  1 
ATOM   1042 C  C   . GLY A 1 140 ? -18.932 6.117   13.566  1.00 25.74  ? 140 GLY A C   1 
ATOM   1043 O  O   . GLY A 1 140 ? -19.546 5.051   13.523  1.00 26.15  ? 140 GLY A O   1 
ATOM   1044 N  N   . LEU A 1 141 ? -19.078 7.079   12.660  1.00 24.32  ? 141 LEU A N   1 
ATOM   1045 C  CA  . LEU A 1 141 ? -20.012 6.948   11.551  1.00 23.67  ? 141 LEU A CA  1 
ATOM   1046 C  C   . LEU A 1 141 ? -19.347 7.173   10.210  1.00 22.87  ? 141 LEU A C   1 
ATOM   1047 O  O   . LEU A 1 141 ? -18.552 8.097   10.042  1.00 23.35  ? 141 LEU A O   1 
ATOM   1048 C  CB  . LEU A 1 141 ? -21.177 7.934   11.693  1.00 20.23  ? 141 LEU A CB  1 
ATOM   1049 C  CG  . LEU A 1 141 ? -22.186 7.689   12.818  1.00 20.54  ? 141 LEU A CG  1 
ATOM   1050 C  CD1 . LEU A 1 141 ? -23.413 8.594   12.615  1.00 17.17  ? 141 LEU A CD1 1 
ATOM   1051 C  CD2 . LEU A 1 141 ? -22.600 6.232   12.812  1.00 13.41  ? 141 LEU A CD2 1 
ATOM   1052 N  N   . ARG A 1 142 ? -19.694 6.321   9.256   1.00 22.41  ? 142 ARG A N   1 
ATOM   1053 C  CA  . ARG A 1 142 ? -19.302 6.514   7.873   1.00 22.86  ? 142 ARG A CA  1 
ATOM   1054 C  C   . ARG A 1 142 ? -20.453 7.197   7.133   1.00 23.21  ? 142 ARG A C   1 
ATOM   1055 O  O   . ARG A 1 142 ? -21.530 6.624   6.960   1.00 23.79  ? 142 ARG A O   1 
ATOM   1056 C  CB  . ARG A 1 142 ? -18.980 5.159   7.247   1.00 20.23  ? 142 ARG A CB  1 
ATOM   1057 C  CG  . ARG A 1 142 ? -18.599 5.200   5.783   1.00 24.13  ? 142 ARG A CG  1 
ATOM   1058 C  CD  . ARG A 1 142 ? -18.516 3.783   5.235   1.00 25.22  ? 142 ARG A CD  1 
ATOM   1059 N  NE  . ARG A 1 142 ? -17.923 3.713   3.908   1.00 17.26  ? 142 ARG A NE  1 
ATOM   1060 C  CZ  . ARG A 1 142 ? -18.622 3.685   2.780   1.00 21.82  ? 142 ARG A CZ  1 
ATOM   1061 N  NH1 . ARG A 1 142 ? -19.946 3.731   2.822   1.00 19.18  ? 142 ARG A NH1 1 
ATOM   1062 N  NH2 . ARG A 1 142 ? -17.997 3.571   1.609   1.00 21.92  ? 142 ARG A NH2 1 
ATOM   1063 N  N   . ILE A 1 143 ? -20.226 8.433   6.707   1.00 23.71  ? 143 ILE A N   1 
ATOM   1064 C  CA  . ILE A 1 143 ? -21.287 9.241   6.120   1.00 23.14  ? 143 ILE A CA  1 
ATOM   1065 C  C   . ILE A 1 143 ? -20.952 9.574   4.675   1.00 24.74  ? 143 ILE A C   1 
ATOM   1066 O  O   . ILE A 1 143 ? -19.956 10.245  4.401   1.00 25.00  ? 143 ILE A O   1 
ATOM   1067 C  CB  . ILE A 1 143 ? -21.480 10.567  6.914   1.00 22.69  ? 143 ILE A CB  1 
ATOM   1068 C  CG1 . ILE A 1 143 ? -21.808 10.251  8.378   1.00 14.61  ? 143 ILE A CG1 1 
ATOM   1069 C  CG2 . ILE A 1 143 ? -22.601 11.412  6.290   1.00 16.33  ? 143 ILE A CG2 1 
ATOM   1070 C  CD1 . ILE A 1 143 ? -21.896 11.479  9.268   1.00 20.36  ? 143 ILE A CD1 1 
ATOM   1071 N  N   . THR A 1 144 ? -21.775 9.095   3.750   1.00 25.40  ? 144 THR A N   1 
ATOM   1072 C  CA  . THR A 1 144 ? -21.720 9.584   2.380   1.00 25.64  ? 144 THR A CA  1 
ATOM   1073 C  C   . THR A 1 144 ? -22.630 10.793  2.285   1.00 27.01  ? 144 THR A C   1 
ATOM   1074 O  O   . THR A 1 144 ? -23.812 10.711  2.613   1.00 28.48  ? 144 THR A O   1 
ATOM   1075 C  CB  . THR A 1 144 ? -22.206 8.539   1.371   1.00 23.62  ? 144 THR A CB  1 
ATOM   1076 O  OG1 . THR A 1 144 ? -21.420 7.350   1.496   1.00 25.66  ? 144 THR A OG1 1 
ATOM   1077 C  CG2 . THR A 1 144 ? -22.065 9.073   -0.045  1.00 19.77  ? 144 THR A CG2 1 
ATOM   1078 N  N   . VAL A 1 145 ? -22.075 11.917  1.843   1.00 26.72  ? 145 VAL A N   1 
ATOM   1079 C  CA  . VAL A 1 145 ? -22.843 13.144  1.732   1.00 26.19  ? 145 VAL A CA  1 
ATOM   1080 C  C   . VAL A 1 145 ? -22.516 13.864  0.433   1.00 27.08  ? 145 VAL A C   1 
ATOM   1081 O  O   . VAL A 1 145 ? -21.357 13.912  0.010   1.00 27.72  ? 145 VAL A O   1 
ATOM   1082 C  CB  . VAL A 1 145 ? -22.564 14.077  2.935   1.00 28.08  ? 145 VAL A CB  1 
ATOM   1083 C  CG1 . VAL A 1 145 ? -21.065 14.209  3.157   1.00 29.26  ? 145 VAL A CG1 1 
ATOM   1084 C  CG2 . VAL A 1 145 ? -23.180 15.447  2.693   1.00 23.01  ? 145 VAL A CG2 1 
ATOM   1085 N  N   . ASP A 1 146 ? -23.550 14.408  -0.201  1.00 26.15  ? 146 ASP A N   1 
ATOM   1086 C  CA  . ASP A 1 146 ? -23.387 15.176  -1.426  1.00 26.60  ? 146 ASP A CA  1 
ATOM   1087 C  C   . ASP A 1 146 ? -23.453 16.660  -1.118  1.00 28.32  ? 146 ASP A C   1 
ATOM   1088 O  O   . ASP A 1 146 ? -24.482 17.167  -0.659  1.00 29.98  ? 146 ASP A O   1 
ATOM   1089 C  CB  . ASP A 1 146 ? -24.485 14.817  -2.430  1.00 26.60  ? 146 ASP A CB  1 
ATOM   1090 C  CG  . ASP A 1 146 ? -24.294 13.441  -3.034  1.00 27.49  ? 146 ASP A CG  1 
ATOM   1091 O  OD1 . ASP A 1 146 ? -23.152 12.930  -3.018  1.00 30.66  ? 146 ASP A OD1 1 
ATOM   1092 O  OD2 . ASP A 1 146 ? -25.285 12.865  -3.525  1.00 25.05  ? 146 ASP A OD2 1 
ATOM   1093 N  N   . ILE A 1 147 ? -22.352 17.358  -1.370  1.00 27.72  ? 147 ILE A N   1 
ATOM   1094 C  CA  . ILE A 1 147 ? -22.306 18.798  -1.175  1.00 27.36  ? 147 ILE A CA  1 
ATOM   1095 C  C   . ILE A 1 147 ? -22.167 19.453  -2.536  1.00 28.05  ? 147 ILE A C   1 
ATOM   1096 O  O   . ILE A 1 147 ? -21.682 18.828  -3.487  1.00 28.60  ? 147 ILE A O   1 
ATOM   1097 C  CB  . ILE A 1 147 ? -21.099 19.214  -0.303  1.00 28.06  ? 147 ILE A CB  1 
ATOM   1098 C  CG1 . ILE A 1 147 ? -19.798 18.720  -0.946  1.00 28.05  ? 147 ILE A CG1 1 
ATOM   1099 C  CG2 . ILE A 1 147 ? -21.257 18.660  1.107   1.00 21.40  ? 147 ILE A CG2 1 
ATOM   1100 C  CD1 . ILE A 1 147 ? -18.537 19.232  -0.264  1.00 25.39  ? 147 ILE A CD1 1 
ATOM   1101 N  N   . PRO A 1 148 ? -22.604 20.713  -2.659  1.00 27.23  ? 148 PRO A N   1 
ATOM   1102 C  CA  . PRO A 1 148 ? -22.482 21.382  -3.959  1.00 27.34  ? 148 PRO A CA  1 
ATOM   1103 C  C   . PRO A 1 148 ? -21.002 21.405  -4.318  1.00 27.89  ? 148 PRO A C   1 
ATOM   1104 O  O   . PRO A 1 148 ? -20.154 21.470  -3.429  1.00 27.80  ? 148 PRO A O   1 
ATOM   1105 C  CB  . PRO A 1 148 ? -23.032 22.787  -3.699  1.00 25.35  ? 148 PRO A CB  1 
ATOM   1106 C  CG  . PRO A 1 148 ? -23.876 22.648  -2.479  1.00 24.89  ? 148 PRO A CG  1 
ATOM   1107 C  CD  . PRO A 1 148 ? -23.216 21.585  -1.643  1.00 27.87  ? 148 PRO A CD  1 
ATOM   1108 N  N   . ASP A 1 149 ? -20.677 21.333  -5.603  1.00 29.22  ? 149 ASP A N   1 
ATOM   1109 C  CA  . ASP A 1 149 ? -19.273 21.352  -5.978  1.00 32.47  ? 149 ASP A CA  1 
ATOM   1110 C  C   . ASP A 1 149 ? -18.771 22.761  -6.267  1.00 33.50  ? 149 ASP A C   1 
ATOM   1111 O  O   . ASP A 1 149 ? -18.173 23.015  -7.316  1.00 34.51  ? 149 ASP A O   1 
ATOM   1112 C  CB  . ASP A 1 149 ? -19.018 20.438  -7.185  1.00 37.64  ? 149 ASP A CB  1 
ATOM   1113 C  CG  . ASP A 1 149 ? -19.570 20.998  -8.485  1.00 39.53  ? 149 ASP A CG  1 
ATOM   1114 O  OD1 . ASP A 1 149 ? -20.645 21.637  -8.465  1.00 42.31  ? 149 ASP A OD1 1 
ATOM   1115 O  OD2 . ASP A 1 149 ? -18.921 20.788  -9.532  1.00 38.14  ? 149 ASP A OD2 1 
ATOM   1116 N  N   . VAL A 1 150 ? -19.021 23.675  -5.330  1.00 32.39  ? 150 VAL A N   1 
ATOM   1117 C  CA  . VAL A 1 150 ? -18.406 24.998  -5.363  1.00 32.31  ? 150 VAL A CA  1 
ATOM   1118 C  C   . VAL A 1 150 ? -17.340 25.061  -4.278  1.00 31.57  ? 150 VAL A C   1 
ATOM   1119 O  O   . VAL A 1 150 ? -17.500 24.489  -3.201  1.00 31.43  ? 150 VAL A O   1 
ATOM   1120 C  CB  . VAL A 1 150 ? -19.446 26.124  -5.134  1.00 35.47  ? 150 VAL A CB  1 
ATOM   1121 C  CG1 . VAL A 1 150 ? -20.547 26.038  -6.188  1.00 35.79  ? 150 VAL A CG1 1 
ATOM   1122 C  CG2 . VAL A 1 150 ? -20.032 26.021  -3.728  1.00 36.63  ? 150 VAL A CG2 1 
ATOM   1123 N  N   . PRO A 1 151 ? -16.242 25.779  -4.542  1.00 31.23  ? 151 PRO A N   1 
ATOM   1124 C  CA  . PRO A 1 151 ? -15.124 25.922  -3.596  1.00 31.65  ? 151 PRO A CA  1 
ATOM   1125 C  C   . PRO A 1 151 ? -15.448 25.997  -2.102  1.00 31.49  ? 151 PRO A C   1 
ATOM   1126 O  O   . PRO A 1 151 ? -14.794 25.341  -1.293  1.00 33.73  ? 151 PRO A O   1 
ATOM   1127 C  CB  . PRO A 1 151 ? -14.384 27.162  -4.100  1.00 33.10  ? 151 PRO A CB  1 
ATOM   1128 C  CG  . PRO A 1 151 ? -14.680 27.176  -5.574  1.00 34.82  ? 151 PRO A CG  1 
ATOM   1129 C  CD  . PRO A 1 151 ? -16.102 26.689  -5.694  1.00 29.09  ? 151 PRO A CD  1 
ATOM   1130 N  N   . GLY A 1 152 ? -16.443 26.785  -1.719  1.00 29.38  ? 152 GLY A N   1 
ATOM   1131 C  CA  . GLY A 1 152 ? -16.665 26.986  -0.299  1.00 28.11  ? 152 GLY A CA  1 
ATOM   1132 C  C   . GLY A 1 152 ? -17.520 25.946  0.413   1.00 27.38  ? 152 GLY A C   1 
ATOM   1133 O  O   . GLY A 1 152 ? -17.659 26.001  1.641   1.00 27.00  ? 152 GLY A O   1 
ATOM   1134 N  N   . ALA A 1 153 ? -18.090 25.005  -0.335  1.00 25.78  ? 153 ALA A N   1 
ATOM   1135 C  CA  . ALA A 1 153 ? -19.104 24.098  0.214   1.00 25.25  ? 153 ALA A CA  1 
ATOM   1136 C  C   . ALA A 1 153 ? -18.617 23.187  1.343   1.00 23.22  ? 153 ALA A C   1 
ATOM   1137 O  O   . ALA A 1 153 ? -19.342 22.948  2.306   1.00 22.79  ? 153 ALA A O   1 
ATOM   1138 C  CB  . ALA A 1 153 ? -19.714 23.242  -0.909  1.00 19.86  ? 153 ALA A CB  1 
ATOM   1139 N  N   . LEU A 1 154 ? -17.399 22.672  1.227   1.00 23.69  ? 154 LEU A N   1 
ATOM   1140 C  CA  . LEU A 1 154 ? -16.911 21.693  2.193   1.00 23.30  ? 154 LEU A CA  1 
ATOM   1141 C  C   . LEU A 1 154 ? -16.719 22.355  3.562   1.00 23.93  ? 154 LEU A C   1 
ATOM   1142 O  O   . LEU A 1 154 ? -17.103 21.804  4.599   1.00 24.25  ? 154 LEU A O   1 
ATOM   1143 C  CB  . LEU A 1 154 ? -15.602 21.079  1.708   1.00 19.98  ? 154 LEU A CB  1 
ATOM   1144 C  CG  . LEU A 1 154 ? -15.163 19.803  2.433   1.00 22.08  ? 154 LEU A CG  1 
ATOM   1145 C  CD1 . LEU A 1 154 ? -14.120 19.075  1.595   1.00 28.00  ? 154 LEU A CD1 1 
ATOM   1146 C  CD2 . LEU A 1 154 ? -14.609 20.138  3.799   1.00 15.34  ? 154 LEU A CD2 1 
ATOM   1147 N  N   . ALA A 1 155 ? -16.148 23.551  3.559   1.00 22.52  ? 155 ALA A N   1 
ATOM   1148 C  CA  . ALA A 1 155 ? -16.058 24.328  4.781   1.00 23.64  ? 155 ALA A CA  1 
ATOM   1149 C  C   . ALA A 1 155 ? -17.438 24.459  5.435   1.00 24.09  ? 155 ALA A C   1 
ATOM   1150 O  O   . ALA A 1 155 ? -17.580 24.297  6.655   1.00 24.42  ? 155 ALA A O   1 
ATOM   1151 C  CB  . ALA A 1 155 ? -15.488 25.702  4.474   1.00 20.87  ? 155 ALA A CB  1 
ATOM   1152 N  N   . GLN A 1 156 ? -18.455 24.743  4.626   1.00 23.77  ? 156 GLN A N   1 
ATOM   1153 C  CA  . GLN A 1 156 ? -19.804 24.956  5.154   1.00 24.27  ? 156 GLN A CA  1 
ATOM   1154 C  C   . GLN A 1 156 ? -20.405 23.656  5.697   1.00 22.77  ? 156 GLN A C   1 
ATOM   1155 O  O   . GLN A 1 156 ? -21.004 23.652  6.768   1.00 20.97  ? 156 GLN A O   1 
ATOM   1156 C  CB  . GLN A 1 156 ? -20.707 25.558  4.066   1.00 30.33  ? 156 GLN A CB  1 
ATOM   1157 C  CG  . GLN A 1 156 ? -22.197 25.593  4.402   1.00 38.76  ? 156 GLN A CG  1 
ATOM   1158 C  CD  . GLN A 1 156 ? -22.560 26.670  5.407   1.00 49.34  ? 156 GLN A CD  1 
ATOM   1159 O  OE1 . GLN A 1 156 ? -22.366 27.860  5.154   1.00 54.40  ? 156 GLN A OE1 1 
ATOM   1160 N  NE2 . GLN A 1 156 ? -23.094 26.256  6.558   1.00 47.61  ? 156 GLN A NE2 1 
HETATM 1161 N  N   . MSE A 1 157 ? -20.224 22.554  4.972   1.00 23.44  ? 157 MSE A N   1 
HETATM 1162 C  CA  . MSE A 1 157 ? -20.680 21.247  5.448   1.00 24.35  ? 157 MSE A CA  1 
HETATM 1163 C  C   . MSE A 1 157 ? -20.035 20.876  6.780   1.00 24.85  ? 157 MSE A C   1 
HETATM 1164 O  O   . MSE A 1 157 ? -20.678 20.263  7.630   1.00 24.06  ? 157 MSE A O   1 
HETATM 1165 C  CB  . MSE A 1 157 ? -20.360 20.154  4.423   1.00 26.89  ? 157 MSE A CB  1 
HETATM 1166 C  CG  . MSE A 1 157 ? -20.765 18.743  4.867   1.00 37.93  ? 157 MSE A CG  1 
HETATM 1167 SE SE  . MSE A 1 157 ? -19.540 17.857  5.886   1.00 45.10  ? 157 MSE A SE  1 
HETATM 1168 C  CE  . MSE A 1 157 ? -18.144 17.939  4.809   1.00 35.74  ? 157 MSE A CE  1 
ATOM   1169 N  N   . ALA A 1 158 ? -18.764 21.247  6.952   1.00 25.63  ? 158 ALA A N   1 
ATOM   1170 C  CA  . ALA A 1 158 ? -17.975 20.831  8.114   1.00 26.49  ? 158 ALA A CA  1 
ATOM   1171 C  C   . ALA A 1 158 ? -18.452 21.449  9.420   1.00 27.47  ? 158 ALA A C   1 
ATOM   1172 O  O   . ALA A 1 158 ? -18.199 20.902  10.492  1.00 28.37  ? 158 ALA A O   1 
ATOM   1173 C  CB  . ALA A 1 158 ? -16.506 21.165  7.901   1.00 25.17  ? 158 ALA A CB  1 
ATOM   1174 N  N   . GLN A 1 159 ? -19.141 22.583  9.337   1.00 28.38  ? 159 GLN A N   1 
ATOM   1175 C  CA  . GLN A 1 159 ? -19.641 23.250  10.537  1.00 29.07  ? 159 GLN A CA  1 
ATOM   1176 C  C   . GLN A 1 159 ? -20.758 22.475  11.238  1.00 28.94  ? 159 GLN A C   1 
ATOM   1177 O  O   . GLN A 1 159 ? -21.063 22.730  12.401  1.00 30.71  ? 159 GLN A O   1 
ATOM   1178 C  CB  . GLN A 1 159 ? -20.126 24.656  10.190  1.00 25.65  ? 159 GLN A CB  1 
ATOM   1179 C  CG  . GLN A 1 159 ? -18.999 25.586  9.783   1.00 42.03  ? 159 GLN A CG  1 
ATOM   1180 C  CD  . GLN A 1 159 ? -19.473 26.738  8.920   1.00 50.93  ? 159 GLN A CD  1 
ATOM   1181 O  OE1 . GLN A 1 159 ? -20.590 27.233  9.085   1.00 56.17  ? 159 GLN A OE1 1 
ATOM   1182 N  NE2 . GLN A 1 159 ? -18.627 27.168  7.986   1.00 53.19  ? 159 GLN A NE2 1 
ATOM   1183 N  N   . ALA A 1 160 ? -21.363 21.525  10.540  1.00 27.17  ? 160 ALA A N   1 
ATOM   1184 C  CA  . ALA A 1 160 ? -22.429 20.735  11.134  1.00 27.60  ? 160 ALA A CA  1 
ATOM   1185 C  C   . ALA A 1 160 ? -21.895 19.639  12.068  1.00 27.44  ? 160 ALA A C   1 
ATOM   1186 O  O   . ALA A 1 160 ? -22.611 19.176  12.956  1.00 29.39  ? 160 ALA A O   1 
ATOM   1187 C  CB  . ALA A 1 160 ? -23.291 20.112  10.028  1.00 27.45  ? 160 ALA A CB  1 
ATOM   1188 N  N   . VAL A 1 161 ? -20.645 19.227  11.879  1.00 25.58  ? 161 VAL A N   1 
ATOM   1189 C  CA  . VAL A 1 161 ? -20.111 18.096  12.627  1.00 24.73  ? 161 VAL A CA  1 
ATOM   1190 C  C   . VAL A 1 161 ? -19.913 18.325  14.136  1.00 26.18  ? 161 VAL A C   1 
ATOM   1191 O  O   . VAL A 1 161 ? -20.281 17.465  14.947  1.00 25.40  ? 161 VAL A O   1 
ATOM   1192 C  CB  . VAL A 1 161 ? -18.765 17.613  12.032  1.00 20.21  ? 161 VAL A CB  1 
ATOM   1193 C  CG1 . VAL A 1 161 ? -18.246 16.408  12.831  1.00 18.63  ? 161 VAL A CG1 1 
ATOM   1194 C  CG2 . VAL A 1 161 ? -18.943 17.238  10.569  1.00 14.53  ? 161 VAL A CG2 1 
ATOM   1195 N  N   . PRO A 1 162 ? -19.324 19.472  14.538  1.00 26.00  ? 162 PRO A N   1 
ATOM   1196 C  CA  . PRO A 1 162 ? -19.127 19.700  15.977  1.00 27.60  ? 162 PRO A CA  1 
ATOM   1197 C  C   . PRO A 1 162 ? -20.411 19.442  16.752  1.00 27.88  ? 162 PRO A C   1 
ATOM   1198 O  O   . PRO A 1 162 ? -21.502 19.663  16.236  1.00 28.66  ? 162 PRO A O   1 
ATOM   1199 C  CB  . PRO A 1 162 ? -18.674 21.161  16.057  1.00 24.87  ? 162 PRO A CB  1 
ATOM   1200 C  CG  . PRO A 1 162 ? -18.050 21.425  14.730  1.00 27.29  ? 162 PRO A CG  1 
ATOM   1201 C  CD  . PRO A 1 162 ? -18.890 20.633  13.743  1.00 28.31  ? 162 PRO A CD  1 
ATOM   1202 N  N   . PRO A 1 163 ? -20.301 19.000  18.014  1.00 29.42  ? 163 PRO A N   1 
ATOM   1203 C  CA  . PRO A 1 163 ? -19.088 18.724  18.796  1.00 30.35  ? 163 PRO A CA  1 
ATOM   1204 C  C   . PRO A 1 163 ? -18.230 17.533  18.355  1.00 32.05  ? 163 PRO A C   1 
ATOM   1205 O  O   . PRO A 1 163 ? -17.176 17.274  18.959  1.00 32.39  ? 163 PRO A O   1 
ATOM   1206 C  CB  . PRO A 1 163 ? -19.621 18.535  20.216  1.00 30.28  ? 163 PRO A CB  1 
ATOM   1207 C  CG  . PRO A 1 163 ? -20.977 17.962  20.013  1.00 31.19  ? 163 PRO A CG  1 
ATOM   1208 C  CD  . PRO A 1 163 ? -21.517 18.559  18.726  1.00 26.41  ? 163 PRO A CD  1 
ATOM   1209 N  N   . ALA A 1 164 ? -18.668 16.806  17.326  1.00 30.67  ? 164 ALA A N   1 
ATOM   1210 C  CA  . ALA A 1 164 ? -17.917 15.641  16.852  1.00 29.40  ? 164 ALA A CA  1 
ATOM   1211 C  C   . ALA A 1 164 ? -16.751 16.055  15.952  1.00 28.10  ? 164 ALA A C   1 
ATOM   1212 O  O   . ALA A 1 164 ? -16.679 17.204  15.506  1.00 27.56  ? 164 ALA A O   1 
ATOM   1213 C  CB  . ALA A 1 164 ? -18.842 14.679  16.102  1.00 25.67  ? 164 ALA A CB  1 
ATOM   1214 N  N   . ASN A 1 165 ? -15.850 15.111  15.686  1.00 26.11  ? 165 ASN A N   1 
ATOM   1215 C  CA  . ASN A 1 165 ? -14.657 15.369  14.888  1.00 26.50  ? 165 ASN A CA  1 
ATOM   1216 C  C   . ASN A 1 165 ? -14.719 14.683  13.537  1.00 25.55  ? 165 ASN A C   1 
ATOM   1217 O  O   . ASN A 1 165 ? -15.317 13.615  13.402  1.00 26.65  ? 165 ASN A O   1 
ATOM   1218 C  CB  . ASN A 1 165 ? -13.403 14.875  15.615  1.00 31.13  ? 165 ASN A CB  1 
ATOM   1219 C  CG  . ASN A 1 165 ? -13.140 15.622  16.899  1.00 33.82  ? 165 ASN A CG  1 
ATOM   1220 O  OD1 . ASN A 1 165 ? -12.614 16.737  16.884  1.00 41.88  ? 165 ASN A OD1 1 
ATOM   1221 N  ND2 . ASN A 1 165 ? -13.502 15.009  18.025  1.00 30.57  ? 165 ASN A ND2 1 
ATOM   1222 N  N   . ILE A 1 166 ? -14.081 15.289  12.545  1.00 22.96  ? 166 ILE A N   1 
ATOM   1223 C  CA  . ILE A 1 166 ? -13.847 14.627  11.269  1.00 21.86  ? 166 ILE A CA  1 
ATOM   1224 C  C   . ILE A 1 166 ? -12.442 14.033  11.278  1.00 22.30  ? 166 ILE A C   1 
ATOM   1225 O  O   . ILE A 1 166 ? -11.470 14.709  11.648  1.00 20.76  ? 166 ILE A O   1 
ATOM   1226 C  CB  . ILE A 1 166 ? -13.941 15.621  10.117  1.00 19.69  ? 166 ILE A CB  1 
ATOM   1227 C  CG1 . ILE A 1 166 ? -15.327 16.258  10.109  1.00 19.97  ? 166 ILE A CG1 1 
ATOM   1228 C  CG2 . ILE A 1 166 ? -13.633 14.926  8.797   1.00 20.10  ? 166 ILE A CG2 1 
ATOM   1229 C  CD1 . ILE A 1 166 ? -15.346 17.645  9.494   1.00 21.82  ? 166 ILE A CD1 1 
ATOM   1230 N  N   . VAL A 1 167 ? -12.332 12.770  10.875  1.00 21.51  ? 167 VAL A N   1 
ATOM   1231 C  CA  . VAL A 1 167 ? -11.031 12.099  10.818  1.00 22.50  ? 167 VAL A CA  1 
ATOM   1232 C  C   . VAL A 1 167 ? -10.519 11.947  9.383   1.00 21.07  ? 167 VAL A C   1 
ATOM   1233 O  O   . VAL A 1 167 ? -9.306  11.962  9.140   1.00 19.63  ? 167 VAL A O   1 
ATOM   1234 C  CB  . VAL A 1 167 ? -11.106 10.713  11.498  1.00 26.05  ? 167 VAL A CB  1 
ATOM   1235 C  CG1 . VAL A 1 167 ? -9.805  9.954   11.313  1.00 28.28  ? 167 VAL A CG1 1 
ATOM   1236 C  CG2 . VAL A 1 167 ? -11.381 10.899  12.984  1.00 31.38  ? 167 VAL A CG2 1 
ATOM   1237 N  N   . SER A 1 168 ? -11.444 11.805  8.433   1.00 20.01  ? 168 SER A N   1 
ATOM   1238 C  CA  . SER A 1 168 ? -11.061 11.725  7.029   1.00 19.54  ? 168 SER A CA  1 
ATOM   1239 C  C   . SER A 1 168 ? -12.219 11.952  6.075   1.00 20.13  ? 168 SER A C   1 
ATOM   1240 O  O   . SER A 1 168 ? -13.367 11.609  6.362   1.00 19.84  ? 168 SER A O   1 
ATOM   1241 C  CB  . SER A 1 168 ? -10.418 10.367  6.718   1.00 15.69  ? 168 SER A CB  1 
ATOM   1242 O  OG  . SER A 1 168 ? -11.374 9.329   6.809   1.00 15.35  ? 168 SER A OG  1 
ATOM   1243 N  N   . ILE A 1 169 ? -11.889 12.534  4.928   1.00 20.90  ? 169 ILE A N   1 
ATOM   1244 C  CA  . ILE A 1 169 ? -12.848 12.768  3.860   1.00 20.46  ? 169 ILE A CA  1 
ATOM   1245 C  C   . ILE A 1 169 ? -12.274 12.210  2.569   1.00 19.77  ? 169 ILE A C   1 
ATOM   1246 O  O   . ILE A 1 169 ? -11.106 12.464  2.241   1.00 19.25  ? 169 ILE A O   1 
ATOM   1247 C  CB  . ILE A 1 169 ? -13.127 14.280  3.687   1.00 19.39  ? 169 ILE A CB  1 
ATOM   1248 C  CG1 . ILE A 1 169 ? -13.879 14.806  4.911   1.00 17.95  ? 169 ILE A CG1 1 
ATOM   1249 C  CG2 . ILE A 1 169 ? -13.944 14.530  2.431   1.00 21.95  ? 169 ILE A CG2 1 
ATOM   1250 C  CD1 . ILE A 1 169 ? -13.956 16.318  4.983   1.00 18.88  ? 169 ILE A CD1 1 
ATOM   1251 N  N   . ALA A 1 170 ? -13.092 11.438  1.853   1.00 17.58  ? 170 ALA A N   1 
ATOM   1252 C  CA  . ALA A 1 170 ? -12.749 10.997  0.504   1.00 17.09  ? 170 ALA A CA  1 
ATOM   1253 C  C   . ALA A 1 170 ? -13.841 11.370  -0.499  1.00 18.39  ? 170 ALA A C   1 
ATOM   1254 O  O   . ALA A 1 170 ? -15.032 11.472  -0.140  1.00 14.46  ? 170 ALA A O   1 
ATOM   1255 C  CB  . ALA A 1 170 ? -12.514 9.500   0.484   1.00 9.46   ? 170 ALA A CB  1 
ATOM   1256 N  N   . THR A 1 171 ? -13.431 11.573  -1.754  1.00 19.43  ? 171 THR A N   1 
ATOM   1257 C  CA  . THR A 1 171 ? -14.375 11.865  -2.834  1.00 20.32  ? 171 THR A CA  1 
ATOM   1258 C  C   . THR A 1 171 ? -14.802 10.579  -3.535  1.00 19.44  ? 171 THR A C   1 
ATOM   1259 O  O   . THR A 1 171 ? -14.044 10.013  -4.314  1.00 18.14  ? 171 THR A O   1 
ATOM   1260 C  CB  . THR A 1 171 ? -13.751 12.810  -3.891  1.00 20.46  ? 171 THR A CB  1 
ATOM   1261 O  OG1 . THR A 1 171 ? -13.359 14.030  -3.259  1.00 22.74  ? 171 THR A OG1 1 
ATOM   1262 C  CG2 . THR A 1 171 ? -14.755 13.129  -4.998  1.00 20.15  ? 171 THR A CG2 1 
ATOM   1263 N  N   . ALA A 1 172 ? -16.016 10.115  -3.261  1.00 19.32  ? 172 ALA A N   1 
ATOM   1264 C  CA  . ALA A 1 172 ? -16.503 8.904   -3.916  1.00 20.69  ? 172 ALA A CA  1 
ATOM   1265 C  C   . ALA A 1 172 ? -16.748 9.164   -5.395  1.00 21.82  ? 172 ALA A C   1 
ATOM   1266 O  O   . ALA A 1 172 ? -16.579 8.266   -6.222  1.00 21.63  ? 172 ALA A O   1 
ATOM   1267 C  CB  . ALA A 1 172 ? -17.785 8.419   -3.253  1.00 18.32  ? 172 ALA A CB  1 
ATOM   1268 N  N   . ALA A 1 173 ? -17.139 10.391  -5.731  1.00 22.03  ? 173 ALA A N   1 
ATOM   1269 C  CA  . ALA A 1 173 ? -17.474 10.715  -7.110  1.00 25.02  ? 173 ALA A CA  1 
ATOM   1270 C  C   . ALA A 1 173 ? -17.701 12.211  -7.340  1.00 26.45  ? 173 ALA A C   1 
ATOM   1271 O  O   . ALA A 1 173 ? -18.283 12.902  -6.497  1.00 26.48  ? 173 ALA A O   1 
ATOM   1272 C  CB  . ALA A 1 173 ? -18.720 9.925   -7.542  1.00 19.71  ? 173 ALA A CB  1 
ATOM   1273 N  N   . HIS A 1 174 ? -17.235 12.699  -8.487  1.00 27.78  ? 174 HIS A N   1 
ATOM   1274 C  CA  . HIS A 1 174 ? -17.615 14.026  -8.968  1.00 29.74  ? 174 HIS A CA  1 
ATOM   1275 C  C   . HIS A 1 174 ? -18.888 13.886  -9.804  1.00 28.63  ? 174 HIS A C   1 
ATOM   1276 O  O   . HIS A 1 174 ? -18.908 13.167  -10.799 1.00 27.79  ? 174 HIS A O   1 
ATOM   1277 C  CB  . HIS A 1 174 ? -16.492 14.621  -9.819  1.00 30.43  ? 174 HIS A CB  1 
ATOM   1278 C  CG  . HIS A 1 174 ? -15.180 14.720  -9.103  1.00 48.50  ? 174 HIS A CG  1 
ATOM   1279 N  ND1 . HIS A 1 174 ? -14.289 13.670  -9.030  1.00 55.20  ? 174 HIS A ND1 1 
ATOM   1280 C  CD2 . HIS A 1 174 ? -14.607 15.746  -8.426  1.00 55.59  ? 174 HIS A CD2 1 
ATOM   1281 C  CE1 . HIS A 1 174 ? -13.225 14.044  -8.338  1.00 57.54  ? 174 HIS A CE1 1 
ATOM   1282 N  NE2 . HIS A 1 174 ? -13.393 15.300  -7.960  1.00 54.76  ? 174 HIS A NE2 1 
ATOM   1283 N  N   . LEU A 1 175 ? -19.947 14.569  -9.385  1.00 28.08  ? 175 LEU A N   1 
ATOM   1284 C  CA  . LEU A 1 175 ? -21.253 14.427  -10.018 1.00 28.70  ? 175 LEU A CA  1 
ATOM   1285 C  C   . LEU A 1 175 ? -21.760 15.767  -10.568 1.00 29.86  ? 175 LEU A C   1 
ATOM   1286 O  O   . LEU A 1 175 ? -21.270 16.830  -10.197 1.00 29.28  ? 175 LEU A O   1 
ATOM   1287 C  CB  . LEU A 1 175 ? -22.265 13.883  -9.006  1.00 27.79  ? 175 LEU A CB  1 
ATOM   1288 C  CG  . LEU A 1 175 ? -22.052 12.483  -8.426  1.00 28.56  ? 175 LEU A CG  1 
ATOM   1289 C  CD1 . LEU A 1 175 ? -23.166 12.173  -7.434  1.00 32.09  ? 175 LEU A CD1 1 
ATOM   1290 C  CD2 . LEU A 1 175 ? -22.041 11.460  -9.536  1.00 26.09  ? 175 LEU A CD2 1 
ATOM   1291 N  N   . PRO A 1 176 ? -22.744 15.728  -11.475 1.00 30.37  ? 176 PRO A N   1 
ATOM   1292 C  CA  . PRO A 1 176 ? -23.230 17.011  -11.995 1.00 30.67  ? 176 PRO A CA  1 
ATOM   1293 C  C   . PRO A 1 176 ? -23.802 17.868  -10.868 1.00 30.74  ? 176 PRO A C   1 
ATOM   1294 O  O   . PRO A 1 176 ? -24.814 17.520  -10.263 1.00 31.28  ? 176 PRO A O   1 
ATOM   1295 C  CB  . PRO A 1 176 ? -24.292 16.606  -13.021 1.00 31.01  ? 176 PRO A CB  1 
ATOM   1296 C  CG  . PRO A 1 176 ? -23.896 15.207  -13.436 1.00 28.42  ? 176 PRO A CG  1 
ATOM   1297 C  CD  . PRO A 1 176 ? -23.328 14.576  -12.189 1.00 29.59  ? 176 PRO A CD  1 
ATOM   1298 N  N   . GLY A 1 177 ? -23.135 18.983  -10.584 1.00 31.17  ? 177 GLY A N   1 
ATOM   1299 C  CA  . GLY A 1 177 ? -23.582 19.871  -9.526  1.00 30.00  ? 177 GLY A CA  1 
ATOM   1300 C  C   . GLY A 1 177 ? -23.086 19.536  -8.126  1.00 31.01  ? 177 GLY A C   1 
ATOM   1301 O  O   . GLY A 1 177 ? -23.306 20.310  -7.192  1.00 33.07  ? 177 GLY A O   1 
ATOM   1302 N  N   . TYR A 1 178 ? -22.419 18.398  -7.962  1.00 28.82  ? 178 TYR A N   1 
ATOM   1303 C  CA  . TYR A 1 178 ? -22.201 17.858  -6.622  1.00 29.14  ? 178 TYR A CA  1 
ATOM   1304 C  C   . TYR A 1 178 ? -20.925 17.047  -6.483  1.00 27.04  ? 178 TYR A C   1 
ATOM   1305 O  O   . TYR A 1 178 ? -20.527 16.315  -7.384  1.00 27.64  ? 178 TYR A O   1 
ATOM   1306 C  CB  . TYR A 1 178 ? -23.382 16.975  -6.197  1.00 34.42  ? 178 TYR A CB  1 
ATOM   1307 C  CG  . TYR A 1 178 ? -24.649 17.737  -5.915  1.00 47.73  ? 178 TYR A CG  1 
ATOM   1308 C  CD1 . TYR A 1 178 ? -24.957 18.156  -4.621  1.00 53.36  ? 178 TYR A CD1 1 
ATOM   1309 C  CD2 . TYR A 1 178 ? -25.532 18.067  -6.946  1.00 52.47  ? 178 TYR A CD2 1 
ATOM   1310 C  CE1 . TYR A 1 178 ? -26.105 18.889  -4.358  1.00 57.37  ? 178 TYR A CE1 1 
ATOM   1311 C  CE2 . TYR A 1 178 ? -26.688 18.803  -6.693  1.00 58.33  ? 178 TYR A CE2 1 
ATOM   1312 C  CZ  . TYR A 1 178 ? -26.964 19.211  -5.395  1.00 59.19  ? 178 TYR A CZ  1 
ATOM   1313 O  OH  . TYR A 1 178 ? -28.086 19.961  -5.137  1.00 62.95  ? 178 TYR A OH  1 
ATOM   1314 N  N   . GLN A 1 179 ? -20.297 17.167  -5.325  1.00 25.09  ? 179 GLN A N   1 
ATOM   1315 C  CA  . GLN A 1 179 ? -19.165 16.327  -4.989  1.00 22.89  ? 179 GLN A CA  1 
ATOM   1316 C  C   . GLN A 1 179 ? -19.643 15.340  -3.928  1.00 22.59  ? 179 GLN A C   1 
ATOM   1317 O  O   . GLN A 1 179 ? -20.179 15.756  -2.900  1.00 24.33  ? 179 GLN A O   1 
ATOM   1318 C  CB  . GLN A 1 179 ? -18.033 17.208  -4.456  1.00 15.22  ? 179 GLN A CB  1 
ATOM   1319 C  CG  . GLN A 1 179 ? -16.758 16.478  -4.120  1.00 18.47  ? 179 GLN A CG  1 
ATOM   1320 C  CD  . GLN A 1 179 ? -15.758 17.383  -3.438  1.00 23.17  ? 179 GLN A CD  1 
ATOM   1321 O  OE1 . GLN A 1 179 ? -16.043 18.559  -3.192  1.00 24.59  ? 179 GLN A OE1 1 
ATOM   1322 N  NE2 . GLN A 1 179 ? -14.582 16.845  -3.127  1.00 15.63  ? 179 GLN A NE2 1 
ATOM   1323 N  N   . ARG A 1 180 ? -19.475 14.043  -4.181  1.00 22.26  ? 180 ARG A N   1 
ATOM   1324 C  CA  . ARG A 1 180 ? -19.933 13.025  -3.231  1.00 21.19  ? 180 ARG A CA  1 
ATOM   1325 C  C   . ARG A 1 180 ? -18.832 12.548  -2.285  1.00 21.03  ? 180 ARG A C   1 
ATOM   1326 O  O   . ARG A 1 180 ? -17.878 11.886  -2.701  1.00 19.99  ? 180 ARG A O   1 
ATOM   1327 C  CB  . ARG A 1 180 ? -20.518 11.816  -3.963  1.00 20.99  ? 180 ARG A CB  1 
ATOM   1328 C  CG  . ARG A 1 180 ? -20.781 10.626  -3.031  1.00 21.11  ? 180 ARG A CG  1 
ATOM   1329 C  CD  . ARG A 1 180 ? -21.806 9.690   -3.609  1.00 18.44  ? 180 ARG A CD  1 
ATOM   1330 N  NE  . ARG A 1 180 ? -23.061 10.385  -3.873  1.00 22.65  ? 180 ARG A NE  1 
ATOM   1331 C  CZ  . ARG A 1 180 ? -24.097 9.833   -4.495  1.00 30.85  ? 180 ARG A CZ  1 
ATOM   1332 N  NH1 . ARG A 1 180 ? -24.028 8.575   -4.916  1.00 26.85  ? 180 ARG A NH1 1 
ATOM   1333 N  NH2 . ARG A 1 180 ? -25.203 10.542  -4.700  1.00 26.04  ? 180 ARG A NH2 1 
ATOM   1334 N  N   . LEU A 1 181 ? -18.991 12.877  -1.006  1.00 19.86  ? 181 LEU A N   1 
ATOM   1335 C  CA  . LEU A 1 181 ? -17.949 12.634  -0.018  1.00 19.34  ? 181 LEU A CA  1 
ATOM   1336 C  C   . LEU A 1 181 ? -18.259 11.414  0.839   1.00 19.98  ? 181 LEU A C   1 
ATOM   1337 O  O   . LEU A 1 181 ? -19.401 11.205  1.259   1.00 19.94  ? 181 LEU A O   1 
ATOM   1338 C  CB  . LEU A 1 181 ? -17.785 13.865  0.889   1.00 15.87  ? 181 LEU A CB  1 
ATOM   1339 C  CG  . LEU A 1 181 ? -17.583 15.199  0.164   1.00 15.07  ? 181 LEU A CG  1 
ATOM   1340 C  CD1 . LEU A 1 181 ? -17.561 16.334  1.176   1.00 7.16   ? 181 LEU A CD1 1 
ATOM   1341 C  CD2 . LEU A 1 181 ? -16.284 15.157  -0.648  1.00 14.64  ? 181 LEU A CD2 1 
ATOM   1342 N  N   . VAL A 1 182 ? -17.236 10.611  1.098   1.00 18.39  ? 182 VAL A N   1 
ATOM   1343 C  CA  . VAL A 1 182 ? -17.322 9.616   2.154   1.00 18.86  ? 182 VAL A CA  1 
ATOM   1344 C  C   . VAL A 1 182 ? -16.533 10.165  3.332   1.00 19.73  ? 182 VAL A C   1 
ATOM   1345 O  O   . VAL A 1 182 ? -15.333 10.451  3.229   1.00 19.10  ? 182 VAL A O   1 
ATOM   1346 C  CB  . VAL A 1 182 ? -16.756 8.235   1.689   1.00 19.19  ? 182 VAL A CB  1 
ATOM   1347 C  CG1 . VAL A 1 182 ? -16.808 7.226   2.824   1.00 17.26  ? 182 VAL A CG1 1 
ATOM   1348 C  CG2 . VAL A 1 182 ? -17.577 7.712   0.518   1.00 17.97  ? 182 VAL A CG2 1 
HETATM 1349 N  N   . MSE A 1 183 ? -17.225 10.346  4.449   1.00 19.78  ? 183 MSE A N   1 
HETATM 1350 C  CA  . MSE A 1 183 ? -16.674 11.098  5.567   1.00 20.97  ? 183 MSE A CA  1 
HETATM 1351 C  C   . MSE A 1 183 ? -16.773 10.230  6.807   1.00 19.66  ? 183 MSE A C   1 
HETATM 1352 O  O   . MSE A 1 183 ? -17.808 9.622   7.060   1.00 19.85  ? 183 MSE A O   1 
HETATM 1353 C  CB  . MSE A 1 183 ? -17.468 12.404  5.766   1.00 26.35  ? 183 MSE A CB  1 
HETATM 1354 C  CG  . MSE A 1 183 ? -16.863 13.388  6.772   1.00 34.95  ? 183 MSE A CG  1 
HETATM 1355 SE SE  . MSE A 1 183 ? -17.991 14.759  7.203   1.00 52.60  ? 183 MSE A SE  1 
HETATM 1356 C  CE  . MSE A 1 183 ? -16.905 16.017  7.298   1.00 41.11  ? 183 MSE A CE  1 
ATOM   1357 N  N   . ARG A 1 184 ? -15.692 10.151  7.569   1.00 20.27  ? 184 ARG A N   1 
ATOM   1358 C  CA  . ARG A 1 184 ? -15.732 9.433   8.830   1.00 19.63  ? 184 ARG A CA  1 
ATOM   1359 C  C   . ARG A 1 184 ? -15.632 10.412  9.972   1.00 19.36  ? 184 ARG A C   1 
ATOM   1360 O  O   . ARG A 1 184 ? -14.713 11.224  10.026  1.00 20.15  ? 184 ARG A O   1 
ATOM   1361 C  CB  . ARG A 1 184 ? -14.606 8.395   8.890   1.00 19.51  ? 184 ARG A CB  1 
ATOM   1362 C  CG  . ARG A 1 184 ? -14.945 7.153   8.091   1.00 17.23  ? 184 ARG A CG  1 
ATOM   1363 C  CD  . ARG A 1 184 ? -13.780 6.213   7.922   1.00 13.58  ? 184 ARG A CD  1 
ATOM   1364 N  NE  . ARG A 1 184 ? -14.145 5.118   7.021   1.00 21.98  ? 184 ARG A NE  1 
ATOM   1365 C  CZ  . ARG A 1 184 ? -14.803 4.020   7.395   1.00 20.31  ? 184 ARG A CZ  1 
ATOM   1366 N  NH1 . ARG A 1 184 ? -15.174 3.860   8.660   1.00 18.76  ? 184 ARG A NH1 1 
ATOM   1367 N  NH2 . ARG A 1 184 ? -15.088 3.078   6.507   1.00 18.34  ? 184 ARG A NH2 1 
ATOM   1368 N  N   . VAL A 1 185 ? -16.607 10.351  10.867  1.00 20.42  ? 185 VAL A N   1 
ATOM   1369 C  CA  . VAL A 1 185 ? -16.677 11.276  11.984  1.00 21.28  ? 185 VAL A CA  1 
ATOM   1370 C  C   . VAL A 1 185 ? -16.705 10.481  13.281  1.00 23.41  ? 185 VAL A C   1 
ATOM   1371 O  O   . VAL A 1 185 ? -17.226 9.361   13.320  1.00 21.74  ? 185 VAL A O   1 
ATOM   1372 C  CB  . VAL A 1 185 ? -17.939 12.166  11.895  1.00 24.52  ? 185 VAL A CB  1 
ATOM   1373 C  CG1 . VAL A 1 185 ? -17.865 13.060  10.637  1.00 16.08  ? 185 VAL A CG1 1 
ATOM   1374 C  CG2 . VAL A 1 185 ? -19.193 11.288  11.857  1.00 19.47  ? 185 VAL A CG2 1 
ATOM   1375 N  N   . VAL A 1 186 ? -16.127 11.056  14.332  1.00 23.93  ? 186 VAL A N   1 
ATOM   1376 C  CA  . VAL A 1 186 ? -16.019 10.374  15.614  1.00 26.33  ? 186 VAL A CA  1 
ATOM   1377 C  C   . VAL A 1 186 ? -16.258 11.333  16.770  1.00 28.01  ? 186 VAL A C   1 
ATOM   1378 O  O   . VAL A 1 186 ? -16.329 12.554  16.581  1.00 27.67  ? 186 VAL A O   1 
ATOM   1379 C  CB  . VAL A 1 186 ? -14.621 9.752   15.818  1.00 26.76  ? 186 VAL A CB  1 
ATOM   1380 C  CG1 . VAL A 1 186 ? -14.333 8.711   14.733  1.00 24.46  ? 186 VAL A CG1 1 
ATOM   1381 C  CG2 . VAL A 1 186 ? -13.570 10.853  15.810  1.00 27.53  ? 186 VAL A CG2 1 
ATOM   1382 N  N   . GLY A 1 187 ? -16.372 10.765  17.968  1.00 28.90  ? 187 GLY A N   1 
ATOM   1383 C  CA  . GLY A 1 187 ? -16.361 11.569  19.173  1.00 29.23  ? 187 GLY A CA  1 
ATOM   1384 C  C   . GLY A 1 187 ? -17.737 11.989  19.647  1.00 29.69  ? 187 GLY A C   1 
ATOM   1385 O  O   . GLY A 1 187 ? -18.725 11.284  19.433  1.00 28.28  ? 187 GLY A O   1 
ATOM   1386 N  N   . GLU A 1 188 ? -17.788 13.154  20.282  1.00 31.00  ? 188 GLU A N   1 
ATOM   1387 C  CA  . GLU A 1 188 ? -18.963 13.603  21.007  1.00 33.30  ? 188 GLU A CA  1 
ATOM   1388 C  C   . GLU A 1 188 ? -20.169 13.791  20.105  1.00 34.31  ? 188 GLU A C   1 
ATOM   1389 O  O   . GLU A 1 188 ? -20.130 14.569  19.148  1.00 37.13  ? 188 GLU A O   1 
ATOM   1390 C  CB  . GLU A 1 188 ? -18.657 14.918  21.723  1.00 36.86  ? 188 GLU A CB  1 
ATOM   1391 C  CG  . GLU A 1 188 ? -19.768 15.399  22.636  1.00 46.40  ? 188 GLU A CG  1 
ATOM   1392 C  CD  . GLU A 1 188 ? -19.335 16.554  23.512  1.00 55.87  ? 188 GLU A CD  1 
ATOM   1393 O  OE1 . GLU A 1 188 ? -18.201 16.505  24.042  1.00 57.75  ? 188 GLU A OE1 1 
ATOM   1394 O  OE2 . GLU A 1 188 ? -20.128 17.511  23.667  1.00 60.21  ? 188 GLU A OE2 1 
ATOM   1395 N  N   . ASP A 1 189 ? -21.241 13.075  20.423  1.00 33.75  ? 189 ASP A N   1 
ATOM   1396 C  CA  . ASP A 1 189 ? -22.525 13.261  19.765  1.00 32.93  ? 189 ASP A CA  1 
ATOM   1397 C  C   . ASP A 1 189 ? -22.444 13.016  18.261  1.00 32.55  ? 189 ASP A C   1 
ATOM   1398 O  O   . ASP A 1 189 ? -23.142 13.659  17.478  1.00 32.64  ? 189 ASP A O   1 
ATOM   1399 C  CB  . ASP A 1 189 ? -23.059 14.671  20.046  1.00 32.06  ? 189 ASP A CB  1 
ATOM   1400 C  CG  . ASP A 1 189 ? -24.506 14.836  19.624  1.00 34.22  ? 189 ASP A CG  1 
ATOM   1401 O  OD1 . ASP A 1 189 ? -25.259 13.841  19.679  1.00 34.88  ? 189 ASP A OD1 1 
ATOM   1402 O  OD2 . ASP A 1 189 ? -24.892 15.957  19.234  1.00 36.48  ? 189 ASP A OD2 1 
ATOM   1403 N  N   . VAL A 1 190 ? -21.595 12.075  17.863  1.00 32.18  ? 190 VAL A N   1 
ATOM   1404 C  CA  . VAL A 1 190 ? -21.476 11.699  16.458  1.00 31.03  ? 190 VAL A CA  1 
ATOM   1405 C  C   . VAL A 1 190 ? -22.833 11.299  15.879  1.00 31.36  ? 190 VAL A C   1 
ATOM   1406 O  O   . VAL A 1 190 ? -23.082 11.459  14.684  1.00 31.29  ? 190 VAL A O   1 
ATOM   1407 C  CB  . VAL A 1 190 ? -20.495 10.518  16.278  1.00 32.41  ? 190 VAL A CB  1 
ATOM   1408 C  CG1 . VAL A 1 190 ? -21.037 9.268   16.982  1.00 27.17  ? 190 VAL A CG1 1 
ATOM   1409 C  CG2 . VAL A 1 190 ? -20.275 10.247  14.799  1.00 28.31  ? 190 VAL A CG2 1 
ATOM   1410 N  N   . GLU A 1 191 ? -23.714 10.783  16.730  1.00 31.38  ? 191 GLU A N   1 
ATOM   1411 C  CA  . GLU A 1 191 ? -25.023 10.327  16.271  1.00 32.67  ? 191 GLU A CA  1 
ATOM   1412 C  C   . GLU A 1 191 ? -25.831 11.527  15.794  1.00 32.62  ? 191 GLU A C   1 
ATOM   1413 O  O   . GLU A 1 191 ? -26.713 11.402  14.950  1.00 32.24  ? 191 GLU A O   1 
ATOM   1414 C  CB  . GLU A 1 191 ? -25.770 9.613   17.401  1.00 35.17  ? 191 GLU A CB  1 
ATOM   1415 C  CG  . GLU A 1 191 ? -24.954 8.536   18.119  1.00 42.19  ? 191 GLU A CG  1 
ATOM   1416 C  CD  . GLU A 1 191 ? -23.868 9.121   19.020  1.00 48.59  ? 191 GLU A CD  1 
ATOM   1417 O  OE1 . GLU A 1 191 ? -23.817 10.362  19.169  1.00 50.77  ? 191 GLU A OE1 1 
ATOM   1418 O  OE2 . GLU A 1 191 ? -23.066 8.339   19.579  1.00 45.66  ? 191 GLU A OE2 1 
ATOM   1419 N  N   . GLY A 1 192 ? -25.510 12.695  16.334  1.00 33.26  ? 192 GLY A N   1 
ATOM   1420 C  CA  . GLY A 1 192 ? -26.239 13.894  15.967  1.00 33.60  ? 192 GLY A CA  1 
ATOM   1421 C  C   . GLY A 1 192 ? -25.856 14.456  14.615  1.00 33.15  ? 192 GLY A C   1 
ATOM   1422 O  O   . GLY A 1 192 ? -26.562 15.313  14.082  1.00 34.75  ? 192 GLY A O   1 
ATOM   1423 N  N   . VAL A 1 193 ? -24.755 13.975  14.045  1.00 33.18  ? 193 VAL A N   1 
ATOM   1424 C  CA  . VAL A 1 193 ? -24.207 14.581  12.831  1.00 31.72  ? 193 VAL A CA  1 
ATOM   1425 C  C   . VAL A 1 193 ? -25.136 14.536  11.630  1.00 31.74  ? 193 VAL A C   1 
ATOM   1426 O  O   . VAL A 1 193 ? -25.343 15.558  10.984  1.00 31.57  ? 193 VAL A O   1 
ATOM   1427 C  CB  . VAL A 1 193 ? -22.882 13.930  12.395  1.00 28.72  ? 193 VAL A CB  1 
ATOM   1428 C  CG1 . VAL A 1 193 ? -22.396 14.597  11.129  1.00 30.16  ? 193 VAL A CG1 1 
ATOM   1429 C  CG2 . VAL A 1 193 ? -21.841 14.053  13.491  1.00 26.54  ? 193 VAL A CG2 1 
ATOM   1430 N  N   . PRO A 1 194 ? -25.700 13.353  11.308  1.00 32.65  ? 194 PRO A N   1 
ATOM   1431 C  CA  . PRO A 1 194 ? -26.609 13.229  10.156  1.00 34.07  ? 194 PRO A CA  1 
ATOM   1432 C  C   . PRO A 1 194 ? -27.760 14.231  10.220  1.00 36.81  ? 194 PRO A C   1 
ATOM   1433 O  O   . PRO A 1 194 ? -28.095 14.883  9.223   1.00 36.97  ? 194 PRO A O   1 
ATOM   1434 C  CB  . PRO A 1 194 ? -27.110 11.783  10.236  1.00 26.55  ? 194 PRO A CB  1 
ATOM   1435 C  CG  . PRO A 1 194 ? -26.099 11.072  11.053  1.00 27.34  ? 194 PRO A CG  1 
ATOM   1436 C  CD  . PRO A 1 194 ? -25.586 12.082  12.045  1.00 30.22  ? 194 PRO A CD  1 
ATOM   1437 N  N   . LYS A 1 195 ? -28.359 14.353  11.402  1.00 38.67  ? 195 LYS A N   1 
ATOM   1438 C  CA  . LYS A 1 195 ? -29.383 15.365  11.635  1.00 41.13  ? 195 LYS A CA  1 
ATOM   1439 C  C   . LYS A 1 195 ? -28.831 16.725  11.208  1.00 40.82  ? 195 LYS A C   1 
ATOM   1440 O  O   . LYS A 1 195 ? -29.278 17.313  10.215  1.00 40.38  ? 195 LYS A O   1 
ATOM   1441 C  CB  . LYS A 1 195 ? -29.757 15.411  13.125  1.00 47.95  ? 195 LYS A CB  1 
ATOM   1442 C  CG  . LYS A 1 195 ? -30.041 14.049  13.756  1.00 54.05  ? 195 LYS A CG  1 
ATOM   1443 C  CD  . LYS A 1 195 ? -31.494 13.622  13.557  1.00 62.56  ? 195 LYS A CD  1 
ATOM   1444 C  CE  . LYS A 1 195 ? -32.437 14.404  14.463  1.00 65.36  ? 195 LYS A CE  1 
ATOM   1445 N  NZ  . LYS A 1 195 ? -33.834 13.883  14.405  1.00 66.53  ? 195 LYS A NZ  1 
ATOM   1446 N  N   . ARG A 1 196 ? -27.839 17.198  11.960  1.00 39.85  ? 196 ARG A N   1 
ATOM   1447 C  CA  . ARG A 1 196 ? -27.265 18.521  11.756  1.00 40.49  ? 196 ARG A CA  1 
ATOM   1448 C  C   . ARG A 1 196 ? -26.929 18.801  10.295  1.00 41.65  ? 196 ARG A C   1 
ATOM   1449 O  O   . ARG A 1 196 ? -27.177 19.899  9.798   1.00 42.16  ? 196 ARG A O   1 
ATOM   1450 C  CB  . ARG A 1 196 ? -26.007 18.679  12.609  1.00 38.45  ? 196 ARG A CB  1 
ATOM   1451 C  CG  . ARG A 1 196 ? -26.264 18.604  14.100  1.00 34.60  ? 196 ARG A CG  1 
ATOM   1452 C  CD  . ARG A 1 196 ? -25.067 19.104  14.876  1.00 35.99  ? 196 ARG A CD  1 
ATOM   1453 N  NE  . ARG A 1 196 ? -23.986 18.126  14.901  1.00 30.94  ? 196 ARG A NE  1 
ATOM   1454 C  CZ  . ARG A 1 196 ? -23.812 17.245  15.879  1.00 33.05  ? 196 ARG A CZ  1 
ATOM   1455 N  NH1 . ARG A 1 196 ? -24.650 17.228  16.905  1.00 31.62  ? 196 ARG A NH1 1 
ATOM   1456 N  NH2 . ARG A 1 196 ? -22.813 16.377  15.828  1.00 30.38  ? 196 ARG A NH2 1 
ATOM   1457 N  N   . LEU A 1 197 ? -26.371 17.806  9.608   1.00 42.02  ? 197 LEU A N   1 
ATOM   1458 C  CA  . LEU A 1 197 ? -25.967 17.982  8.220   1.00 42.41  ? 197 LEU A CA  1 
ATOM   1459 C  C   . LEU A 1 197 ? -27.132 18.404  7.329   1.00 44.26  ? 197 LEU A C   1 
ATOM   1460 O  O   . LEU A 1 197 ? -27.049 19.399  6.610   1.00 43.94  ? 197 LEU A O   1 
ATOM   1461 C  CB  . LEU A 1 197 ? -25.353 16.690  7.676   1.00 38.72  ? 197 LEU A CB  1 
ATOM   1462 C  CG  . LEU A 1 197 ? -23.892 16.406  8.048   1.00 38.68  ? 197 LEU A CG  1 
ATOM   1463 C  CD1 . LEU A 1 197 ? -23.509 14.992  7.640   1.00 25.62  ? 197 LEU A CD1 1 
ATOM   1464 C  CD2 . LEU A 1 197 ? -22.988 17.423  7.361   1.00 35.31  ? 197 LEU A CD2 1 
ATOM   1465 N  N   . GLU A 1 198 ? -28.223 17.651  7.365   1.00 46.05  ? 198 GLU A N   1 
ATOM   1466 C  CA  . GLU A 1 198 ? -29.294 17.917  6.423   1.00 48.39  ? 198 GLU A CA  1 
ATOM   1467 C  C   . GLU A 1 198 ? -30.200 19.016  6.944   1.00 48.71  ? 198 GLU A C   1 
ATOM   1468 O  O   . GLU A 1 198 ? -30.731 19.797  6.163   1.00 49.99  ? 198 GLU A O   1 
ATOM   1469 C  CB  . GLU A 1 198 ? -30.096 16.647  6.142   1.00 49.81  ? 198 GLU A CB  1 
ATOM   1470 C  CG  . GLU A 1 198 ? -30.852 16.104  7.331   1.00 55.91  ? 198 GLU A CG  1 
ATOM   1471 C  CD  . GLU A 1 198 ? -31.876 15.071  6.917   1.00 57.77  ? 198 GLU A CD  1 
ATOM   1472 O  OE1 . GLU A 1 198 ? -31.533 14.192  6.097   1.00 56.11  ? 198 GLU A OE1 1 
ATOM   1473 O  OE2 . GLU A 1 198 ? -33.022 15.145  7.406   1.00 61.58  ? 198 GLU A OE2 1 
ATOM   1474 N  N   . ALA A 1 199 ? -30.362 19.083  8.265   1.00 49.05  ? 199 ALA A N   1 
ATOM   1475 C  CA  . ALA A 1 199 ? -31.018 20.225  8.899   1.00 47.42  ? 199 ALA A CA  1 
ATOM   1476 C  C   . ALA A 1 199 ? -30.298 21.509  8.493   1.00 47.04  ? 199 ALA A C   1 
ATOM   1477 O  O   . ALA A 1 199 ? -30.908 22.574  8.399   1.00 48.00  ? 199 ALA A O   1 
ATOM   1478 C  CB  . ALA A 1 199 ? -30.998 20.070  10.417  1.00 47.14  ? 199 ALA A CB  1 
ATOM   1479 N  N   . ALA A 1 200 ? -28.996 21.399  8.249   1.00 45.52  ? 200 ALA A N   1 
ATOM   1480 C  CA  . ALA A 1 200 ? -28.227 22.498  7.680   1.00 44.14  ? 200 ALA A CA  1 
ATOM   1481 C  C   . ALA A 1 200 ? -28.321 22.476  6.157   1.00 43.33  ? 200 ALA A C   1 
ATOM   1482 O  O   . ALA A 1 200 ? -27.514 23.100  5.470   1.00 42.68  ? 200 ALA A O   1 
ATOM   1483 C  CB  . ALA A 1 200 ? -26.766 22.397  8.117   1.00 43.85  ? 200 ALA A CB  1 
ATOM   1484 N  N   . GLY A 1 201 ? -29.294 21.733  5.636   1.00 43.03  ? 201 GLY A N   1 
ATOM   1485 C  CA  . GLY A 1 201 ? -29.542 21.716  4.203   1.00 43.03  ? 201 GLY A CA  1 
ATOM   1486 C  C   . GLY A 1 201 ? -28.599 20.870  3.361   1.00 43.15  ? 201 GLY A C   1 
ATOM   1487 O  O   . GLY A 1 201 ? -28.613 20.949  2.129   1.00 43.10  ? 201 GLY A O   1 
ATOM   1488 N  N   . GLU A 1 202 ? -27.769 20.058  4.007   1.00 42.12  ? 202 GLU A N   1 
ATOM   1489 C  CA  . GLU A 1 202 ? -26.856 19.198  3.266   1.00 40.99  ? 202 GLU A CA  1 
ATOM   1490 C  C   . GLU A 1 202 ? -27.591 17.929  2.825   1.00 39.43  ? 202 GLU A C   1 
ATOM   1491 O  O   . GLU A 1 202 ? -28.591 17.539  3.432   1.00 38.74  ? 202 GLU A O   1 
ATOM   1492 C  CB  . GLU A 1 202 ? -25.651 18.843  4.139   1.00 41.13  ? 202 GLU A CB  1 
ATOM   1493 C  CG  . GLU A 1 202 ? -24.335 18.804  3.389   1.00 39.70  ? 202 GLU A CG  1 
ATOM   1494 C  CD  . GLU A 1 202 ? -23.889 20.177  2.918   1.00 38.67  ? 202 GLU A CD  1 
ATOM   1495 O  OE1 . GLU A 1 202 ? -23.865 20.406  1.690   1.00 38.40  ? 202 GLU A OE1 1 
ATOM   1496 O  OE2 . GLU A 1 202 ? -23.559 21.027  3.775   1.00 33.43  ? 202 GLU A OE2 1 
ATOM   1497 N  N   . ARG A 1 203 ? -27.094 17.291  1.770   1.00 37.82  ? 203 ARG A N   1 
ATOM   1498 C  CA  . ARG A 1 203 ? -27.796 16.163  1.169   1.00 36.15  ? 203 ARG A CA  1 
ATOM   1499 C  C   . ARG A 1 203 ? -27.192 14.821  1.581   1.00 34.68  ? 203 ARG A C   1 
ATOM   1500 O  O   . ARG A 1 203 ? -26.239 14.347  0.962   1.00 34.36  ? 203 ARG A O   1 
ATOM   1501 C  CB  . ARG A 1 203 ? -27.775 16.290  -0.356  1.00 38.92  ? 203 ARG A CB  1 
ATOM   1502 C  CG  . ARG A 1 203 ? -28.830 15.452  -1.050  1.00 46.67  ? 203 ARG A CG  1 
ATOM   1503 C  CD  . ARG A 1 203 ? -28.700 15.494  -2.565  1.00 52.54  ? 203 ARG A CD  1 
ATOM   1504 N  NE  . ARG A 1 203 ? -28.859 14.187  -3.220  1.00 58.96  ? 203 ARG A NE  1 
ATOM   1505 C  CZ  . ARG A 1 203 ? -29.318 13.075  -2.638  1.00 61.90  ? 203 ARG A CZ  1 
ATOM   1506 N  NH1 . ARG A 1 203 ? -29.686 13.063  -1.360  1.00 61.98  ? 203 ARG A NH1 1 
ATOM   1507 N  NH2 . ARG A 1 203 ? -29.407 11.953  -3.342  1.00 61.58  ? 203 ARG A NH2 1 
ATOM   1508 N  N   . VAL A 1 204 ? -27.763 14.203  2.613   1.00 32.30  ? 204 VAL A N   1 
ATOM   1509 C  CA  . VAL A 1 204 ? -27.162 13.023  3.226   1.00 31.96  ? 204 VAL A CA  1 
ATOM   1510 C  C   . VAL A 1 204 ? -27.584 11.735  2.524   1.00 32.16  ? 204 VAL A C   1 
ATOM   1511 O  O   . VAL A 1 204 ? -28.728 11.300  2.638   1.00 31.99  ? 204 VAL A O   1 
ATOM   1512 C  CB  . VAL A 1 204 ? -27.532 12.922  4.728   1.00 33.09  ? 204 VAL A CB  1 
ATOM   1513 C  CG1 . VAL A 1 204 ? -26.929 11.658  5.335   1.00 31.74  ? 204 VAL A CG1 1 
ATOM   1514 C  CG2 . VAL A 1 204 ? -27.024 14.155  5.473   1.00 29.17  ? 204 VAL A CG2 1 
ATOM   1515 N  N   . VAL A 1 205 ? -26.644 11.125  1.812   1.00 32.14  ? 205 VAL A N   1 
ATOM   1516 C  CA  . VAL A 1 205 ? -26.939 9.968   0.978   1.00 32.46  ? 205 VAL A CA  1 
ATOM   1517 C  C   . VAL A 1 205 ? -27.162 8.699   1.798   1.00 32.78  ? 205 VAL A C   1 
ATOM   1518 O  O   . VAL A 1 205 ? -28.174 8.014   1.625   1.00 33.38  ? 205 VAL A O   1 
ATOM   1519 C  CB  . VAL A 1 205 ? -25.806 9.721   -0.040  1.00 34.61  ? 205 VAL A CB  1 
ATOM   1520 C  CG1 . VAL A 1 205 ? -26.161 8.549   -0.935  1.00 36.46  ? 205 VAL A CG1 1 
ATOM   1521 C  CG2 . VAL A 1 205 ? -25.575 10.973  -0.874  1.00 29.72  ? 205 VAL A CG2 1 
ATOM   1522 N  N   . ASP A 1 206 ? -26.225 8.380   2.689   1.00 32.41  ? 206 ASP A N   1 
ATOM   1523 C  CA  . ASP A 1 206 ? -26.415 7.239   3.582   1.00 32.58  ? 206 ASP A CA  1 
ATOM   1524 C  C   . ASP A 1 206 ? -25.483 7.238   4.790   1.00 33.20  ? 206 ASP A C   1 
ATOM   1525 O  O   . ASP A 1 206 ? -24.504 7.978   4.835   1.00 33.92  ? 206 ASP A O   1 
ATOM   1526 C  CB  . ASP A 1 206 ? -26.239 5.929   2.814   1.00 36.26  ? 206 ASP A CB  1 
ATOM   1527 C  CG  . ASP A 1 206 ? -24.805 5.472   2.780   1.00 41.31  ? 206 ASP A CG  1 
ATOM   1528 O  OD1 . ASP A 1 206 ? -23.934 6.291   2.425   1.00 48.64  ? 206 ASP A OD1 1 
ATOM   1529 O  OD2 . ASP A 1 206 ? -24.548 4.298   3.118   1.00 45.96  ? 206 ASP A OD2 1 
ATOM   1530 N  N   . VAL A 1 207 ? -25.800 6.395   5.769   1.00 32.95  ? 207 VAL A N   1 
ATOM   1531 C  CA  . VAL A 1 207 ? -25.070 6.358   7.029   1.00 33.03  ? 207 VAL A CA  1 
ATOM   1532 C  C   . VAL A 1 207 ? -24.947 4.938   7.589   1.00 34.93  ? 207 VAL A C   1 
ATOM   1533 O  O   . VAL A 1 207 ? -25.948 4.238   7.784   1.00 34.82  ? 207 VAL A O   1 
ATOM   1534 C  CB  . VAL A 1 207 ? -25.762 7.231   8.088   1.00 32.07  ? 207 VAL A CB  1 
ATOM   1535 C  CG1 . VAL A 1 207 ? -24.996 7.160   9.403   1.00 30.77  ? 207 VAL A CG1 1 
ATOM   1536 C  CG2 . VAL A 1 207 ? -25.858 8.665   7.595   1.00 30.42  ? 207 VAL A CG2 1 
ATOM   1537 N  N   . ARG A 1 208 ? -23.716 4.520   7.857   1.00 34.96  ? 208 ARG A N   1 
ATOM   1538 C  CA  . ARG A 1 208 ? -23.487 3.275   8.571   1.00 35.61  ? 208 ARG A CA  1 
ATOM   1539 C  C   . ARG A 1 208 ? -22.351 3.418   9.575   1.00 35.42  ? 208 ARG A C   1 
ATOM   1540 O  O   . ARG A 1 208 ? -21.621 4.410   9.555   1.00 33.91  ? 208 ARG A O   1 
ATOM   1541 C  CB  . ARG A 1 208 ? -23.178 2.139   7.589   1.00 39.65  ? 208 ARG A CB  1 
ATOM   1542 C  CG  . ARG A 1 208 ? -22.192 2.487   6.503   1.00 39.05  ? 208 ARG A CG  1 
ATOM   1543 C  CD  . ARG A 1 208 ? -22.909 2.555   5.169   1.00 47.21  ? 208 ARG A CD  1 
ATOM   1544 N  NE  . ARG A 1 208 ? -22.596 1.412   4.320   1.00 52.03  ? 208 ARG A NE  1 
ATOM   1545 C  CZ  . ARG A 1 208 ? -23.131 0.203   4.452   1.00 54.81  ? 208 ARG A CZ  1 
ATOM   1546 N  NH1 . ARG A 1 208 ? -22.776 -0.768  3.622   1.00 54.05  ? 208 ARG A NH1 1 
ATOM   1547 N  NH2 . ARG A 1 208 ? -24.016 -0.035  5.411   1.00 61.36  ? 208 ARG A NH2 1 
ATOM   1548 N  N   . PRO A 1 209 ? -22.207 2.435   10.484  1.00 35.03  ? 209 PRO A N   1 
ATOM   1549 C  CA  . PRO A 1 209 ? -21.162 2.426   11.516  1.00 36.19  ? 209 PRO A CA  1 
ATOM   1550 C  C   . PRO A 1 209 ? -19.752 2.447   10.940  1.00 36.33  ? 209 PRO A C   1 
ATOM   1551 O  O   . PRO A 1 209 ? -19.461 1.764   9.956   1.00 36.98  ? 209 PRO A O   1 
ATOM   1552 C  CB  . PRO A 1 209 ? -21.436 1.140   12.296  1.00 35.37  ? 209 PRO A CB  1 
ATOM   1553 C  CG  . PRO A 1 209 ? -22.893 0.894   12.086  1.00 37.14  ? 209 PRO A CG  1 
ATOM   1554 C  CD  . PRO A 1 209 ? -23.152 1.321   10.672  1.00 34.75  ? 209 PRO A CD  1 
ATOM   1555 N  N   . GLY A 1 210 ? -18.881 3.238   11.556  1.00 36.63  ? 210 GLY A N   1 
ATOM   1556 C  CA  . GLY A 1 210 ? -17.493 3.279   11.141  1.00 37.94  ? 210 GLY A CA  1 
ATOM   1557 C  C   . GLY A 1 210 ? -16.893 1.893   10.999  1.00 38.30  ? 210 GLY A C   1 
ATOM   1558 O  O   . GLY A 1 210 ? -16.219 1.634   9.982   1.00 39.93  ? 210 GLY A O   1 
ATOM   1559 O  OXT . GLY A 1 210 ? -17.084 1.062   11.909  1.00 35.48  ? 210 GLY A OXT 1 
HETATM 1560 O  O   . HOH B 2 .   ? 4.603   -18.936 -4.016  1.00 39.59  ? 301 HOH A O   1 
HETATM 1561 O  O   . HOH B 2 .   ? 21.345  -25.927 -5.806  1.00 44.23  ? 302 HOH A O   1 
HETATM 1562 O  O   . HOH B 2 .   ? 19.148  -24.022 -7.594  1.00 23.36  ? 303 HOH A O   1 
HETATM 1563 O  O   . HOH B 2 .   ? 11.265  -17.547 -13.372 1.00 50.03  ? 304 HOH A O   1 
HETATM 1564 O  O   . HOH B 2 .   ? -9.069  -5.418  10.902  1.00 46.25  ? 305 HOH A O   1 
HETATM 1565 O  O   . HOH B 2 .   ? 10.054  -24.265 -12.188 1.00 20.69  ? 306 HOH A O   1 
HETATM 1566 O  O   . HOH B 2 .   ? -21.761 22.471  1.628   1.00 18.73  ? 307 HOH A O   1 
HETATM 1567 O  O   . HOH B 2 .   ? 2.254   7.294   -14.317 1.00 52.63  ? 308 HOH A O   1 
HETATM 1568 O  O   . HOH B 2 .   ? 17.491  -12.073 -14.975 1.00 33.18  ? 309 HOH A O   1 
HETATM 1569 O  O   . HOH B 2 .   ? -22.073 21.654  14.701  1.00 36.39  ? 310 HOH A O   1 
HETATM 1570 O  O   . HOH B 2 .   ? 16.380  3.195   -7.039  1.00 50.49  ? 311 HOH A O   1 
HETATM 1571 O  O   . HOH B 2 .   ? -16.517 10.690  -10.027 1.00 24.55  ? 312 HOH A O   1 
HETATM 1572 O  O   . HOH B 2 .   ? -30.233 14.776  3.360   1.00 34.65  ? 313 HOH A O   1 
HETATM 1573 O  O   . HOH B 2 .   ? -15.768 15.080  19.427  1.00 32.10  ? 314 HOH A O   1 
HETATM 1574 O  O   . HOH B 2 .   ? -16.818 18.776  24.183  1.00 68.12  ? 315 HOH A O   1 
HETATM 1575 O  O   . HOH B 2 .   ? -14.377 1.149   12.321  1.00 27.99  ? 316 HOH A O   1 
HETATM 1576 O  O   . HOH B 2 .   ? 21.903  0.142   -4.874  1.00 37.30  ? 317 HOH A O   1 
HETATM 1577 O  O   . HOH B 2 .   ? 26.502  -6.442  -1.912  1.00 41.57  ? 318 HOH A O   1 
HETATM 1578 O  O   . HOH B 2 .   ? -16.029 22.663  -1.117  1.00 22.81  ? 319 HOH A O   1 
HETATM 1579 O  O   . HOH B 2 .   ? 21.867  6.911   1.621   1.00 38.03  ? 320 HOH A O   1 
HETATM 1580 O  O   . HOH B 2 .   ? -14.310 5.354   11.041  1.00 31.32  ? 321 HOH A O   1 
HETATM 1581 O  O   . HOH B 2 .   ? 16.748  -0.758  -9.902  1.00 61.78  ? 322 HOH A O   1 
HETATM 1582 O  O   . HOH B 2 .   ? -8.086  3.212   11.908  1.00 31.42  ? 323 HOH A O   1 
HETATM 1583 O  O   . HOH B 2 .   ? 25.207  -16.750 -12.318 1.00 53.65  ? 324 HOH A O   1 
HETATM 1584 O  O   . HOH B 2 .   ? 7.362   -5.515  4.365   1.00 44.73  ? 325 HOH A O   1 
HETATM 1585 O  O   . HOH B 2 .   ? -22.220 5.513   4.450   1.00 34.90  ? 326 HOH A O   1 
HETATM 1586 O  O   . HOH B 2 .   ? -18.440 0.829   7.482   1.00 27.73  ? 327 HOH A O   1 
HETATM 1587 O  O   . HOH B 2 .   ? -15.159 18.218  13.325  1.00 42.87  ? 328 HOH A O   1 
HETATM 1588 O  O   . HOH B 2 .   ? -17.303 21.406  -3.484  1.00 37.76  ? 329 HOH A O   1 
HETATM 1589 O  O   . HOH B 2 .   ? 4.725   -9.250  -6.636  1.00 33.80  ? 330 HOH A O   1 
HETATM 1590 O  O   . HOH B 2 .   ? 9.884   -3.743  -7.226  1.00 30.97  ? 331 HOH A O   1 
HETATM 1591 O  O   . HOH B 2 .   ? -17.795 28.250  3.522   1.00 29.77  ? 332 HOH A O   1 
HETATM 1592 O  O   . HOH B 2 .   ? -13.420 6.063   4.311   1.00 29.03  ? 333 HOH A O   1 
HETATM 1593 O  O   . HOH B 2 .   ? -13.362 8.660   4.577   1.00 16.18  ? 334 HOH A O   1 
HETATM 1594 O  O   . HOH B 2 .   ? -14.137 20.856  -2.954  1.00 32.46  ? 335 HOH A O   1 
HETATM 1595 O  O   . HOH B 2 .   ? 16.238  5.940   -4.026  1.00 56.31  ? 336 HOH A O   1 
HETATM 1596 O  O   . HOH B 2 .   ? -25.042 22.907  -6.974  1.00 28.30  ? 337 HOH A O   1 
HETATM 1597 O  O   . HOH B 2 .   ? 18.524  -38.004 -17.070 1.00 36.99  ? 338 HOH A O   1 
HETATM 1598 O  O   . HOH B 2 .   ? 5.746   -14.427 -4.855  1.00 26.39  ? 339 HOH A O   1 
HETATM 1599 O  O   . HOH B 2 .   ? 20.245  -11.435 4.298   1.00 48.67  ? 340 HOH A O   1 
HETATM 1600 O  O   . HOH B 2 .   ? 22.751  -0.868  -0.585  1.00 38.48  ? 341 HOH A O   1 
HETATM 1601 O  O   . HOH B 2 .   ? -18.330 3.622   17.704  1.00 24.14  ? 342 HOH A O   1 
HETATM 1602 O  O   . HOH B 2 .   ? 13.585  -25.084 -2.226  1.00 48.19  ? 343 HOH A O   1 
HETATM 1603 O  O   . HOH B 2 .   ? 1.942   -8.219  1.325   1.00 47.38  ? 344 HOH A O   1 
HETATM 1604 O  O   . HOH B 2 .   ? -18.097 17.591  -9.863  1.00 30.10  ? 345 HOH A O   1 
HETATM 1605 O  O   . HOH B 2 .   ? -21.570 6.597   -5.923  1.00 32.00  ? 346 HOH A O   1 
HETATM 1606 O  O   . HOH B 2 .   ? -5.348  8.362   12.865  1.00 43.47  ? 347 HOH A O   1 
HETATM 1607 O  O   . HOH B 2 .   ? -15.541 20.782  -8.769  1.00 56.69  ? 348 HOH A O   1 
HETATM 1608 O  O   . HOH B 2 .   ? 7.915   -9.464  1.111   1.00 22.83  ? 349 HOH A O   1 
HETATM 1609 O  O   . HOH B 2 .   ? 10.683  -4.927  -9.881  1.00 34.43  ? 350 HOH A O   1 
HETATM 1610 O  O   . HOH B 2 .   ? -14.230 18.789  -6.871  1.00 40.18  ? 351 HOH A O   1 
HETATM 1611 O  O   . HOH B 2 .   ? -23.108 24.590  0.861   1.00 29.51  ? 352 HOH A O   1 
HETATM 1612 O  O   . HOH B 2 .   ? -15.167 21.750  -11.804 1.00 31.89  ? 353 HOH A O   1 
# 
